data_5UYY
#
_entry.id   5UYY
#
_cell.length_a   84.682
_cell.length_b   105.588
_cell.length_c   179.625
_cell.angle_alpha   90.000
_cell.angle_beta   90.000
_cell.angle_gamma   90.000
#
_symmetry.space_group_name_H-M   'P 21 21 21'
#
loop_
_entity.id
_entity.type
_entity.pdbx_description
1 polymer 'Prephenate dehydrogenase'
2 non-polymer TYROSINE
3 water water
#
_entity_poly.entity_id   1
_entity_poly.type   'polypeptide(L)'
_entity_poly.pdbx_seq_one_letter_code
;SNAMKIKKESLEMRQMRKKVVLIGTGLIGGSLALAIKKDHDVTITGYDIFQEQVERAKELHVVDEIAVDLQHACEEAHLI
VFASPVEETKKLLHKLASFHLREDVIVTDVGSTKGSIMNEAEALFSKEISFIGGHPMAGSHKTGVESAKAHLFENAFYIL
TPMHHVPNEHVEELKDWLKGTGSHFLVLNTEEHDYVTGIVSHFPHLIAAGLVKQVEKHAGDNPLIHQLAAGGFKDITRIA
SSSPKMWSDIVKQNREHLMVLLKEWISEMEDLYDTVSSGDAGEIQNYFADAKEYRDSLPVRKRGAIPAYHDLYVDVLDKV
GALAHVTSILAREEISITNLQILEAREGLLGVLRISFQREEDRMKAKLALGEEKYQTYETI
;
_entity_poly.pdbx_strand_id   A,B,C,D
#
# COMPACT_ATOMS: atom_id res chain seq x y z
N GLU A 9 -42.37 11.38 -42.17
CA GLU A 9 -41.07 10.74 -41.77
C GLU A 9 -41.01 10.36 -40.28
N SER A 10 -41.50 11.22 -39.40
CA SER A 10 -41.59 10.86 -37.97
C SER A 10 -42.98 10.24 -37.69
N LEU A 11 -42.95 9.25 -36.81
CA LEU A 11 -44.13 8.50 -36.44
C LEU A 11 -45.09 9.33 -35.61
N GLU A 12 -46.38 9.22 -35.87
CA GLU A 12 -47.38 10.01 -35.18
C GLU A 12 -47.31 9.79 -33.69
N MET A 13 -47.06 8.57 -33.25
CA MET A 13 -46.94 8.27 -31.81
C MET A 13 -45.74 8.95 -31.13
N ARG A 14 -44.59 9.04 -31.82
CA ARG A 14 -43.41 9.73 -31.30
C ARG A 14 -43.65 11.24 -31.20
N GLN A 15 -44.25 11.83 -32.22
CA GLN A 15 -44.65 13.25 -32.20
C GLN A 15 -45.57 13.66 -31.06
N MET A 16 -46.34 12.70 -30.61
CA MET A 16 -47.47 12.99 -29.78
C MET A 16 -47.28 12.60 -28.29
N ARG A 17 -46.24 11.78 -28.04
CA ARG A 17 -45.95 11.36 -26.68
C ARG A 17 -45.50 12.60 -25.91
N LYS A 18 -45.67 12.44 -24.60
CA LYS A 18 -45.29 13.42 -23.64
C LYS A 18 -43.80 13.71 -23.68
N LYS A 19 -43.52 14.90 -23.16
CA LYS A 19 -42.24 15.60 -23.28
C LYS A 19 -41.71 16.04 -21.92
N VAL A 20 -40.45 15.75 -21.70
CA VAL A 20 -39.78 16.03 -20.45
C VAL A 20 -38.58 16.87 -20.75
N VAL A 21 -38.33 17.82 -19.87
CA VAL A 21 -37.08 18.58 -19.91
C VAL A 21 -36.24 18.29 -18.69
N LEU A 22 -34.98 17.99 -18.93
CA LEU A 22 -33.99 17.74 -17.86
C LEU A 22 -32.92 18.79 -17.92
N ILE A 23 -32.76 19.50 -16.82
CA ILE A 23 -31.82 20.63 -16.70
C ILE A 23 -30.73 20.20 -15.77
N GLY A 24 -29.59 19.84 -16.34
CA GLY A 24 -28.50 19.23 -15.61
C GLY A 24 -28.46 17.74 -15.96
N THR A 25 -27.55 17.34 -16.83
CA THR A 25 -27.52 15.98 -17.33
C THR A 25 -26.24 15.31 -16.90
N GLY A 26 -26.19 15.09 -15.59
CA GLY A 26 -25.12 14.36 -14.98
C GLY A 26 -25.57 13.04 -14.39
N LEU A 27 -24.82 12.56 -13.43
CA LEU A 27 -25.12 11.32 -12.73
C LEU A 27 -26.54 11.30 -12.21
N ILE A 28 -26.87 12.28 -11.37
CA ILE A 28 -28.20 12.39 -10.75
C ILE A 28 -29.29 12.58 -11.79
N GLY A 29 -29.11 13.54 -12.64
CA GLY A 29 -30.14 13.93 -13.61
C GLY A 29 -30.34 12.88 -14.66
N GLY A 30 -29.22 12.41 -15.19
CA GLY A 30 -29.23 11.30 -16.16
C GLY A 30 -29.92 10.07 -15.58
N SER A 31 -29.60 9.73 -14.34
CA SER A 31 -30.21 8.62 -13.69
C SER A 31 -31.73 8.81 -13.60
N LEU A 32 -32.17 10.01 -13.31
CA LEU A 32 -33.58 10.27 -13.18
C LEU A 32 -34.26 10.12 -14.57
N ALA A 33 -33.58 10.56 -15.62
CA ALA A 33 -34.07 10.43 -16.98
C ALA A 33 -34.25 8.95 -17.36
N LEU A 34 -33.29 8.11 -17.00
CA LEU A 34 -33.40 6.67 -17.27
C LEU A 34 -34.56 6.05 -16.49
N ALA A 35 -34.79 6.47 -15.26
CA ALA A 35 -35.89 5.96 -14.45
C ALA A 35 -37.25 6.40 -14.96
N ILE A 36 -37.26 7.56 -15.59
CA ILE A 36 -38.46 8.06 -16.23
C ILE A 36 -38.80 7.23 -17.52
N LYS A 37 -37.79 7.06 -18.36
CA LYS A 37 -37.88 6.30 -19.63
C LYS A 37 -38.26 4.84 -19.42
N LYS A 38 -37.81 4.28 -18.33
CA LYS A 38 -38.11 2.92 -17.97
C LYS A 38 -39.63 2.62 -17.87
N ASP A 39 -40.41 3.60 -17.44
CA ASP A 39 -41.85 3.44 -17.23
C ASP A 39 -42.74 4.42 -18.03
N HIS A 40 -42.14 5.22 -18.88
CA HIS A 40 -42.93 6.17 -19.68
C HIS A 40 -42.25 6.35 -21.05
N ASP A 41 -43.09 6.36 -22.09
CA ASP A 41 -42.61 6.58 -23.43
C ASP A 41 -42.66 8.12 -23.62
N VAL A 42 -41.49 8.74 -23.61
CA VAL A 42 -41.37 10.17 -23.61
C VAL A 42 -40.17 10.64 -24.38
N THR A 43 -40.25 11.87 -24.84
CA THR A 43 -39.14 12.56 -25.47
C THR A 43 -38.51 13.41 -24.37
N ILE A 44 -37.31 13.04 -23.99
CA ILE A 44 -36.58 13.78 -22.98
C ILE A 44 -35.63 14.69 -23.73
N THR A 45 -35.84 15.99 -23.56
CA THR A 45 -34.89 16.93 -24.10
C THR A 45 -34.01 17.44 -22.93
N GLY A 46 -32.70 17.42 -23.15
CA GLY A 46 -31.72 17.70 -22.11
C GLY A 46 -30.97 19.02 -22.29
N TYR A 47 -30.49 19.54 -21.17
CA TYR A 47 -29.77 20.84 -21.14
C TYR A 47 -28.68 20.74 -20.07
N ASP A 48 -27.50 21.26 -20.38
CA ASP A 48 -26.40 21.33 -19.41
C ASP A 48 -25.57 22.61 -19.59
N ILE A 49 -24.83 22.98 -18.55
CA ILE A 49 -23.85 24.05 -18.71
C ILE A 49 -22.71 23.53 -19.58
N PHE A 50 -22.27 22.31 -19.34
CA PHE A 50 -21.20 21.68 -20.14
C PHE A 50 -21.78 20.91 -21.33
N GLN A 51 -21.57 21.42 -22.54
CA GLN A 51 -22.09 20.80 -23.77
C GLN A 51 -21.64 19.34 -24.01
N GLU A 52 -20.46 18.95 -23.53
CA GLU A 52 -20.01 17.53 -23.66
C GLU A 52 -20.93 16.54 -22.90
N GLN A 53 -21.38 16.89 -21.69
CA GLN A 53 -22.29 15.99 -20.92
C GLN A 53 -23.65 15.76 -21.59
N VAL A 54 -24.27 16.80 -22.19
CA VAL A 54 -25.54 16.59 -22.91
C VAL A 54 -25.35 15.77 -24.14
N GLU A 55 -24.21 15.95 -24.81
CA GLU A 55 -23.99 15.23 -26.07
C GLU A 55 -23.74 13.77 -25.78
N ARG A 56 -22.99 13.51 -24.72
CA ARG A 56 -22.75 12.15 -24.27
C ARG A 56 -24.04 11.48 -23.80
N ALA A 57 -24.87 12.27 -23.12
CA ALA A 57 -26.17 11.79 -22.66
C ALA A 57 -26.99 11.34 -23.86
N LYS A 58 -26.99 12.18 -24.90
CA LYS A 58 -27.68 11.85 -26.15
C LYS A 58 -27.14 10.56 -26.78
N GLU A 59 -25.83 10.51 -26.99
CA GLU A 59 -25.15 9.29 -27.48
C GLU A 59 -25.60 8.03 -26.71
N LEU A 60 -25.70 8.14 -25.38
CA LEU A 60 -26.07 7.01 -24.49
C LEU A 60 -27.57 6.79 -24.34
N HIS A 61 -28.38 7.48 -25.14
CA HIS A 61 -29.85 7.39 -25.10
C HIS A 61 -30.37 7.67 -23.67
N VAL A 62 -29.70 8.57 -22.97
CA VAL A 62 -30.15 9.07 -21.65
C VAL A 62 -31.13 10.19 -21.88
N VAL A 63 -30.79 11.05 -22.83
CA VAL A 63 -31.75 11.98 -23.40
C VAL A 63 -31.94 11.67 -24.88
N ASP A 64 -33.05 12.15 -25.40
CA ASP A 64 -33.43 11.95 -26.77
C ASP A 64 -32.93 13.06 -27.65
N GLU A 65 -33.07 14.29 -27.14
CA GLU A 65 -32.67 15.51 -27.86
C GLU A 65 -31.82 16.43 -27.00
N ILE A 66 -30.94 17.16 -27.66
CA ILE A 66 -30.19 18.27 -27.04
C ILE A 66 -30.96 19.56 -27.30
N ALA A 67 -31.26 20.30 -26.23
CA ALA A 67 -32.12 21.52 -26.31
C ALA A 67 -31.45 22.63 -27.08
N VAL A 68 -32.02 22.96 -28.24
CA VAL A 68 -31.59 24.15 -29.02
C VAL A 68 -32.01 25.40 -28.21
N ASP A 69 -33.32 25.52 -27.99
CA ASP A 69 -33.97 26.71 -27.40
C ASP A 69 -34.59 26.25 -26.07
N LEU A 70 -34.05 26.74 -24.96
CA LEU A 70 -34.51 26.36 -23.61
C LEU A 70 -36.00 26.63 -23.37
N GLN A 71 -36.43 27.83 -23.74
CA GLN A 71 -37.84 28.25 -23.61
C GLN A 71 -38.81 27.39 -24.41
N HIS A 72 -38.48 27.08 -25.65
CA HIS A 72 -39.37 26.25 -26.48
C HIS A 72 -39.62 24.88 -25.84
N ALA A 73 -38.51 24.22 -25.48
CA ALA A 73 -38.56 22.97 -24.79
C ALA A 73 -39.38 23.04 -23.50
N CYS A 74 -39.18 24.07 -22.69
CA CYS A 74 -39.92 24.18 -21.41
C CYS A 74 -41.44 24.41 -21.60
N GLU A 75 -41.79 25.18 -22.61
CA GLU A 75 -43.21 25.57 -22.81
C GLU A 75 -44.09 24.45 -23.32
N GLU A 76 -43.48 23.53 -24.06
CA GLU A 76 -44.15 22.29 -24.52
C GLU A 76 -44.06 21.07 -23.53
N ALA A 77 -43.32 21.21 -22.43
CA ALA A 77 -43.04 20.11 -21.49
C ALA A 77 -44.17 19.77 -20.50
N HIS A 78 -44.41 18.45 -20.32
CA HIS A 78 -45.33 17.99 -19.28
C HIS A 78 -44.61 17.91 -17.95
N LEU A 79 -43.31 17.70 -17.99
CA LEU A 79 -42.50 17.58 -16.80
C LEU A 79 -41.20 18.25 -17.02
N ILE A 80 -40.82 19.09 -16.05
CA ILE A 80 -39.50 19.75 -16.03
C ILE A 80 -38.72 19.37 -14.77
N VAL A 81 -37.54 18.82 -14.95
CA VAL A 81 -36.67 18.34 -13.82
C VAL A 81 -35.36 19.12 -13.74
N PHE A 82 -35.12 19.78 -12.62
CA PHE A 82 -33.84 20.46 -12.40
C PHE A 82 -32.93 19.48 -11.67
N ALA A 83 -31.73 19.27 -12.20
CA ALA A 83 -30.66 18.53 -11.52
C ALA A 83 -29.35 19.30 -11.56
N SER A 84 -29.45 20.55 -11.11
CA SER A 84 -28.37 21.54 -11.19
C SER A 84 -27.95 22.02 -9.79
N PRO A 85 -26.78 22.67 -9.66
CA PRO A 85 -26.44 23.29 -8.37
C PRO A 85 -27.41 24.41 -8.01
N VAL A 86 -27.69 24.58 -6.73
CA VAL A 86 -28.83 25.43 -6.26
C VAL A 86 -28.73 26.92 -6.69
N GLU A 87 -27.52 27.45 -6.90
CA GLU A 87 -27.39 28.86 -7.44
C GLU A 87 -27.98 28.84 -8.85
N GLU A 88 -27.46 27.95 -9.71
CA GLU A 88 -27.90 27.86 -11.09
C GLU A 88 -29.41 27.61 -11.19
N THR A 89 -29.92 26.82 -10.26
CA THR A 89 -31.34 26.46 -10.20
C THR A 89 -32.21 27.67 -9.92
N LYS A 90 -31.80 28.50 -8.97
CA LYS A 90 -32.49 29.77 -8.73
C LYS A 90 -32.54 30.58 -10.04
N LYS A 91 -31.38 30.76 -10.67
CA LYS A 91 -31.25 31.60 -11.91
C LYS A 91 -32.21 31.07 -12.99
N LEU A 92 -32.31 29.76 -13.11
CA LEU A 92 -33.14 29.14 -14.18
C LEU A 92 -34.64 29.10 -13.86
N LEU A 93 -34.96 29.04 -12.57
CA LEU A 93 -36.36 29.14 -12.09
C LEU A 93 -36.97 30.51 -12.40
N HIS A 94 -36.15 31.55 -12.21
CA HIS A 94 -36.48 32.90 -12.64
C HIS A 94 -36.84 32.95 -14.12
N LYS A 95 -36.00 32.33 -14.96
CA LYS A 95 -36.22 32.29 -16.41
C LYS A 95 -37.55 31.61 -16.73
N LEU A 96 -37.73 30.44 -16.10
CA LEU A 96 -38.98 29.64 -16.18
C LEU A 96 -40.25 30.44 -15.84
N ALA A 97 -40.15 31.26 -14.80
CA ALA A 97 -41.28 32.11 -14.35
C ALA A 97 -41.65 33.15 -15.40
N SER A 98 -40.70 33.46 -16.30
CA SER A 98 -40.97 34.36 -17.46
C SER A 98 -41.67 33.68 -18.63
N PHE A 99 -41.65 32.35 -18.65
CA PHE A 99 -42.16 31.54 -19.78
C PHE A 99 -43.66 31.31 -19.69
N HIS A 100 -44.23 30.89 -20.82
CA HIS A 100 -45.65 30.46 -20.94
C HIS A 100 -45.76 28.93 -20.99
N LEU A 101 -45.83 28.34 -19.79
CA LEU A 101 -45.80 26.88 -19.60
C LEU A 101 -47.20 26.27 -19.66
N ARG A 102 -47.28 24.99 -19.93
CA ARG A 102 -48.55 24.30 -19.97
C ARG A 102 -49.31 24.31 -18.64
N GLU A 103 -50.64 24.23 -18.73
CA GLU A 103 -51.53 24.26 -17.53
C GLU A 103 -51.28 23.10 -16.55
N ASP A 104 -50.90 21.95 -17.09
CA ASP A 104 -50.76 20.67 -16.34
C ASP A 104 -49.31 20.29 -15.93
N VAL A 105 -48.39 21.23 -16.14
CA VAL A 105 -46.95 20.92 -16.00
C VAL A 105 -46.62 20.61 -14.56
N ILE A 106 -45.62 19.77 -14.40
CA ILE A 106 -45.02 19.56 -13.08
C ILE A 106 -43.56 19.90 -13.20
N VAL A 107 -43.08 20.65 -12.20
CA VAL A 107 -41.69 21.09 -12.13
C VAL A 107 -41.13 20.58 -10.83
N THR A 108 -39.88 20.13 -10.89
CA THR A 108 -39.25 19.56 -9.72
C THR A 108 -37.76 19.77 -9.76
N ASP A 109 -37.11 19.69 -8.59
CA ASP A 109 -35.67 19.86 -8.47
C ASP A 109 -35.03 18.81 -7.60
N VAL A 110 -33.71 18.87 -7.56
CA VAL A 110 -32.91 18.01 -6.71
C VAL A 110 -31.99 18.92 -5.91
N GLY A 111 -31.98 18.79 -4.58
CA GLY A 111 -31.08 19.57 -3.75
C GLY A 111 -31.06 19.05 -2.33
N SER A 112 -29.96 19.27 -1.59
CA SER A 112 -29.82 18.76 -0.23
C SER A 112 -30.55 19.61 0.81
N THR A 113 -30.68 20.92 0.53
CA THR A 113 -31.52 21.81 1.34
C THR A 113 -32.64 22.28 0.44
N LYS A 114 -33.76 22.58 1.10
CA LYS A 114 -35.03 22.93 0.40
C LYS A 114 -35.51 24.37 0.71
N GLY A 115 -35.15 24.92 1.86
CA GLY A 115 -35.68 26.22 2.33
C GLY A 115 -35.57 27.36 1.33
N SER A 116 -34.37 27.55 0.82
CA SER A 116 -34.13 28.68 -0.07
C SER A 116 -34.80 28.48 -1.45
N ILE A 117 -34.77 27.26 -1.96
CA ILE A 117 -35.35 27.01 -3.26
C ILE A 117 -36.84 27.27 -3.18
N MET A 118 -37.44 26.80 -2.09
CA MET A 118 -38.92 26.79 -1.96
C MET A 118 -39.39 28.20 -1.74
N ASN A 119 -38.68 28.90 -0.86
CA ASN A 119 -38.80 30.38 -0.65
C ASN A 119 -38.75 31.26 -1.94
N GLU A 120 -37.81 30.96 -2.81
CA GLU A 120 -37.78 31.48 -4.19
C GLU A 120 -39.01 31.10 -5.08
N ALA A 121 -39.40 29.82 -5.08
CA ALA A 121 -40.53 29.36 -5.90
C ALA A 121 -41.90 29.93 -5.47
N GLU A 122 -42.15 30.01 -4.17
CA GLU A 122 -43.38 30.69 -3.69
C GLU A 122 -43.42 32.13 -4.12
N ALA A 123 -42.22 32.74 -4.16
CA ALA A 123 -42.09 34.15 -4.52
C ALA A 123 -42.28 34.43 -6.01
N LEU A 124 -41.96 33.45 -6.86
CA LEU A 124 -42.08 33.60 -8.34
C LEU A 124 -43.31 33.03 -8.97
N PHE A 125 -43.91 32.02 -8.37
CA PHE A 125 -45.14 31.38 -8.93
C PHE A 125 -46.41 31.52 -8.07
N SER A 126 -46.23 31.54 -6.73
CA SER A 126 -47.33 31.61 -5.76
C SER A 126 -48.17 30.34 -5.97
N LYS A 127 -49.37 30.47 -6.59
CA LYS A 127 -50.29 29.36 -6.92
C LYS A 127 -50.56 29.05 -8.44
N GLU A 128 -49.81 29.64 -9.36
CA GLU A 128 -49.94 29.30 -10.81
C GLU A 128 -49.53 27.85 -11.15
N ILE A 129 -48.37 27.46 -10.67
CA ILE A 129 -47.60 26.37 -11.23
C ILE A 129 -47.33 25.36 -10.11
N SER A 130 -47.27 24.08 -10.48
CA SER A 130 -47.04 23.00 -9.52
C SER A 130 -45.55 22.69 -9.44
N PHE A 131 -44.84 23.44 -8.59
CA PHE A 131 -43.43 23.16 -8.20
C PHE A 131 -43.36 22.30 -6.95
N ILE A 132 -42.60 21.22 -7.07
CA ILE A 132 -42.46 20.28 -5.98
C ILE A 132 -40.97 20.06 -5.81
N GLY A 133 -40.44 20.63 -4.74
CA GLY A 133 -39.06 20.38 -4.40
C GLY A 133 -38.83 18.90 -4.19
N GLY A 134 -37.62 18.46 -4.55
CA GLY A 134 -37.19 17.12 -4.32
C GLY A 134 -35.80 16.96 -3.74
N HIS A 135 -35.60 15.86 -3.03
CA HIS A 135 -34.29 15.48 -2.52
C HIS A 135 -34.09 13.96 -2.53
N PRO A 136 -33.45 13.42 -3.59
CA PRO A 136 -33.15 11.99 -3.62
C PRO A 136 -31.94 11.72 -2.76
N MET A 137 -32.07 10.80 -1.81
CA MET A 137 -30.98 10.50 -0.92
C MET A 137 -30.05 9.36 -1.39
N ALA A 138 -29.39 9.62 -2.51
CA ALA A 138 -28.47 8.70 -3.10
C ALA A 138 -27.62 9.41 -4.17
N GLY A 139 -26.50 8.82 -4.50
CA GLY A 139 -25.60 9.41 -5.52
C GLY A 139 -24.84 10.66 -5.16
N SER A 140 -24.30 11.31 -6.18
CA SER A 140 -23.26 12.40 -6.09
C SER A 140 -23.49 13.53 -7.09
N HIS A 141 -23.02 14.71 -6.72
CA HIS A 141 -23.40 15.94 -7.39
C HIS A 141 -22.57 16.35 -8.62
N LYS A 142 -21.35 15.83 -8.77
CA LYS A 142 -20.44 16.32 -9.84
C LYS A 142 -20.07 15.22 -10.84
N THR A 143 -20.47 14.01 -10.53
CA THR A 143 -19.95 12.86 -11.26
C THR A 143 -20.69 12.74 -12.56
N GLY A 144 -20.09 12.09 -13.57
CA GLY A 144 -20.65 12.09 -14.92
C GLY A 144 -21.89 11.28 -15.29
N VAL A 145 -22.39 11.57 -16.48
CA VAL A 145 -23.54 10.87 -17.05
C VAL A 145 -23.18 9.45 -17.48
N GLU A 146 -21.92 9.17 -17.75
CA GLU A 146 -21.49 7.75 -18.03
C GLU A 146 -21.88 6.74 -16.93
N SER A 147 -21.93 7.22 -15.70
CA SER A 147 -22.27 6.40 -14.53
C SER A 147 -23.78 6.31 -14.23
N ALA A 148 -24.60 7.05 -14.97
CA ALA A 148 -26.03 7.15 -14.64
C ALA A 148 -26.66 5.80 -14.85
N LYS A 149 -27.61 5.46 -13.98
CA LYS A 149 -28.30 4.17 -13.96
C LYS A 149 -29.72 4.44 -13.48
N ALA A 150 -30.67 3.70 -14.04
CA ALA A 150 -32.08 3.88 -13.66
C ALA A 150 -32.36 3.54 -12.20
N HIS A 151 -31.62 2.55 -11.69
CA HIS A 151 -31.77 2.10 -10.30
C HIS A 151 -30.94 2.83 -9.25
N LEU A 152 -30.33 3.94 -9.60
CA LEU A 152 -29.46 4.69 -8.64
C LEU A 152 -30.10 5.04 -7.33
N PHE A 153 -31.39 5.38 -7.38
CA PHE A 153 -32.19 5.74 -6.20
C PHE A 153 -33.13 4.66 -5.68
N GLU A 154 -32.93 3.40 -6.09
CA GLU A 154 -33.76 2.29 -5.67
C GLU A 154 -33.73 2.02 -4.17
N ASN A 155 -34.90 1.96 -3.57
CA ASN A 155 -35.08 1.84 -2.13
C ASN A 155 -34.39 2.96 -1.31
N ALA A 156 -34.06 4.06 -1.97
CA ALA A 156 -33.57 5.23 -1.26
C ALA A 156 -34.76 6.10 -0.93
N PHE A 157 -34.69 6.75 0.22
CA PHE A 157 -35.58 7.87 0.49
C PHE A 157 -35.42 8.98 -0.55
N TYR A 158 -36.55 9.47 -1.01
CA TYR A 158 -36.62 10.56 -1.95
C TYR A 158 -37.67 11.52 -1.37
N ILE A 159 -37.20 12.66 -0.85
CA ILE A 159 -38.09 13.59 -0.17
C ILE A 159 -38.73 14.49 -1.21
N LEU A 160 -40.04 14.68 -1.09
CA LEU A 160 -40.76 15.67 -1.90
C LEU A 160 -41.34 16.78 -0.99
N THR A 161 -41.08 18.02 -1.39
CA THR A 161 -41.55 19.22 -0.65
C THR A 161 -42.40 20.08 -1.58
N PRO A 162 -43.73 19.86 -1.57
CA PRO A 162 -44.58 20.62 -2.47
C PRO A 162 -44.87 21.98 -1.95
N MET A 163 -45.09 22.90 -2.87
CA MET A 163 -45.61 24.20 -2.51
C MET A 163 -46.91 24.02 -1.74
N HIS A 164 -47.23 25.05 -0.98
CA HIS A 164 -48.36 25.06 -0.03
C HIS A 164 -49.68 24.72 -0.68
N HIS A 165 -49.83 25.19 -1.92
CA HIS A 165 -51.10 25.07 -2.66
C HIS A 165 -51.28 23.79 -3.52
N VAL A 166 -50.18 23.08 -3.75
CA VAL A 166 -50.16 22.03 -4.77
C VAL A 166 -51.14 20.94 -4.33
N PRO A 167 -52.07 20.53 -5.21
CA PRO A 167 -53.00 19.47 -4.75
C PRO A 167 -52.31 18.12 -4.60
N ASN A 168 -52.85 17.26 -3.73
CA ASN A 168 -52.31 15.91 -3.54
C ASN A 168 -52.24 15.08 -4.84
N GLU A 169 -53.15 15.35 -5.77
CA GLU A 169 -53.17 14.67 -7.08
C GLU A 169 -51.92 14.96 -7.90
N HIS A 170 -51.35 16.15 -7.80
CA HIS A 170 -50.12 16.50 -8.57
C HIS A 170 -48.89 15.84 -7.96
N VAL A 171 -48.93 15.65 -6.65
CA VAL A 171 -47.85 14.99 -5.94
C VAL A 171 -47.83 13.51 -6.30
N GLU A 172 -49.00 12.90 -6.34
CA GLU A 172 -49.16 11.52 -6.81
C GLU A 172 -48.73 11.36 -8.26
N GLU A 173 -49.05 12.36 -9.07
CA GLU A 173 -48.64 12.38 -10.47
C GLU A 173 -47.15 12.38 -10.69
N LEU A 174 -46.43 13.12 -9.86
CA LEU A 174 -44.97 13.15 -9.88
C LEU A 174 -44.39 11.86 -9.38
N LYS A 175 -44.97 11.28 -8.36
CA LYS A 175 -44.59 9.96 -7.94
C LYS A 175 -44.71 8.94 -9.09
N ASP A 176 -45.78 9.04 -9.88
CA ASP A 176 -45.97 8.18 -11.04
C ASP A 176 -44.90 8.43 -12.09
N TRP A 177 -44.59 9.69 -12.39
CA TRP A 177 -43.44 10.03 -13.31
C TRP A 177 -42.12 9.36 -12.93
N LEU A 178 -41.91 9.22 -11.64
CA LEU A 178 -40.63 8.72 -11.07
C LEU A 178 -40.71 7.30 -10.51
N LYS A 179 -41.82 6.65 -10.80
CA LYS A 179 -42.13 5.25 -10.43
C LYS A 179 -40.95 4.32 -10.66
N GLY A 180 -40.30 4.53 -11.81
CA GLY A 180 -39.12 3.79 -12.23
C GLY A 180 -37.89 3.82 -11.36
N THR A 181 -37.77 4.84 -10.51
CA THR A 181 -36.68 4.98 -9.53
C THR A 181 -36.68 3.92 -8.47
N GLY A 182 -37.87 3.41 -8.14
CA GLY A 182 -38.02 2.46 -7.02
C GLY A 182 -37.74 3.11 -5.66
N SER A 183 -37.72 4.45 -5.59
CA SER A 183 -37.44 5.15 -4.34
C SER A 183 -38.62 5.09 -3.38
N HIS A 184 -38.37 5.21 -2.07
CA HIS A 184 -39.43 5.42 -1.12
C HIS A 184 -39.68 6.94 -0.95
N PHE A 185 -40.76 7.42 -1.51
CA PHE A 185 -41.12 8.80 -1.46
C PHE A 185 -41.71 9.20 -0.12
N LEU A 186 -41.24 10.31 0.44
CA LEU A 186 -41.85 10.91 1.63
C LEU A 186 -42.18 12.33 1.30
N VAL A 187 -43.37 12.75 1.68
CA VAL A 187 -43.81 14.13 1.43
C VAL A 187 -43.64 14.88 2.74
N LEU A 188 -42.76 15.86 2.71
CA LEU A 188 -42.48 16.69 3.91
C LEU A 188 -42.74 18.15 3.63
N ASN A 189 -42.99 18.91 4.70
CA ASN A 189 -42.94 20.36 4.57
C ASN A 189 -41.48 20.79 4.62
N THR A 190 -41.21 21.88 3.94
CA THR A 190 -39.86 22.43 3.77
C THR A 190 -39.05 22.65 5.07
N GLU A 191 -39.70 23.19 6.09
CA GLU A 191 -39.05 23.44 7.37
C GLU A 191 -38.67 22.10 8.01
N GLU A 192 -39.59 21.16 7.92
CA GLU A 192 -39.42 19.79 8.44
C GLU A 192 -38.16 19.15 7.81
N HIS A 193 -38.04 19.29 6.51
CA HIS A 193 -36.94 18.73 5.81
C HIS A 193 -35.60 19.33 6.22
N ASP A 194 -35.52 20.64 6.30
CA ASP A 194 -34.26 21.28 6.71
C ASP A 194 -33.90 21.05 8.17
N TYR A 195 -34.90 20.96 9.02
CA TYR A 195 -34.70 20.63 10.43
C TYR A 195 -34.11 19.21 10.62
N VAL A 196 -34.79 18.24 10.02
CA VAL A 196 -34.39 16.84 10.11
C VAL A 196 -33.03 16.62 9.48
N THR A 197 -32.82 17.12 8.27
CA THR A 197 -31.56 16.85 7.55
C THR A 197 -30.45 17.58 8.29
N GLY A 198 -30.80 18.71 8.87
CA GLY A 198 -29.88 19.45 9.72
C GLY A 198 -29.33 18.63 10.86
N ILE A 199 -30.21 17.94 11.57
CA ILE A 199 -29.78 17.13 12.71
C ILE A 199 -29.01 15.88 12.28
N VAL A 200 -29.52 15.25 11.23
CA VAL A 200 -29.17 13.90 10.87
C VAL A 200 -28.04 13.82 9.82
N SER A 201 -27.90 14.86 9.02
CA SER A 201 -26.89 14.90 7.96
C SER A 201 -25.88 16.05 8.12
N HIS A 202 -26.36 17.29 8.22
CA HIS A 202 -25.47 18.46 8.06
C HIS A 202 -24.59 18.67 9.28
N PHE A 203 -25.19 18.46 10.43
CA PHE A 203 -24.48 18.63 11.68
C PHE A 203 -23.39 17.56 11.84
N PRO A 204 -23.66 16.28 11.52
CA PRO A 204 -22.51 15.36 11.50
C PRO A 204 -21.39 15.81 10.62
N HIS A 205 -21.69 16.45 9.49
CA HIS A 205 -20.61 16.91 8.61
C HIS A 205 -19.68 17.77 9.33
N LEU A 206 -20.26 18.67 10.10
CA LEU A 206 -19.49 19.68 10.79
C LEU A 206 -18.61 19.02 11.83
N ILE A 207 -19.18 18.07 12.55
CA ILE A 207 -18.47 17.37 13.59
C ILE A 207 -17.37 16.48 13.00
N ALA A 208 -17.68 15.81 11.93
CA ALA A 208 -16.64 15.04 11.23
C ALA A 208 -15.41 15.89 10.92
N ALA A 209 -15.64 17.10 10.39
CA ALA A 209 -14.54 17.93 9.94
C ALA A 209 -13.80 18.35 11.14
N GLY A 210 -14.56 18.68 12.17
CA GLY A 210 -13.96 19.10 13.42
C GLY A 210 -13.02 18.02 13.95
N LEU A 211 -13.45 16.76 13.93
CA LEU A 211 -12.61 15.67 14.44
C LEU A 211 -11.32 15.57 13.71
N VAL A 212 -11.41 15.66 12.39
CA VAL A 212 -10.22 15.62 11.54
C VAL A 212 -9.25 16.75 11.92
N LYS A 213 -9.82 17.92 12.16
CA LYS A 213 -9.07 19.13 12.38
C LYS A 213 -8.38 19.12 13.72
N GLN A 214 -9.10 18.64 14.73
CA GLN A 214 -8.59 18.39 16.08
C GLN A 214 -7.37 17.51 16.03
N VAL A 215 -7.44 16.44 15.25
CA VAL A 215 -6.32 15.49 15.15
C VAL A 215 -5.12 16.13 14.44
N GLU A 216 -5.36 16.82 13.34
CA GLU A 216 -4.30 17.53 12.60
C GLU A 216 -3.55 18.54 13.50
N LYS A 217 -4.28 19.24 14.38
CA LYS A 217 -3.66 20.20 15.34
C LYS A 217 -2.47 19.59 16.05
N HIS A 218 -2.63 18.34 16.45
CA HIS A 218 -1.66 17.61 17.27
C HIS A 218 -0.62 16.85 16.47
N ALA A 219 -0.84 16.71 15.17
CA ALA A 219 -0.01 15.84 14.33
C ALA A 219 1.38 16.35 14.10
N GLY A 220 1.55 17.66 14.16
CA GLY A 220 2.88 18.26 14.15
C GLY A 220 3.75 17.89 15.36
N ASP A 221 3.14 17.68 16.52
CA ASP A 221 3.91 17.44 17.76
C ASP A 221 4.37 15.97 17.84
N ASN A 222 3.57 15.03 17.32
CA ASN A 222 4.03 13.63 17.07
C ASN A 222 3.56 13.09 15.70
N PRO A 223 4.48 12.85 14.75
CA PRO A 223 4.16 12.18 13.47
C PRO A 223 3.45 10.82 13.52
N LEU A 224 3.59 10.14 14.64
CA LEU A 224 2.91 8.89 14.89
C LEU A 224 1.36 8.99 14.82
N ILE A 225 0.84 10.16 15.09
CA ILE A 225 -0.57 10.42 15.05
C ILE A 225 -1.09 10.25 13.64
N HIS A 226 -0.31 10.68 12.64
CA HIS A 226 -0.68 10.55 11.24
C HIS A 226 -0.72 9.06 10.88
N GLN A 227 0.25 8.30 11.38
CA GLN A 227 0.27 6.84 11.16
C GLN A 227 -0.94 6.18 11.83
N LEU A 228 -1.22 6.54 13.07
CA LEU A 228 -2.29 5.85 13.83
C LEU A 228 -3.71 6.21 13.51
N ALA A 229 -3.90 7.19 12.63
CA ALA A 229 -5.17 7.69 12.22
C ALA A 229 -5.59 6.99 10.96
N ALA A 230 -4.73 6.10 10.44
CA ALA A 230 -5.10 5.22 9.30
C ALA A 230 -6.13 4.21 9.75
N GLY A 231 -6.83 3.61 8.79
CA GLY A 231 -7.90 2.64 9.04
C GLY A 231 -9.16 3.21 9.69
N GLY A 232 -9.48 2.80 10.90
CA GLY A 232 -10.77 3.15 11.48
C GLY A 232 -11.13 4.64 11.54
N PHE A 233 -10.20 5.46 12.00
CA PHE A 233 -10.43 6.88 12.14
C PHE A 233 -10.70 7.52 10.78
N LYS A 234 -9.87 7.15 9.83
CA LYS A 234 -10.03 7.59 8.45
C LYS A 234 -11.35 7.18 7.84
N ASP A 235 -11.80 5.99 8.19
CA ASP A 235 -13.08 5.47 7.67
C ASP A 235 -14.28 6.21 8.26
N ILE A 236 -14.32 6.31 9.57
CA ILE A 236 -15.24 7.15 10.35
C ILE A 236 -15.43 8.57 9.81
N THR A 237 -14.34 9.18 9.43
CA THR A 237 -14.33 10.57 8.98
C THR A 237 -14.53 10.76 7.48
N ARG A 238 -15.09 9.75 6.86
CA ARG A 238 -15.20 9.70 5.39
C ARG A 238 -15.82 10.97 4.85
N ILE A 239 -16.89 11.43 5.48
CA ILE A 239 -17.65 12.53 4.92
C ILE A 239 -16.90 13.86 4.89
N ALA A 240 -15.85 13.96 5.70
CA ALA A 240 -14.96 15.11 5.68
C ALA A 240 -14.22 15.35 4.40
N SER A 241 -14.16 14.34 3.53
CA SER A 241 -13.53 14.51 2.21
C SER A 241 -14.50 14.97 1.14
N SER A 242 -15.76 15.21 1.49
CA SER A 242 -16.72 15.69 0.52
C SER A 242 -16.42 17.13 0.13
N SER A 243 -17.04 17.57 -0.94
CA SER A 243 -16.75 18.89 -1.54
C SER A 243 -16.91 20.00 -0.53
N PRO A 244 -15.80 20.71 -0.17
CA PRO A 244 -15.95 21.90 0.64
C PRO A 244 -16.85 22.99 0.09
N LYS A 245 -16.88 23.19 -1.23
CA LYS A 245 -17.82 24.16 -1.82
C LYS A 245 -19.26 23.76 -1.52
N MET A 246 -19.62 22.53 -1.88
CA MET A 246 -20.98 22.07 -1.72
C MET A 246 -21.43 22.21 -0.25
N TRP A 247 -20.58 21.78 0.67
CA TRP A 247 -20.95 21.73 2.06
C TRP A 247 -20.99 23.09 2.73
N SER A 248 -20.15 24.02 2.30
CA SER A 248 -20.22 25.37 2.79
C SER A 248 -21.54 26.05 2.34
N ASP A 249 -22.00 25.80 1.12
CA ASP A 249 -23.32 26.27 0.69
C ASP A 249 -24.44 25.67 1.56
N ILE A 250 -24.39 24.35 1.79
CA ILE A 250 -25.41 23.68 2.60
C ILE A 250 -25.51 24.35 3.98
N VAL A 251 -24.32 24.56 4.57
CA VAL A 251 -24.19 25.15 5.90
C VAL A 251 -24.72 26.59 5.93
N LYS A 252 -24.32 27.39 4.96
CA LYS A 252 -24.86 28.75 4.75
C LYS A 252 -26.40 28.69 4.61
N GLN A 253 -26.92 27.77 3.80
CA GLN A 253 -28.39 27.67 3.55
C GLN A 253 -29.21 27.15 4.72
N ASN A 254 -28.57 26.45 5.64
CA ASN A 254 -29.25 25.93 6.83
C ASN A 254 -28.62 26.47 8.11
N ARG A 255 -28.16 27.72 8.02
CA ARG A 255 -27.36 28.34 9.06
C ARG A 255 -28.02 28.35 10.45
N GLU A 256 -29.25 28.80 10.49
CA GLU A 256 -29.92 29.00 11.78
C GLU A 256 -30.18 27.67 12.49
N HIS A 257 -30.65 26.65 11.75
CA HIS A 257 -30.83 25.30 12.30
C HIS A 257 -29.51 24.83 12.94
N LEU A 258 -28.40 25.08 12.25
CA LEU A 258 -27.06 24.62 12.69
C LEU A 258 -26.49 25.41 13.89
N MET A 259 -26.77 26.69 13.91
CA MET A 259 -26.38 27.54 15.07
C MET A 259 -27.02 27.05 16.37
N VAL A 260 -28.31 26.79 16.28
CA VAL A 260 -29.03 26.20 17.41
C VAL A 260 -28.40 24.84 17.80
N LEU A 261 -28.22 23.96 16.83
CA LEU A 261 -27.61 22.66 17.10
C LEU A 261 -26.23 22.72 17.75
N LEU A 262 -25.39 23.60 17.23
CA LEU A 262 -24.04 23.78 17.80
C LEU A 262 -24.07 24.25 19.27
N LYS A 263 -25.06 25.09 19.59
CA LYS A 263 -25.23 25.58 20.95
C LYS A 263 -25.63 24.45 21.86
N GLU A 264 -26.55 23.60 21.42
CA GLU A 264 -26.91 22.41 22.21
C GLU A 264 -25.69 21.48 22.39
N TRP A 265 -24.91 21.38 21.32
CA TRP A 265 -23.74 20.49 21.27
C TRP A 265 -22.65 20.94 22.24
N ILE A 266 -22.40 22.24 22.25
CA ILE A 266 -21.46 22.80 23.22
C ILE A 266 -21.94 22.42 24.60
N SER A 267 -23.22 22.59 24.86
CA SER A 267 -23.81 22.24 26.15
C SER A 267 -23.64 20.76 26.48
N GLU A 268 -23.86 19.90 25.50
CA GLU A 268 -23.67 18.45 25.70
C GLU A 268 -22.24 18.09 26.05
N MET A 269 -21.31 18.77 25.39
CA MET A 269 -19.89 18.53 25.64
C MET A 269 -19.48 19.02 27.02
N GLU A 270 -20.09 20.10 27.46
CA GLU A 270 -19.86 20.61 28.80
C GLU A 270 -20.35 19.60 29.85
N ASP A 271 -21.50 18.98 29.62
CA ASP A 271 -21.98 17.94 30.54
C ASP A 271 -21.08 16.69 30.49
N LEU A 272 -20.60 16.35 29.29
CA LEU A 272 -19.70 15.23 29.11
C LEU A 272 -18.40 15.51 29.81
N TYR A 273 -17.92 16.72 29.70
CA TYR A 273 -16.75 17.17 30.45
C TYR A 273 -16.91 16.97 31.96
N ASP A 274 -18.09 17.27 32.48
CA ASP A 274 -18.38 17.05 33.91
C ASP A 274 -18.41 15.53 34.24
N THR A 275 -19.05 14.73 33.41
CA THR A 275 -19.09 13.29 33.62
C THR A 275 -17.71 12.66 33.61
N VAL A 276 -16.93 12.99 32.59
CA VAL A 276 -15.60 12.43 32.45
C VAL A 276 -14.74 12.85 33.63
N SER A 277 -14.77 14.15 33.96
CA SER A 277 -13.92 14.67 35.03
C SER A 277 -14.36 14.26 36.43
N SER A 278 -15.64 14.00 36.64
CA SER A 278 -16.09 13.40 37.93
C SER A 278 -15.49 12.00 38.12
N GLY A 279 -15.21 11.32 37.01
CA GLY A 279 -14.53 10.02 37.05
C GLY A 279 -15.37 8.82 37.48
N ASP A 280 -16.69 9.03 37.61
CA ASP A 280 -17.65 7.96 37.99
C ASP A 280 -17.85 6.98 36.80
N ALA A 281 -17.21 5.80 36.90
CA ALA A 281 -17.22 4.73 35.83
C ALA A 281 -18.63 4.24 35.48
N GLY A 282 -19.50 4.18 36.47
CA GLY A 282 -20.94 3.88 36.30
C GLY A 282 -21.70 4.89 35.44
N GLU A 283 -21.48 6.18 35.67
CA GLU A 283 -22.06 7.26 34.84
C GLU A 283 -21.50 7.28 33.40
N ILE A 284 -20.18 7.12 33.30
CA ILE A 284 -19.50 7.03 32.01
C ILE A 284 -20.05 5.81 31.24
N GLN A 285 -20.13 4.68 31.91
CA GLN A 285 -20.63 3.48 31.28
C GLN A 285 -22.05 3.70 30.79
N ASN A 286 -22.81 4.45 31.57
CA ASN A 286 -24.21 4.75 31.19
C ASN A 286 -24.33 5.57 29.94
N TYR A 287 -23.38 6.47 29.77
CA TYR A 287 -23.34 7.39 28.65
C TYR A 287 -23.09 6.58 27.36
N PHE A 288 -22.07 5.73 27.42
CA PHE A 288 -21.79 4.77 26.34
C PHE A 288 -22.92 3.74 26.04
N ALA A 289 -23.52 3.18 27.10
CA ALA A 289 -24.62 2.20 26.95
C ALA A 289 -25.83 2.82 26.30
N ASP A 290 -26.18 4.03 26.70
CA ASP A 290 -27.31 4.72 26.03
C ASP A 290 -27.04 4.82 24.54
N ALA A 291 -25.85 5.29 24.19
CA ALA A 291 -25.46 5.45 22.79
C ALA A 291 -25.49 4.09 22.02
N LYS A 292 -24.97 3.05 22.65
CA LYS A 292 -24.92 1.72 22.05
C LYS A 292 -26.33 1.18 21.78
N GLU A 293 -27.14 1.17 22.83
CA GLU A 293 -28.50 0.71 22.72
C GLU A 293 -29.22 1.40 21.50
N TYR A 294 -29.03 2.71 21.38
CA TYR A 294 -29.73 3.43 20.33
C TYR A 294 -29.11 3.11 18.99
N ARG A 295 -27.81 3.19 18.90
CA ARG A 295 -27.11 2.94 17.64
C ARG A 295 -27.37 1.52 17.12
N ASP A 296 -27.38 0.53 18.02
CA ASP A 296 -27.71 -0.86 17.67
C ASP A 296 -29.12 -1.04 17.12
N SER A 297 -30.01 -0.13 17.49
CA SER A 297 -31.40 -0.18 17.08
C SER A 297 -31.65 0.32 15.65
N LEU A 298 -30.71 1.05 15.06
CA LEU A 298 -30.92 1.63 13.71
C LEU A 298 -30.80 0.51 12.61
N PRO A 299 -31.62 0.38 11.57
CA PRO A 299 -32.93 0.98 11.38
C PRO A 299 -34.02 0.58 12.39
N VAL A 300 -34.80 1.59 12.75
CA VAL A 300 -35.89 1.50 13.71
C VAL A 300 -37.08 1.94 12.88
N ARG A 301 -37.49 1.05 11.99
CA ARG A 301 -38.49 1.38 10.98
C ARG A 301 -39.82 1.34 11.71
N LYS A 302 -40.45 2.51 11.88
CA LYS A 302 -41.58 2.59 12.81
C LYS A 302 -42.82 2.03 12.12
N ARG A 303 -43.82 1.70 12.94
CA ARG A 303 -45.06 1.03 12.49
C ARG A 303 -45.82 1.76 11.39
N GLY A 304 -46.10 3.05 11.60
CA GLY A 304 -46.84 3.83 10.58
C GLY A 304 -46.02 4.71 9.63
N ALA A 305 -44.70 4.49 9.59
CA ALA A 305 -43.80 5.18 8.68
C ALA A 305 -43.70 4.48 7.29
N ILE A 306 -43.01 5.14 6.36
CA ILE A 306 -42.85 4.66 4.99
C ILE A 306 -41.39 4.25 4.83
N PRO A 307 -41.05 2.99 4.53
CA PRO A 307 -41.96 1.83 4.26
C PRO A 307 -42.09 0.83 5.45
N ALA A 308 -43.11 -0.06 5.51
CA ALA A 308 -43.27 -0.98 6.66
C ALA A 308 -42.21 -2.10 6.75
N TYR A 309 -41.93 -2.54 7.97
CA TYR A 309 -40.77 -3.39 8.24
C TYR A 309 -41.34 -4.55 9.12
N HIS A 310 -41.06 -5.76 8.66
CA HIS A 310 -41.56 -6.97 9.29
C HIS A 310 -40.39 -7.86 9.54
N ASP A 311 -39.89 -7.91 10.77
CA ASP A 311 -38.58 -8.47 11.05
C ASP A 311 -38.59 -9.88 11.56
N LEU A 312 -37.59 -10.63 11.17
CA LEU A 312 -37.39 -11.99 11.65
C LEU A 312 -35.94 -12.17 12.06
N TYR A 313 -35.74 -12.75 13.23
CA TYR A 313 -34.43 -12.94 13.79
C TYR A 313 -34.05 -14.39 13.65
N VAL A 314 -32.85 -14.66 13.14
CA VAL A 314 -32.38 -16.01 12.88
C VAL A 314 -31.06 -16.29 13.57
N ASP A 315 -31.03 -17.36 14.31
CA ASP A 315 -29.77 -17.91 14.87
C ASP A 315 -28.93 -18.49 13.74
N VAL A 316 -27.82 -17.83 13.46
CA VAL A 316 -26.83 -18.36 12.51
C VAL A 316 -25.40 -18.25 13.02
N LEU A 317 -24.57 -19.10 12.43
CA LEU A 317 -23.21 -19.33 12.87
C LEU A 317 -22.27 -18.47 12.05
N ASP A 318 -21.20 -18.00 12.68
CA ASP A 318 -20.22 -17.24 11.98
C ASP A 318 -19.28 -18.18 11.19
N LYS A 319 -19.77 -18.68 10.07
CA LYS A 319 -18.92 -19.48 9.15
C LYS A 319 -19.22 -19.15 7.71
N VAL A 320 -18.27 -19.48 6.87
CA VAL A 320 -18.41 -19.29 5.47
C VAL A 320 -19.72 -19.94 4.97
N GLY A 321 -20.48 -19.19 4.19
CA GLY A 321 -21.71 -19.71 3.60
C GLY A 321 -22.97 -19.68 4.46
N ALA A 322 -22.89 -19.19 5.69
CA ALA A 322 -24.12 -19.16 6.51
C ALA A 322 -25.23 -18.28 5.88
N LEU A 323 -24.86 -17.06 5.47
CA LEU A 323 -25.81 -16.14 4.83
C LEU A 323 -26.31 -16.63 3.47
N ALA A 324 -25.37 -17.14 2.66
CA ALA A 324 -25.69 -17.84 1.38
C ALA A 324 -26.74 -18.90 1.54
N HIS A 325 -26.62 -19.70 2.59
CA HIS A 325 -27.60 -20.73 2.83
C HIS A 325 -28.96 -20.14 3.14
N VAL A 326 -28.98 -19.18 4.07
CA VAL A 326 -30.26 -18.59 4.49
C VAL A 326 -30.90 -17.86 3.32
N THR A 327 -30.13 -17.08 2.59
CA THR A 327 -30.73 -16.34 1.52
C THR A 327 -31.12 -17.25 0.35
N SER A 328 -30.40 -18.34 0.11
CA SER A 328 -30.80 -19.24 -0.95
C SER A 328 -32.15 -19.84 -0.60
N ILE A 329 -32.31 -20.26 0.64
CA ILE A 329 -33.60 -20.81 1.07
C ILE A 329 -34.71 -19.81 0.71
N LEU A 330 -34.54 -18.56 1.13
CA LEU A 330 -35.60 -17.55 0.98
C LEU A 330 -35.94 -17.26 -0.49
N ALA A 331 -34.90 -17.23 -1.30
CA ALA A 331 -35.01 -16.98 -2.73
C ALA A 331 -35.72 -18.10 -3.48
N ARG A 332 -35.45 -19.32 -3.07
CA ARG A 332 -36.13 -20.51 -3.60
C ARG A 332 -37.62 -20.43 -3.33
N GLU A 333 -38.01 -19.84 -2.19
CA GLU A 333 -39.42 -19.61 -1.83
C GLU A 333 -39.98 -18.37 -2.45
N GLU A 334 -39.15 -17.70 -3.24
CA GLU A 334 -39.54 -16.48 -3.96
C GLU A 334 -39.99 -15.35 -3.04
N ILE A 335 -39.29 -15.25 -1.91
CA ILE A 335 -39.44 -14.18 -0.97
C ILE A 335 -38.35 -13.13 -1.17
N SER A 336 -38.81 -11.90 -1.37
CA SER A 336 -37.90 -10.76 -1.49
C SER A 336 -37.53 -10.21 -0.10
N ILE A 337 -36.24 -9.98 0.13
CA ILE A 337 -35.73 -9.42 1.38
C ILE A 337 -35.53 -7.89 1.26
N THR A 338 -36.11 -7.14 2.17
CA THR A 338 -35.96 -5.67 2.11
C THR A 338 -34.67 -5.20 2.80
N ASN A 339 -34.31 -5.87 3.90
CA ASN A 339 -33.02 -5.64 4.53
C ASN A 339 -32.56 -6.80 5.34
N LEU A 340 -31.29 -6.75 5.69
CA LEU A 340 -30.73 -7.70 6.65
C LEU A 340 -29.53 -7.11 7.38
N GLN A 341 -29.23 -7.68 8.56
CA GLN A 341 -28.14 -7.22 9.39
C GLN A 341 -27.67 -8.30 10.31
N ILE A 342 -26.41 -8.27 10.66
CA ILE A 342 -25.89 -9.13 11.72
C ILE A 342 -25.78 -8.30 12.99
N LEU A 343 -26.39 -8.75 14.05
CA LEU A 343 -26.32 -8.12 15.35
C LEU A 343 -25.54 -9.12 16.19
N GLU A 344 -24.48 -8.69 16.87
CA GLU A 344 -23.66 -9.63 17.65
C GLU A 344 -24.29 -9.77 19.06
N ALA A 345 -25.15 -10.76 19.29
CA ALA A 345 -26.06 -10.71 20.50
C ALA A 345 -25.49 -11.32 21.75
N ARG A 346 -24.68 -12.36 21.63
CA ARG A 346 -23.97 -12.88 22.82
C ARG A 346 -22.54 -13.27 22.46
N GLU A 347 -21.85 -13.95 23.38
CA GLU A 347 -20.58 -14.61 23.08
C GLU A 347 -20.86 -15.89 22.20
N GLY A 348 -19.75 -16.40 21.68
CA GLY A 348 -19.72 -17.62 20.94
C GLY A 348 -19.77 -17.35 19.47
N LEU A 349 -19.74 -18.41 18.68
CA LEU A 349 -19.66 -18.21 17.25
C LEU A 349 -21.03 -17.84 16.65
N LEU A 350 -22.12 -18.01 17.39
CA LEU A 350 -23.44 -17.54 16.96
C LEU A 350 -23.51 -16.03 16.91
N GLY A 351 -24.30 -15.55 15.93
CA GLY A 351 -24.72 -14.19 15.74
C GLY A 351 -26.20 -14.32 15.53
N VAL A 352 -26.86 -13.20 15.68
CA VAL A 352 -28.23 -13.03 15.27
C VAL A 352 -28.34 -12.27 13.99
N LEU A 353 -29.02 -12.87 13.05
CA LEU A 353 -29.26 -12.27 11.76
C LEU A 353 -30.67 -11.74 11.77
N ARG A 354 -30.82 -10.46 11.50
CA ARG A 354 -32.12 -9.88 11.39
C ARG A 354 -32.49 -9.70 9.96
N ILE A 355 -33.62 -10.28 9.54
CA ILE A 355 -34.11 -10.16 8.15
C ILE A 355 -35.39 -9.36 8.17
N SER A 356 -35.45 -8.38 7.29
CA SER A 356 -36.66 -7.56 7.15
C SER A 356 -37.40 -7.92 5.88
N PHE A 357 -38.74 -7.98 5.96
CA PHE A 357 -39.60 -8.24 4.79
C PHE A 357 -40.60 -7.12 4.51
N GLN A 358 -41.13 -7.13 3.31
CA GLN A 358 -42.02 -6.09 2.81
C GLN A 358 -43.41 -6.19 3.47
N ARG A 359 -43.86 -7.41 3.75
CA ARG A 359 -45.19 -7.61 4.38
C ARG A 359 -45.27 -8.90 5.17
N GLU A 360 -46.29 -8.95 6.02
CA GLU A 360 -46.41 -9.97 7.06
C GLU A 360 -46.48 -11.38 6.50
N GLU A 361 -47.21 -11.55 5.41
CA GLU A 361 -47.26 -12.82 4.68
C GLU A 361 -45.83 -13.36 4.38
N ASP A 362 -44.94 -12.48 3.91
CA ASP A 362 -43.59 -12.90 3.51
C ASP A 362 -42.76 -13.31 4.69
N ARG A 363 -42.95 -12.64 5.82
CA ARG A 363 -42.23 -13.01 7.04
C ARG A 363 -42.66 -14.37 7.53
N MET A 364 -43.96 -14.56 7.52
CA MET A 364 -44.56 -15.82 7.95
C MET A 364 -44.02 -16.99 7.14
N LYS A 365 -43.92 -16.76 5.85
CA LYS A 365 -43.49 -17.77 4.88
C LYS A 365 -42.02 -18.12 5.10
N ALA A 366 -41.21 -17.09 5.32
CA ALA A 366 -39.78 -17.24 5.61
C ALA A 366 -39.52 -17.96 6.91
N LYS A 367 -40.36 -17.70 7.90
CA LYS A 367 -40.29 -18.38 9.19
C LYS A 367 -40.55 -19.87 9.05
N LEU A 368 -41.53 -20.21 8.25
CA LEU A 368 -41.81 -21.60 7.99
C LEU A 368 -40.68 -22.28 7.20
N ALA A 369 -40.19 -21.61 6.16
CA ALA A 369 -39.18 -22.21 5.30
C ALA A 369 -37.91 -22.45 6.10
N LEU A 370 -37.54 -21.49 6.93
CA LEU A 370 -36.29 -21.61 7.71
C LEU A 370 -36.43 -22.64 8.81
N GLY A 371 -37.59 -22.67 9.46
CA GLY A 371 -37.95 -23.71 10.40
C GLY A 371 -37.88 -25.13 9.84
N GLU A 372 -38.49 -25.37 8.68
CA GLU A 372 -38.38 -26.70 8.00
C GLU A 372 -36.90 -27.09 7.71
N GLU A 373 -36.00 -26.10 7.59
CA GLU A 373 -34.54 -26.38 7.44
C GLU A 373 -33.77 -26.38 8.78
N LYS A 374 -34.48 -26.50 9.90
CA LYS A 374 -33.91 -26.64 11.25
C LYS A 374 -33.20 -25.37 11.76
N TYR A 375 -33.62 -24.20 11.27
CA TYR A 375 -33.13 -22.92 11.82
C TYR A 375 -34.02 -22.56 12.99
N GLN A 376 -33.39 -22.06 14.03
CA GLN A 376 -34.08 -21.43 15.15
C GLN A 376 -34.34 -19.96 14.80
N THR A 377 -35.59 -19.53 14.94
CA THR A 377 -35.95 -18.14 14.65
C THR A 377 -36.72 -17.51 15.79
N TYR A 378 -36.72 -16.18 15.83
CA TYR A 378 -37.46 -15.42 16.85
C TYR A 378 -38.12 -14.19 16.23
N GLU A 379 -39.07 -13.64 16.97
CA GLU A 379 -39.79 -12.41 16.59
C GLU A 379 -39.17 -11.14 17.15
N THR A 380 -38.61 -11.24 18.36
CA THR A 380 -37.93 -10.13 19.07
C THR A 380 -36.44 -10.24 19.49
N ILE A 381 -35.86 -9.07 19.78
CA ILE A 381 -34.54 -8.86 20.43
C ILE A 381 -33.34 -9.58 19.83
N ARG B 17 10.78 -28.03 26.58
CA ARG B 17 10.20 -26.81 25.90
C ARG B 17 10.02 -25.67 26.95
N LYS B 18 10.34 -24.44 26.53
CA LYS B 18 10.02 -23.23 27.31
C LYS B 18 8.53 -23.16 27.52
N LYS B 19 8.18 -22.38 28.53
CA LYS B 19 6.90 -22.38 29.21
C LYS B 19 6.35 -20.96 29.24
N VAL B 20 5.10 -20.85 28.80
CA VAL B 20 4.41 -19.58 28.75
C VAL B 20 3.14 -19.69 29.58
N VAL B 21 2.85 -18.61 30.28
CA VAL B 21 1.57 -18.48 30.99
C VAL B 21 0.76 -17.38 30.35
N LEU B 22 -0.49 -17.72 30.04
CA LEU B 22 -1.43 -16.77 29.51
C LEU B 22 -2.54 -16.59 30.54
N ILE B 23 -2.73 -15.34 30.96
CA ILE B 23 -3.75 -14.96 31.94
C ILE B 23 -4.84 -14.16 31.24
N GLY B 24 -5.95 -14.83 30.98
CA GLY B 24 -7.01 -14.27 30.14
C GLY B 24 -6.94 -14.98 28.80
N THR B 25 -7.85 -15.91 28.60
CA THR B 25 -7.80 -16.73 27.38
C THR B 25 -9.06 -16.46 26.55
N GLY B 26 -9.08 -15.25 26.01
CA GLY B 26 -10.16 -14.83 25.10
C GLY B 26 -9.63 -14.58 23.72
N LEU B 27 -10.37 -13.78 22.98
CA LEU B 27 -9.98 -13.43 21.62
C LEU B 27 -8.51 -12.97 21.54
N ILE B 28 -8.21 -11.91 22.29
CA ILE B 28 -6.90 -11.27 22.25
C ILE B 28 -5.83 -12.18 22.79
N GLY B 29 -6.06 -12.73 23.96
CA GLY B 29 -5.07 -13.58 24.59
C GLY B 29 -4.84 -14.87 23.81
N GLY B 30 -5.94 -15.50 23.42
CA GLY B 30 -5.91 -16.74 22.62
C GLY B 30 -5.16 -16.51 21.32
N SER B 31 -5.42 -15.36 20.71
CA SER B 31 -4.75 -15.04 19.45
C SER B 31 -3.27 -14.90 19.64
N LEU B 32 -2.89 -14.29 20.76
CA LEU B 32 -1.46 -14.13 21.09
C LEU B 32 -0.79 -15.47 21.30
N ALA B 33 -1.53 -16.38 21.95
CA ALA B 33 -1.03 -17.74 22.17
C ALA B 33 -0.78 -18.49 20.85
N LEU B 34 -1.71 -18.38 19.91
CA LEU B 34 -1.53 -18.97 18.60
C LEU B 34 -0.34 -18.39 17.85
N ALA B 35 -0.13 -17.10 17.93
CA ALA B 35 1.02 -16.46 17.28
C ALA B 35 2.34 -16.83 17.91
N ILE B 36 2.30 -17.11 19.21
CA ILE B 36 3.51 -17.56 19.90
C ILE B 36 3.85 -18.98 19.39
N LYS B 37 2.84 -19.86 19.39
CA LYS B 37 3.00 -21.27 19.01
C LYS B 37 3.46 -21.43 17.61
N LYS B 38 3.01 -20.52 16.76
CA LYS B 38 3.37 -20.53 15.34
C LYS B 38 4.86 -20.50 15.09
N ASP B 39 5.61 -19.82 15.96
CA ASP B 39 7.08 -19.67 15.80
C ASP B 39 7.93 -20.22 16.96
N HIS B 40 7.28 -20.81 17.96
CA HIS B 40 8.01 -21.33 19.11
C HIS B 40 7.36 -22.59 19.61
N ASP B 41 8.20 -23.56 19.92
CA ASP B 41 7.76 -24.81 20.47
C ASP B 41 7.73 -24.59 21.99
N VAL B 42 6.52 -24.42 22.52
CA VAL B 42 6.32 -24.10 23.93
C VAL B 42 5.12 -24.76 24.54
N THR B 43 5.14 -24.85 25.86
CA THR B 43 3.99 -25.28 26.63
C THR B 43 3.32 -24.02 27.13
N ILE B 44 2.12 -23.78 26.63
CA ILE B 44 1.32 -22.66 27.07
C ILE B 44 0.32 -23.15 28.09
N THR B 45 0.45 -22.66 29.31
CA THR B 45 -0.54 -22.99 30.32
C THR B 45 -1.41 -21.75 30.46
N GLY B 46 -2.73 -21.97 30.47
CA GLY B 46 -3.72 -20.90 30.46
C GLY B 46 -4.49 -20.74 31.77
N TYR B 47 -5.01 -19.53 31.99
CA TYR B 47 -5.80 -19.19 33.19
C TYR B 47 -6.87 -18.15 32.80
N ASP B 48 -8.07 -18.31 33.35
CA ASP B 48 -9.16 -17.37 33.10
C ASP B 48 -10.01 -17.22 34.35
N ILE B 49 -10.78 -16.13 34.43
CA ILE B 49 -11.81 -16.00 35.46
C ILE B 49 -12.93 -16.99 35.15
N PHE B 50 -13.36 -17.04 33.87
CA PHE B 50 -14.42 -17.98 33.42
C PHE B 50 -13.82 -19.34 32.96
N GLN B 51 -14.05 -20.40 33.75
CA GLN B 51 -13.52 -21.74 33.48
C GLN B 51 -13.90 -22.32 32.10
N GLU B 52 -15.05 -21.94 31.55
CA GLU B 52 -15.44 -22.40 30.20
C GLU B 52 -14.46 -21.94 29.07
N GLN B 53 -14.03 -20.68 29.10
CA GLN B 53 -13.12 -20.15 28.05
C GLN B 53 -11.73 -20.82 28.04
N VAL B 54 -11.21 -21.13 29.23
CA VAL B 54 -9.92 -21.86 29.35
C VAL B 54 -10.01 -23.34 28.92
N GLU B 55 -11.15 -23.96 29.20
CA GLU B 55 -11.39 -25.35 28.80
C GLU B 55 -11.58 -25.46 27.29
N ARG B 56 -12.33 -24.52 26.73
CA ARG B 56 -12.48 -24.39 25.27
C ARG B 56 -11.16 -24.08 24.55
N ALA B 57 -10.36 -23.22 25.16
CA ALA B 57 -9.02 -22.90 24.64
C ALA B 57 -8.17 -24.17 24.56
N LYS B 58 -8.22 -24.97 25.63
CA LYS B 58 -7.52 -26.26 25.65
C LYS B 58 -8.01 -27.20 24.53
N GLU B 59 -9.33 -27.41 24.47
CA GLU B 59 -9.98 -28.20 23.40
C GLU B 59 -9.49 -27.79 21.99
N LEU B 60 -9.38 -26.48 21.78
CA LEU B 60 -8.93 -25.91 20.49
C LEU B 60 -7.41 -25.81 20.28
N HIS B 61 -6.64 -26.42 21.18
CA HIS B 61 -5.16 -26.36 21.14
C HIS B 61 -4.62 -24.91 21.07
N VAL B 62 -5.35 -24.00 21.73
CA VAL B 62 -4.91 -22.62 21.91
C VAL B 62 -3.95 -22.56 23.11
N VAL B 63 -4.35 -23.23 24.19
CA VAL B 63 -3.44 -23.53 25.26
C VAL B 63 -3.25 -25.04 25.35
N ASP B 64 -2.14 -25.41 25.98
CA ASP B 64 -1.73 -26.80 26.13
C ASP B 64 -2.29 -27.41 27.41
N GLU B 65 -2.20 -26.61 28.48
CA GLU B 65 -2.67 -27.02 29.81
C GLU B 65 -3.56 -25.94 30.44
N ILE B 66 -4.49 -26.40 31.27
CA ILE B 66 -5.28 -25.54 32.16
C ILE B 66 -4.56 -25.47 33.50
N ALA B 67 -4.26 -24.25 33.96
CA ALA B 67 -3.49 -24.03 35.19
C ALA B 67 -4.23 -24.50 36.44
N VAL B 68 -3.69 -25.54 37.08
CA VAL B 68 -4.18 -25.97 38.37
C VAL B 68 -3.83 -24.89 39.40
N ASP B 69 -2.54 -24.64 39.53
CA ASP B 69 -1.97 -23.75 40.56
C ASP B 69 -1.34 -22.57 39.81
N LEU B 70 -1.91 -21.38 40.00
CA LEU B 70 -1.42 -20.16 39.32
C LEU B 70 0.04 -19.81 39.62
N GLN B 71 0.39 -19.87 40.90
CA GLN B 71 1.77 -19.61 41.35
C GLN B 71 2.81 -20.58 40.76
N HIS B 72 2.51 -21.87 40.75
CA HIS B 72 3.45 -22.85 40.22
C HIS B 72 3.77 -22.56 38.75
N ALA B 73 2.70 -22.42 37.96
CA ALA B 73 2.81 -22.05 36.54
C ALA B 73 3.59 -20.74 36.29
N CYS B 74 3.34 -19.71 37.09
CA CYS B 74 4.09 -18.44 36.98
C CYS B 74 5.60 -18.52 37.35
N GLU B 75 5.89 -19.29 38.38
CA GLU B 75 7.29 -19.39 38.88
C GLU B 75 8.25 -20.18 37.96
N GLU B 76 7.70 -21.12 37.19
CA GLU B 76 8.45 -21.84 36.14
C GLU B 76 8.46 -21.18 34.73
N ALA B 77 7.70 -20.10 34.55
CA ALA B 77 7.47 -19.49 33.23
C ALA B 77 8.61 -18.62 32.72
N HIS B 78 8.93 -18.78 31.43
CA HIS B 78 9.85 -17.87 30.72
C HIS B 78 9.14 -16.62 30.25
N LEU B 79 7.85 -16.75 29.97
CA LEU B 79 7.05 -15.64 29.52
C LEU B 79 5.68 -15.70 30.15
N ILE B 80 5.25 -14.56 30.69
CA ILE B 80 3.92 -14.39 31.29
C ILE B 80 3.16 -13.26 30.55
N VAL B 81 2.00 -13.59 29.99
CA VAL B 81 1.18 -12.65 29.24
C VAL B 81 -0.16 -12.43 29.96
N PHE B 82 -0.44 -11.19 30.34
CA PHE B 82 -1.75 -10.81 30.83
C PHE B 82 -2.62 -10.35 29.65
N ALA B 83 -3.81 -10.94 29.52
CA ALA B 83 -4.84 -10.47 28.56
C ALA B 83 -6.18 -10.40 29.27
N SER B 84 -6.20 -9.66 30.37
CA SER B 84 -7.35 -9.54 31.24
C SER B 84 -7.83 -8.09 31.33
N PRO B 85 -9.05 -7.86 31.88
CA PRO B 85 -9.45 -6.46 32.09
C PRO B 85 -8.52 -5.79 33.11
N VAL B 86 -8.27 -4.49 32.95
CA VAL B 86 -7.18 -3.79 33.71
C VAL B 86 -7.37 -3.78 35.24
N GLU B 87 -8.60 -3.87 35.74
CA GLU B 87 -8.85 -4.06 37.19
C GLU B 87 -8.27 -5.40 37.66
N GLU B 88 -8.75 -6.49 37.04
CA GLU B 88 -8.24 -7.86 37.33
C GLU B 88 -6.71 -7.95 37.18
N THR B 89 -6.18 -7.25 36.18
CA THR B 89 -4.73 -7.24 35.90
C THR B 89 -3.91 -6.63 37.05
N LYS B 90 -4.39 -5.53 37.60
CA LYS B 90 -3.79 -4.92 38.79
C LYS B 90 -3.81 -5.94 39.96
N LYS B 91 -4.96 -6.53 40.24
CA LYS B 91 -5.10 -7.56 41.30
C LYS B 91 -4.12 -8.74 41.10
N LEU B 92 -3.95 -9.21 39.88
CA LEU B 92 -3.08 -10.37 39.61
C LEU B 92 -1.59 -10.02 39.61
N LEU B 93 -1.29 -8.77 39.25
CA LEU B 93 0.10 -8.28 39.26
C LEU B 93 0.62 -8.24 40.68
N HIS B 94 -0.27 -7.80 41.58
CA HIS B 94 -0.02 -7.83 43.04
C HIS B 94 0.34 -9.24 43.51
N LYS B 95 -0.43 -10.23 43.08
CA LYS B 95 -0.17 -11.64 43.38
C LYS B 95 1.21 -12.09 42.86
N LEU B 96 1.46 -11.77 41.60
CA LEU B 96 2.75 -12.04 40.91
C LEU B 96 3.96 -11.48 41.68
N ALA B 97 3.81 -10.27 42.20
CA ALA B 97 4.86 -9.58 42.96
C ALA B 97 5.18 -10.30 44.27
N SER B 98 4.23 -11.11 44.77
CA SER B 98 4.45 -12.02 45.91
C SER B 98 5.23 -13.30 45.57
N PHE B 99 5.31 -13.67 44.30
CA PHE B 99 5.86 -14.95 43.85
C PHE B 99 7.36 -14.90 43.67
N HIS B 100 7.97 -16.10 43.58
CA HIS B 100 9.41 -16.29 43.27
C HIS B 100 9.61 -16.74 41.80
N LEU B 101 9.71 -15.73 40.95
CA LEU B 101 9.77 -15.93 39.50
C LEU B 101 11.21 -16.14 39.01
N ARG B 102 11.37 -16.72 37.84
CA ARG B 102 12.69 -16.90 37.22
C ARG B 102 13.44 -15.59 36.96
N GLU B 103 14.77 -15.66 37.00
CA GLU B 103 15.66 -14.49 36.77
C GLU B 103 15.47 -13.83 35.40
N ASP B 104 15.17 -14.65 34.39
CA ASP B 104 15.12 -14.23 32.98
C ASP B 104 13.70 -13.95 32.42
N VAL B 105 12.71 -13.98 33.31
CA VAL B 105 11.31 -13.94 32.88
C VAL B 105 10.99 -12.63 32.17
N ILE B 106 10.04 -12.68 31.26
CA ILE B 106 9.42 -11.48 30.68
C ILE B 106 7.93 -11.54 30.94
N VAL B 107 7.41 -10.39 31.38
CA VAL B 107 6.02 -10.24 31.77
C VAL B 107 5.48 -9.09 30.96
N THR B 108 4.27 -9.26 30.46
CA THR B 108 3.70 -8.33 29.54
C THR B 108 2.21 -8.40 29.65
N ASP B 109 1.56 -7.33 29.22
CA ASP B 109 0.12 -7.22 29.31
C ASP B 109 -0.40 -6.73 28.00
N VAL B 110 -1.72 -6.74 27.95
CA VAL B 110 -2.47 -6.23 26.81
C VAL B 110 -3.47 -5.27 27.42
N GLY B 111 -3.53 -4.04 26.93
CA GLY B 111 -4.43 -3.06 27.51
C GLY B 111 -4.44 -1.84 26.66
N SER B 112 -5.58 -1.18 26.58
CA SER B 112 -5.70 -0.05 25.65
C SER B 112 -5.13 1.23 26.21
N THR B 113 -5.06 1.30 27.54
CA THR B 113 -4.28 2.36 28.22
C THR B 113 -3.14 1.70 28.97
N LYS B 114 -2.09 2.48 29.18
CA LYS B 114 -0.86 2.03 29.83
C LYS B 114 -0.48 2.72 31.16
N GLY B 115 -0.93 3.96 31.36
CA GLY B 115 -0.50 4.76 32.51
C GLY B 115 -0.64 4.07 33.86
N SER B 116 -1.84 3.59 34.12
CA SER B 116 -2.14 3.08 35.43
C SER B 116 -1.44 1.73 35.66
N ILE B 117 -1.40 0.90 34.63
CA ILE B 117 -0.78 -0.40 34.76
C ILE B 117 0.71 -0.27 35.00
N MET B 118 1.34 0.66 34.27
CA MET B 118 2.80 0.89 34.42
C MET B 118 3.14 1.50 35.76
N ASN B 119 2.36 2.49 36.15
CA ASN B 119 2.42 3.08 37.47
C ASN B 119 2.37 1.99 38.59
N GLU B 120 1.46 1.03 38.46
CA GLU B 120 1.36 -0.08 39.42
C GLU B 120 2.57 -0.99 39.41
N ALA B 121 3.07 -1.29 38.22
CA ALA B 121 4.25 -2.17 38.07
C ALA B 121 5.58 -1.58 38.58
N GLU B 122 5.81 -0.30 38.34
CA GLU B 122 6.99 0.40 38.96
C GLU B 122 6.89 0.38 40.48
N ALA B 123 5.66 0.45 40.97
CA ALA B 123 5.39 0.43 42.42
C ALA B 123 5.53 -0.94 43.09
N LEU B 124 5.26 -2.01 42.35
CA LEU B 124 5.35 -3.37 42.90
C LEU B 124 6.68 -4.05 42.70
N PHE B 125 7.33 -3.80 41.58
CA PHE B 125 8.61 -4.44 41.23
C PHE B 125 9.85 -3.52 41.23
N SER B 126 9.63 -2.25 40.86
CA SER B 126 10.69 -1.23 40.70
C SER B 126 11.69 -1.67 39.60
N LYS B 127 12.90 -2.12 39.97
CA LYS B 127 13.95 -2.60 39.05
C LYS B 127 14.26 -4.13 39.11
N GLU B 128 13.46 -4.92 39.83
CA GLU B 128 13.70 -6.39 39.95
C GLU B 128 13.41 -7.24 38.67
N ILE B 129 12.24 -7.01 38.07
CA ILE B 129 11.59 -7.89 37.07
C ILE B 129 11.38 -7.10 35.76
N SER B 130 11.41 -7.79 34.64
CA SER B 130 11.23 -7.15 33.31
C SER B 130 9.76 -7.17 32.87
N PHE B 131 9.02 -6.17 33.35
CA PHE B 131 7.65 -5.93 32.89
C PHE B 131 7.68 -4.97 31.71
N ILE B 132 6.99 -5.38 30.65
CA ILE B 132 6.87 -4.53 29.46
C ILE B 132 5.40 -4.45 29.14
N GLY B 133 4.82 -3.29 29.38
CA GLY B 133 3.45 -3.06 28.96
C GLY B 133 3.31 -3.23 27.47
N GLY B 134 2.15 -3.75 27.06
CA GLY B 134 1.82 -3.93 25.64
C GLY B 134 0.41 -3.48 25.24
N HIS B 135 0.30 -3.05 24.00
CA HIS B 135 -0.96 -2.72 23.44
C HIS B 135 -1.03 -3.11 21.96
N PRO B 136 -1.55 -4.29 21.66
CA PRO B 136 -1.88 -4.63 20.24
C PRO B 136 -3.10 -3.90 19.70
N MET B 137 -2.91 -3.16 18.62
CA MET B 137 -3.99 -2.36 18.05
C MET B 137 -4.78 -3.06 17.00
N ALA B 138 -5.52 -4.05 17.48
CA ALA B 138 -6.39 -4.82 16.66
C ALA B 138 -7.39 -5.56 17.48
N GLY B 139 -8.48 -5.84 16.79
CA GLY B 139 -9.73 -6.23 17.38
C GLY B 139 -10.53 -6.99 16.34
N SER B 140 -11.80 -7.16 16.65
CA SER B 140 -12.64 -8.11 15.93
C SER B 140 -14.11 -7.85 16.27
N HIS B 141 -14.96 -8.43 15.46
CA HIS B 141 -16.40 -8.33 15.63
C HIS B 141 -16.85 -9.24 16.80
N LYS B 142 -16.02 -10.23 17.16
CA LYS B 142 -16.32 -11.21 18.23
C LYS B 142 -15.47 -11.02 19.49
N THR B 143 -15.80 -11.77 20.55
CA THR B 143 -15.12 -11.69 21.86
C THR B 143 -14.45 -12.97 22.40
N GLY B 144 -15.02 -14.12 22.09
CA GLY B 144 -14.53 -15.39 22.60
C GLY B 144 -13.29 -15.99 21.97
N VAL B 145 -12.80 -17.04 22.60
CA VAL B 145 -11.58 -17.74 22.16
C VAL B 145 -11.86 -18.49 20.88
N GLU B 146 -13.10 -18.85 20.63
CA GLU B 146 -13.50 -19.51 19.34
C GLU B 146 -13.13 -18.70 18.06
N SER B 147 -13.04 -17.38 18.23
CA SER B 147 -12.65 -16.41 17.18
C SER B 147 -11.14 -16.06 17.15
N ALA B 148 -10.36 -16.59 18.07
CA ALA B 148 -8.93 -16.30 18.12
C ALA B 148 -8.25 -16.82 16.88
N LYS B 149 -7.27 -16.07 16.39
CA LYS B 149 -6.47 -16.39 15.20
C LYS B 149 -5.07 -15.86 15.32
N ALA B 150 -4.11 -16.59 14.80
CA ALA B 150 -2.69 -16.20 14.90
C ALA B 150 -2.37 -14.90 14.19
N HIS B 151 -3.04 -14.67 13.07
CA HIS B 151 -2.87 -13.46 12.27
C HIS B 151 -3.77 -12.26 12.66
N LEU B 152 -4.46 -12.33 13.79
CA LEU B 152 -5.32 -11.21 14.22
C LEU B 152 -4.63 -9.83 14.20
N PHE B 153 -3.35 -9.79 14.60
CA PHE B 153 -2.57 -8.57 14.74
C PHE B 153 -1.60 -8.29 13.62
N GLU B 154 -1.76 -8.99 12.53
CA GLU B 154 -0.85 -8.88 11.39
C GLU B 154 -0.89 -7.51 10.76
N ASN B 155 0.29 -6.92 10.60
CA ASN B 155 0.47 -5.53 10.13
C ASN B 155 -0.26 -4.48 10.98
N ALA B 156 -0.63 -4.86 12.19
CA ALA B 156 -1.15 -3.91 13.13
C ALA B 156 0.01 -3.35 13.95
N PHE B 157 -0.12 -2.09 14.35
CA PHE B 157 0.71 -1.54 15.38
C PHE B 157 0.51 -2.28 16.71
N TYR B 158 1.64 -2.56 17.36
CA TYR B 158 1.67 -3.22 18.69
C TYR B 158 2.67 -2.44 19.52
N ILE B 159 2.13 -1.70 20.49
CA ILE B 159 2.91 -0.76 21.27
C ILE B 159 3.49 -1.51 22.42
N LEU B 160 4.77 -1.26 22.68
CA LEU B 160 5.46 -1.77 23.88
C LEU B 160 5.94 -0.63 24.76
N THR B 161 5.60 -0.70 26.05
CA THR B 161 5.99 0.37 27.03
C THR B 161 6.77 -0.27 28.17
N PRO B 162 8.11 -0.30 28.03
CA PRO B 162 8.90 -0.99 29.01
C PRO B 162 9.12 -0.14 30.24
N MET B 163 9.30 -0.80 31.37
CA MET B 163 9.71 -0.10 32.56
C MET B 163 11.02 0.63 32.28
N HIS B 164 11.26 1.64 33.12
CA HIS B 164 12.37 2.59 32.94
C HIS B 164 13.73 1.89 32.86
N HIS B 165 13.86 0.81 33.63
CA HIS B 165 15.12 0.08 33.76
C HIS B 165 15.39 -1.06 32.79
N VAL B 166 14.35 -1.50 32.10
CA VAL B 166 14.42 -2.76 31.34
C VAL B 166 15.46 -2.59 30.23
N PRO B 167 16.41 -3.52 30.12
CA PRO B 167 17.39 -3.34 29.04
C PRO B 167 16.80 -3.54 27.66
N ASN B 168 17.38 -2.91 26.65
CA ASN B 168 16.92 -3.09 25.27
C ASN B 168 16.92 -4.56 24.78
N GLU B 169 17.83 -5.36 25.32
CA GLU B 169 17.90 -6.80 25.02
C GLU B 169 16.62 -7.55 25.39
N HIS B 170 15.97 -7.17 26.49
CA HIS B 170 14.71 -7.82 26.93
C HIS B 170 13.50 -7.41 26.10
N VAL B 171 13.55 -6.18 25.61
CA VAL B 171 12.53 -5.68 24.70
C VAL B 171 12.62 -6.42 23.33
N GLU B 172 13.84 -6.61 22.84
CA GLU B 172 14.07 -7.41 21.61
C GLU B 172 13.64 -8.87 21.80
N GLU B 173 13.90 -9.39 23.00
CA GLU B 173 13.50 -10.77 23.32
C GLU B 173 12.00 -10.97 23.18
N LEU B 174 11.26 -10.01 23.71
CA LEU B 174 9.80 -10.04 23.68
C LEU B 174 9.29 -9.93 22.25
N LYS B 175 9.91 -9.06 21.48
CA LYS B 175 9.60 -8.99 20.04
C LYS B 175 9.78 -10.33 19.34
N ASP B 176 10.85 -11.03 19.68
CA ASP B 176 11.10 -12.39 19.17
C ASP B 176 9.99 -13.36 19.62
N TRP B 177 9.63 -13.36 20.90
CA TRP B 177 8.47 -14.18 21.37
C TRP B 177 7.18 -14.01 20.54
N LEU B 178 6.94 -12.79 20.08
CA LEU B 178 5.70 -12.38 19.40
C LEU B 178 5.87 -12.22 17.89
N LYS B 179 7.02 -12.68 17.37
CA LYS B 179 7.37 -12.66 15.92
C LYS B 179 6.21 -13.11 15.09
N GLY B 180 5.55 -14.14 15.57
CA GLY B 180 4.41 -14.77 14.87
C GLY B 180 3.19 -13.93 14.59
N THR B 181 3.04 -12.86 15.37
CA THR B 181 1.94 -11.92 15.18
C THR B 181 1.97 -11.18 13.83
N GLY B 182 3.18 -10.97 13.31
CA GLY B 182 3.39 -10.13 12.14
C GLY B 182 3.13 -8.64 12.37
N SER B 183 3.02 -8.23 13.64
CA SER B 183 2.70 -6.84 13.97
C SER B 183 3.90 -5.94 13.71
N HIS B 184 3.68 -4.64 13.52
CA HIS B 184 4.82 -3.67 13.67
C HIS B 184 4.93 -3.08 15.09
N PHE B 185 5.98 -3.51 15.76
CA PHE B 185 6.26 -3.13 17.16
C PHE B 185 6.86 -1.74 17.26
N LEU B 186 6.32 -0.94 18.17
CA LEU B 186 6.85 0.40 18.44
C LEU B 186 7.07 0.45 19.91
N VAL B 187 8.23 0.98 20.32
CA VAL B 187 8.55 1.13 21.73
C VAL B 187 8.28 2.58 22.09
N LEU B 188 7.34 2.80 23.00
CA LEU B 188 6.95 4.15 23.44
C LEU B 188 7.07 4.31 24.92
N ASN B 189 7.19 5.55 25.38
CA ASN B 189 7.01 5.82 26.79
C ASN B 189 5.52 5.89 27.10
N THR B 190 5.17 5.53 28.31
CA THR B 190 3.81 5.42 28.79
C THR B 190 2.90 6.65 28.63
N GLU B 191 3.41 7.81 28.93
CA GLU B 191 2.67 9.06 28.75
C GLU B 191 2.38 9.33 27.26
N GLU B 192 3.38 9.09 26.42
CA GLU B 192 3.29 9.25 24.99
C GLU B 192 2.19 8.35 24.41
N HIS B 193 2.14 7.12 24.88
CA HIS B 193 1.12 6.18 24.44
C HIS B 193 -0.31 6.64 24.82
N ASP B 194 -0.51 7.04 26.06
CA ASP B 194 -1.84 7.50 26.48
C ASP B 194 -2.25 8.84 25.83
N TYR B 195 -1.29 9.70 25.57
CA TYR B 195 -1.55 10.95 24.91
C TYR B 195 -2.04 10.69 23.48
N VAL B 196 -1.27 9.91 22.74
CA VAL B 196 -1.55 9.62 21.33
C VAL B 196 -2.87 8.87 21.15
N THR B 197 -3.04 7.80 21.92
CA THR B 197 -4.23 6.98 21.79
C THR B 197 -5.43 7.77 22.25
N GLY B 198 -5.21 8.62 23.24
CA GLY B 198 -6.22 9.58 23.67
C GLY B 198 -6.76 10.42 22.53
N ILE B 199 -5.87 10.99 21.73
CA ILE B 199 -6.29 11.86 20.64
C ILE B 199 -6.97 11.08 19.49
N VAL B 200 -6.37 9.96 19.17
CA VAL B 200 -6.57 9.27 17.94
C VAL B 200 -7.64 8.15 18.06
N SER B 201 -7.83 7.62 19.25
CA SER B 201 -8.81 6.55 19.48
C SER B 201 -9.89 6.91 20.51
N HIS B 202 -9.49 7.35 21.71
CA HIS B 202 -10.45 7.44 22.79
C HIS B 202 -11.43 8.58 22.61
N PHE B 203 -10.87 9.68 22.18
CA PHE B 203 -11.63 10.88 22.04
C PHE B 203 -12.67 10.71 20.96
N PRO B 204 -12.32 10.12 19.80
CA PRO B 204 -13.40 9.84 18.83
C PRO B 204 -14.53 8.96 19.35
N HIS B 205 -14.22 8.00 20.21
CA HIS B 205 -15.25 7.18 20.83
C HIS B 205 -16.21 8.04 21.64
N LEU B 206 -15.68 9.02 22.38
CA LEU B 206 -16.53 9.97 23.13
C LEU B 206 -17.42 10.82 22.25
N ILE B 207 -16.87 11.36 21.18
CA ILE B 207 -17.62 12.17 20.23
C ILE B 207 -18.70 11.36 19.52
N ALA B 208 -18.34 10.15 19.09
CA ALA B 208 -19.31 9.26 18.45
C ALA B 208 -20.52 9.07 19.32
N ALA B 209 -20.27 8.80 20.58
CA ALA B 209 -21.38 8.54 21.52
C ALA B 209 -22.18 9.77 21.74
N GLY B 210 -21.49 10.89 21.88
CA GLY B 210 -22.14 12.19 21.95
C GLY B 210 -23.05 12.46 20.78
N LEU B 211 -22.59 12.20 19.56
CA LEU B 211 -23.46 12.40 18.37
C LEU B 211 -24.73 11.58 18.43
N VAL B 212 -24.59 10.30 18.76
CA VAL B 212 -25.73 9.40 18.90
C VAL B 212 -26.71 9.99 19.85
N LYS B 213 -26.20 10.52 20.94
CA LYS B 213 -27.01 10.98 22.07
C LYS B 213 -27.77 12.26 21.72
N GLN B 214 -27.06 13.19 21.09
CA GLN B 214 -27.63 14.39 20.49
C GLN B 214 -28.79 14.07 19.56
N VAL B 215 -28.61 13.09 18.69
CA VAL B 215 -29.65 12.73 17.74
C VAL B 215 -30.85 12.10 18.42
N GLU B 216 -30.62 11.18 19.35
CA GLU B 216 -31.71 10.53 20.11
C GLU B 216 -32.56 11.54 20.88
N LYS B 217 -31.92 12.58 21.42
CA LYS B 217 -32.60 13.67 22.14
C LYS B 217 -33.78 14.22 21.33
N HIS B 218 -33.56 14.35 20.02
CA HIS B 218 -34.52 14.96 19.12
C HIS B 218 -35.49 14.00 18.49
N ALA B 219 -35.20 12.71 18.61
CA ALA B 219 -35.94 11.68 17.87
C ALA B 219 -37.38 11.47 18.36
N GLY B 220 -37.62 11.76 19.63
CA GLY B 220 -38.99 11.81 20.15
C GLY B 220 -39.85 12.90 19.52
N ASP B 221 -39.25 14.02 19.14
CA ASP B 221 -40.01 15.20 18.66
C ASP B 221 -40.40 15.05 17.19
N ASN B 222 -39.54 14.41 16.40
CA ASN B 222 -39.90 13.91 15.05
C ASN B 222 -39.37 12.50 14.79
N PRO B 223 -40.26 11.49 14.71
CA PRO B 223 -39.88 10.12 14.33
C PRO B 223 -39.13 9.95 12.99
N LEU B 224 -39.22 10.95 12.10
CA LEU B 224 -38.45 10.93 10.83
C LEU B 224 -36.95 10.91 11.01
N ILE B 225 -36.50 11.42 12.14
CA ILE B 225 -35.10 11.40 12.48
C ILE B 225 -34.58 9.97 12.59
N HIS B 226 -35.37 9.05 13.15
CA HIS B 226 -35.01 7.62 13.24
C HIS B 226 -34.91 7.04 11.82
N GLN B 227 -35.91 7.36 10.99
CA GLN B 227 -36.01 6.82 9.63
C GLN B 227 -34.93 7.38 8.70
N LEU B 228 -34.86 8.70 8.60
CA LEU B 228 -33.92 9.41 7.70
C LEU B 228 -32.46 9.50 8.15
N ALA B 229 -32.13 8.96 9.31
CA ALA B 229 -30.72 8.83 9.68
C ALA B 229 -29.76 8.59 8.51
N ALA B 230 -28.90 9.57 8.26
CA ALA B 230 -28.06 9.60 7.05
C ALA B 230 -26.88 8.64 7.14
N GLY B 231 -26.30 8.36 6.00
CA GLY B 231 -25.15 7.49 5.93
C GLY B 231 -23.99 8.04 6.75
N GLY B 232 -23.69 9.32 6.55
CA GLY B 232 -22.56 9.99 7.22
C GLY B 232 -22.63 9.95 8.73
N PHE B 233 -23.84 10.19 9.25
CA PHE B 233 -24.13 10.06 10.68
C PHE B 233 -23.89 8.62 11.20
N LYS B 234 -24.40 7.64 10.45
CA LYS B 234 -24.21 6.22 10.75
C LYS B 234 -22.75 5.82 10.79
N ASP B 235 -22.00 6.37 9.85
CA ASP B 235 -20.58 6.01 9.70
C ASP B 235 -19.73 6.58 10.80
N ILE B 236 -19.89 7.86 11.05
CA ILE B 236 -19.13 8.38 12.14
C ILE B 236 -19.47 7.77 13.52
N THR B 237 -20.70 7.26 13.69
CA THR B 237 -21.13 6.63 14.96
C THR B 237 -21.07 5.10 15.05
N ARG B 238 -20.57 4.43 14.07
CA ARG B 238 -20.50 2.97 14.12
C ARG B 238 -19.77 2.42 15.31
N ILE B 239 -18.69 3.08 15.68
CA ILE B 239 -17.96 2.71 16.90
C ILE B 239 -18.73 2.81 18.22
N ALA B 240 -19.80 3.58 18.22
CA ALA B 240 -20.68 3.66 19.38
C ALA B 240 -21.32 2.34 19.77
N SER B 241 -21.18 1.33 18.91
CA SER B 241 -21.58 -0.05 19.26
C SER B 241 -20.57 -0.88 20.07
N SER B 242 -19.40 -0.32 20.35
CA SER B 242 -18.40 -1.00 21.18
C SER B 242 -18.80 -1.11 22.64
N SER B 243 -18.13 -2.01 23.35
CA SER B 243 -18.50 -2.37 24.73
C SER B 243 -18.53 -1.12 25.60
N PRO B 244 -19.68 -0.74 26.12
CA PRO B 244 -19.68 0.31 27.14
C PRO B 244 -18.80 0.08 28.38
N LYS B 245 -18.71 -1.17 28.84
CA LYS B 245 -17.85 -1.48 29.98
C LYS B 245 -16.40 -1.15 29.64
N MET B 246 -15.92 -1.69 28.55
CA MET B 246 -14.53 -1.51 28.17
C MET B 246 -14.20 -0.03 28.04
N TRP B 247 -15.08 0.72 27.38
CA TRP B 247 -14.82 2.13 27.09
C TRP B 247 -14.91 3.05 28.28
N SER B 248 -15.78 2.72 29.22
CA SER B 248 -15.85 3.49 30.44
C SER B 248 -14.59 3.31 31.26
N ASP B 249 -14.04 2.11 31.28
CA ASP B 249 -12.73 1.89 31.94
C ASP B 249 -11.60 2.69 31.27
N ILE B 250 -11.58 2.68 29.96
CA ILE B 250 -10.57 3.40 29.20
C ILE B 250 -10.62 4.91 29.54
N VAL B 251 -11.83 5.44 29.56
CA VAL B 251 -12.07 6.85 29.82
C VAL B 251 -11.66 7.23 31.23
N LYS B 252 -12.08 6.44 32.21
CA LYS B 252 -11.65 6.61 33.61
C LYS B 252 -10.10 6.57 33.70
N GLN B 253 -9.47 5.59 33.04
CA GLN B 253 -8.01 5.46 33.11
C GLN B 253 -7.21 6.53 32.36
N ASN B 254 -7.81 7.22 31.39
CA ASN B 254 -7.12 8.28 30.64
C ASN B 254 -7.86 9.62 30.83
N ARG B 255 -8.38 9.81 32.04
CA ARG B 255 -9.28 10.91 32.34
C ARG B 255 -8.67 12.30 32.05
N GLU B 256 -7.46 12.51 32.52
CA GLU B 256 -6.87 13.84 32.43
C GLU B 256 -6.57 14.24 30.99
N HIS B 257 -6.03 13.31 30.21
CA HIS B 257 -5.80 13.57 28.78
C HIS B 257 -7.09 14.00 28.11
N LEU B 258 -8.17 13.30 28.45
CA LEU B 258 -9.47 13.50 27.82
C LEU B 258 -10.12 14.85 28.26
N MET B 259 -9.93 15.19 29.52
CA MET B 259 -10.42 16.48 30.04
C MET B 259 -9.81 17.67 29.31
N VAL B 260 -8.50 17.59 29.13
CA VAL B 260 -7.80 18.55 28.28
C VAL B 260 -8.35 18.56 26.83
N LEU B 261 -8.44 17.41 26.19
CA LEU B 261 -9.00 17.31 24.85
C LEU B 261 -10.43 17.88 24.71
N LEU B 262 -11.28 17.55 25.68
CA LEU B 262 -12.66 18.05 25.67
C LEU B 262 -12.73 19.58 25.77
N LYS B 263 -11.79 20.14 26.54
CA LYS B 263 -11.70 21.55 26.69
C LYS B 263 -11.29 22.21 25.39
N GLU B 264 -10.29 21.67 24.73
CA GLU B 264 -9.89 22.20 23.43
C GLU B 264 -11.07 22.11 22.45
N TRP B 265 -11.82 21.00 22.53
CA TRP B 265 -12.92 20.69 21.62
C TRP B 265 -14.04 21.68 21.81
N ILE B 266 -14.33 21.99 23.07
CA ILE B 266 -15.37 22.98 23.36
C ILE B 266 -14.97 24.32 22.75
N SER B 267 -13.70 24.66 22.90
CA SER B 267 -13.17 25.85 22.29
C SER B 267 -13.26 25.85 20.75
N GLU B 268 -12.93 24.72 20.14
CA GLU B 268 -13.05 24.57 18.69
C GLU B 268 -14.48 24.77 18.20
N MET B 269 -15.42 24.26 18.97
CA MET B 269 -16.84 24.32 18.60
C MET B 269 -17.33 25.76 18.74
N GLU B 270 -16.81 26.47 19.72
CA GLU B 270 -17.12 27.88 19.87
C GLU B 270 -16.59 28.72 18.69
N ASP B 271 -15.41 28.40 18.20
CA ASP B 271 -14.87 29.07 17.00
C ASP B 271 -15.65 28.71 15.75
N LEU B 272 -16.06 27.46 15.67
CA LEU B 272 -16.89 26.98 14.58
C LEU B 272 -18.24 27.69 14.62
N TYR B 273 -18.79 27.82 15.81
CA TYR B 273 -20.03 28.57 15.98
C TYR B 273 -19.90 30.01 15.44
N ASP B 274 -18.76 30.66 15.71
CA ASP B 274 -18.48 32.02 15.17
C ASP B 274 -18.40 32.01 13.63
N THR B 275 -17.68 31.03 13.08
CA THR B 275 -17.50 30.90 11.64
C THR B 275 -18.83 30.67 10.94
N VAL B 276 -19.59 29.72 11.44
CA VAL B 276 -20.89 29.40 10.86
C VAL B 276 -21.83 30.59 10.95
N SER B 277 -21.91 31.19 12.13
CA SER B 277 -22.81 32.34 12.33
C SER B 277 -22.37 33.64 11.63
N SER B 278 -21.07 33.85 11.43
CA SER B 278 -20.60 34.99 10.58
C SER B 278 -21.07 34.84 9.13
N GLY B 279 -21.29 33.59 8.70
CA GLY B 279 -21.87 33.30 7.38
C GLY B 279 -20.95 33.47 6.17
N ASP B 280 -19.65 33.70 6.44
CA ASP B 280 -18.61 33.86 5.39
C ASP B 280 -18.32 32.50 4.73
N ALA B 281 -18.87 32.30 3.54
CA ALA B 281 -18.73 31.04 2.76
C ALA B 281 -17.26 30.66 2.46
N GLY B 282 -16.42 31.67 2.24
CA GLY B 282 -14.97 31.50 2.08
C GLY B 282 -14.27 30.91 3.30
N GLU B 283 -14.64 31.41 4.48
CA GLU B 283 -14.09 30.87 5.75
C GLU B 283 -14.58 29.47 6.09
N ILE B 284 -15.87 29.27 5.87
CA ILE B 284 -16.51 27.95 6.01
C ILE B 284 -15.85 26.95 5.03
N GLN B 285 -15.69 27.35 3.79
CA GLN B 285 -15.06 26.51 2.80
C GLN B 285 -13.64 26.16 3.22
N ASN B 286 -12.93 27.13 3.81
CA ASN B 286 -11.57 26.89 4.32
C ASN B 286 -11.47 25.91 5.44
N TYR B 287 -12.48 25.92 6.29
CA TYR B 287 -12.56 24.99 7.40
C TYR B 287 -12.67 23.53 6.83
N PHE B 288 -13.62 23.34 5.92
CA PHE B 288 -13.83 22.05 5.28
C PHE B 288 -12.62 21.59 4.45
N ALA B 289 -12.01 22.52 3.72
CA ALA B 289 -10.86 22.21 2.87
C ALA B 289 -9.69 21.79 3.71
N ASP B 290 -9.45 22.47 4.82
CA ASP B 290 -8.37 22.08 5.74
C ASP B 290 -8.60 20.63 6.18
N ALA B 291 -9.82 20.30 6.60
CA ALA B 291 -10.17 18.92 7.02
C ALA B 291 -10.01 17.87 5.89
N LYS B 292 -10.45 18.22 4.69
CA LYS B 292 -10.32 17.32 3.56
C LYS B 292 -8.88 17.09 3.20
N GLU B 293 -8.16 18.18 3.00
CA GLU B 293 -6.74 18.08 2.66
C GLU B 293 -6.03 17.10 3.67
N TYR B 294 -6.35 17.23 4.94
CA TYR B 294 -5.65 16.46 5.93
C TYR B 294 -6.07 15.02 5.86
N ARG B 295 -7.38 14.82 5.87
CA ARG B 295 -7.92 13.50 5.82
C ARG B 295 -7.45 12.77 4.55
N ASP B 296 -7.45 13.43 3.40
CA ASP B 296 -6.94 12.83 2.17
C ASP B 296 -5.46 12.40 2.22
N SER B 297 -4.69 13.03 3.09
CA SER B 297 -3.26 12.79 3.26
C SER B 297 -2.94 11.56 4.10
N LEU B 298 -3.89 11.08 4.85
CA LEU B 298 -3.67 9.91 5.70
C LEU B 298 -3.56 8.61 4.91
N PRO B 299 -2.78 7.67 5.45
CA PRO B 299 -2.41 6.47 4.72
C PRO B 299 -3.57 5.66 4.15
N VAL B 300 -3.31 5.10 3.00
CA VAL B 300 -4.29 4.33 2.26
C VAL B 300 -4.18 2.85 2.65
N ARG B 301 -5.28 2.29 3.18
CA ARG B 301 -5.51 0.83 3.39
C ARG B 301 -4.55 0.22 4.40
N LYS B 302 -4.17 1.05 5.38
CA LYS B 302 -3.35 0.63 6.53
C LYS B 302 -4.15 0.48 7.79
N ARG B 303 -3.48 -0.13 8.75
CA ARG B 303 -4.05 -0.35 10.05
C ARG B 303 -3.57 0.74 10.97
N GLY B 304 -4.53 1.22 11.77
CA GLY B 304 -4.29 2.18 12.84
C GLY B 304 -4.89 1.83 14.20
N ALA B 305 -5.15 2.87 14.99
CA ALA B 305 -5.62 2.68 16.35
C ALA B 305 -7.07 2.25 16.51
N ILE B 306 -7.90 2.50 15.51
CA ILE B 306 -9.31 2.13 15.55
C ILE B 306 -9.49 1.01 14.55
N PRO B 307 -10.01 -0.12 14.98
CA PRO B 307 -10.11 -1.12 13.94
C PRO B 307 -11.02 -0.62 12.81
N ALA B 308 -10.52 -0.88 11.61
CA ALA B 308 -11.18 -0.52 10.36
C ALA B 308 -12.42 -1.36 10.07
N TYR B 309 -13.27 -0.86 9.20
CA TYR B 309 -14.50 -1.65 8.82
C TYR B 309 -14.37 -2.69 7.66
N HIS B 310 -13.47 -2.40 6.73
CA HIS B 310 -13.25 -3.13 5.53
C HIS B 310 -14.54 -3.39 4.78
N ASP B 311 -15.11 -2.28 4.36
CA ASP B 311 -16.38 -2.26 3.71
C ASP B 311 -16.27 -2.24 2.22
N LEU B 312 -17.22 -2.89 1.58
CA LEU B 312 -17.32 -2.93 0.13
C LEU B 312 -18.73 -2.67 -0.24
N TYR B 313 -18.91 -1.78 -1.18
CA TYR B 313 -20.26 -1.39 -1.64
C TYR B 313 -20.52 -2.04 -3.00
N VAL B 314 -21.71 -2.61 -3.17
CA VAL B 314 -22.04 -3.32 -4.36
C VAL B 314 -23.34 -2.81 -4.95
N ASP B 315 -23.27 -2.55 -6.24
CA ASP B 315 -24.40 -2.29 -7.07
C ASP B 315 -25.22 -3.53 -7.38
N VAL B 316 -26.41 -3.59 -6.84
CA VAL B 316 -27.33 -4.68 -7.06
C VAL B 316 -28.71 -4.12 -7.32
N LEU B 317 -29.47 -4.87 -8.11
CA LEU B 317 -30.87 -4.59 -8.40
C LEU B 317 -31.76 -5.26 -7.40
N ASP B 318 -32.85 -4.61 -7.06
CA ASP B 318 -33.77 -5.20 -6.12
C ASP B 318 -34.67 -6.26 -6.84
N LYS B 319 -34.20 -7.48 -6.81
CA LYS B 319 -34.99 -8.59 -7.23
C LYS B 319 -34.70 -9.78 -6.38
N VAL B 320 -35.60 -10.71 -6.42
CA VAL B 320 -35.49 -11.92 -5.65
C VAL B 320 -34.15 -12.59 -5.97
N GLY B 321 -33.46 -13.02 -4.94
CA GLY B 321 -32.20 -13.71 -5.13
C GLY B 321 -30.95 -12.87 -5.26
N ALA B 322 -31.08 -11.56 -5.21
CA ALA B 322 -29.89 -10.70 -5.40
C ALA B 322 -28.82 -10.94 -4.32
N LEU B 323 -29.25 -10.95 -3.07
CA LEU B 323 -28.38 -11.28 -1.96
C LEU B 323 -27.83 -12.70 -1.95
N ALA B 324 -28.70 -13.68 -2.25
CA ALA B 324 -28.28 -15.03 -2.46
C ALA B 324 -27.12 -15.13 -3.45
N HIS B 325 -27.20 -14.38 -4.54
CA HIS B 325 -26.22 -14.54 -5.63
C HIS B 325 -24.92 -14.03 -5.14
N VAL B 326 -24.98 -12.86 -4.49
CA VAL B 326 -23.79 -12.22 -3.99
C VAL B 326 -23.15 -13.02 -2.89
N THR B 327 -23.93 -13.46 -1.92
CA THR B 327 -23.33 -14.26 -0.85
C THR B 327 -22.83 -15.63 -1.36
N SER B 328 -23.50 -16.24 -2.33
CA SER B 328 -22.99 -17.51 -2.84
C SER B 328 -21.61 -17.32 -3.43
N ILE B 329 -21.44 -16.26 -4.22
CA ILE B 329 -20.18 -15.99 -4.85
C ILE B 329 -19.11 -15.91 -3.77
N LEU B 330 -19.37 -15.16 -2.73
CA LEU B 330 -18.38 -14.94 -1.67
C LEU B 330 -18.00 -16.18 -0.89
N ALA B 331 -19.00 -16.99 -0.62
CA ALA B 331 -18.85 -18.28 0.07
C ALA B 331 -18.06 -19.26 -0.73
N ARG B 332 -18.25 -19.22 -2.03
CA ARG B 332 -17.48 -20.12 -2.94
C ARG B 332 -16.00 -19.76 -2.94
N GLU B 333 -15.71 -18.50 -2.75
CA GLU B 333 -14.31 -17.99 -2.52
C GLU B 333 -13.80 -18.15 -1.09
N GLU B 334 -14.64 -18.73 -0.24
CA GLU B 334 -14.32 -19.03 1.15
C GLU B 334 -13.98 -17.80 1.96
N ILE B 335 -14.73 -16.74 1.67
CA ILE B 335 -14.69 -15.50 2.41
C ILE B 335 -15.85 -15.46 3.37
N SER B 336 -15.49 -15.21 4.62
CA SER B 336 -16.46 -14.98 5.69
C SER B 336 -16.86 -13.50 5.80
N ILE B 337 -18.14 -13.25 5.88
CA ILE B 337 -18.70 -11.88 5.91
C ILE B 337 -18.91 -11.52 7.37
N THR B 338 -18.50 -10.34 7.79
CA THR B 338 -18.81 -9.94 9.17
C THR B 338 -20.15 -9.27 9.29
N ASN B 339 -20.51 -8.51 8.27
CA ASN B 339 -21.84 -7.88 8.21
C ASN B 339 -22.24 -7.50 6.84
N LEU B 340 -23.49 -7.15 6.72
CA LEU B 340 -23.99 -6.59 5.49
C LEU B 340 -25.25 -5.78 5.75
N GLN B 341 -25.52 -4.88 4.83
CA GLN B 341 -26.70 -4.00 4.92
C GLN B 341 -27.17 -3.48 3.60
N ILE B 342 -28.47 -3.26 3.48
CA ILE B 342 -29.00 -2.53 2.35
C ILE B 342 -29.18 -1.08 2.80
N LEU B 343 -28.54 -0.15 2.13
CA LEU B 343 -28.62 1.23 2.60
C LEU B 343 -29.75 1.97 1.92
N GLU B 344 -30.67 2.50 2.67
CA GLU B 344 -31.72 3.37 2.13
C GLU B 344 -31.37 4.85 2.07
N ALA B 345 -30.39 5.26 2.86
CA ALA B 345 -29.83 6.69 2.89
C ALA B 345 -28.29 6.88 2.60
N ARG B 346 -28.01 7.16 1.33
CA ARG B 346 -26.73 6.81 0.74
C ARG B 346 -26.17 7.87 -0.18
N GLU B 347 -26.45 9.07 0.23
CA GLU B 347 -25.97 10.26 -0.50
C GLU B 347 -24.43 10.34 -0.45
N GLY B 348 -23.84 10.46 -1.65
CA GLY B 348 -22.42 10.24 -1.84
C GLY B 348 -21.91 8.80 -1.95
N LEU B 349 -22.75 7.78 -1.82
CA LEU B 349 -22.29 6.41 -1.78
C LEU B 349 -22.96 5.69 -2.85
N LEU B 350 -22.25 5.52 -3.95
CA LEU B 350 -22.71 4.60 -4.98
C LEU B 350 -22.75 3.17 -4.43
N GLY B 351 -23.69 2.41 -4.91
CA GLY B 351 -23.79 1.03 -4.46
C GLY B 351 -24.61 0.75 -3.21
N VAL B 352 -25.65 -0.03 -3.39
CA VAL B 352 -26.71 -0.14 -2.39
C VAL B 352 -26.45 -1.17 -1.29
N LEU B 353 -25.68 -2.22 -1.59
CA LEU B 353 -25.44 -3.25 -0.62
C LEU B 353 -24.04 -3.00 -0.04
N ARG B 354 -23.94 -2.87 1.26
CA ARG B 354 -22.64 -2.72 1.92
C ARG B 354 -22.26 -4.03 2.62
N ILE B 355 -21.12 -4.59 2.25
CA ILE B 355 -20.62 -5.81 2.85
C ILE B 355 -19.35 -5.45 3.69
N SER B 356 -19.27 -5.97 4.93
CA SER B 356 -18.14 -5.76 5.80
C SER B 356 -17.34 -7.04 5.93
N PHE B 357 -16.02 -6.92 5.91
CA PHE B 357 -15.12 -8.07 6.08
C PHE B 357 -14.19 -7.94 7.27
N GLN B 358 -13.58 -9.05 7.64
CA GLN B 358 -12.69 -9.14 8.82
C GLN B 358 -11.38 -8.46 8.58
N ARG B 359 -10.87 -8.52 7.36
CA ARG B 359 -9.59 -7.94 7.05
C ARG B 359 -9.47 -7.60 5.61
N GLU B 360 -8.46 -6.79 5.30
CA GLU B 360 -8.30 -6.19 3.99
C GLU B 360 -8.15 -7.21 2.85
N GLU B 361 -7.37 -8.26 3.07
CA GLU B 361 -7.19 -9.35 2.11
C GLU B 361 -8.56 -9.89 1.67
N ASP B 362 -9.46 -10.11 2.62
CA ASP B 362 -10.78 -10.62 2.30
C ASP B 362 -11.64 -9.68 1.48
N ARG B 363 -11.55 -8.39 1.75
CA ARG B 363 -12.31 -7.40 0.95
C ARG B 363 -11.80 -7.34 -0.49
N MET B 364 -10.49 -7.34 -0.61
CA MET B 364 -9.85 -7.33 -1.89
C MET B 364 -10.29 -8.52 -2.75
N LYS B 365 -10.33 -9.68 -2.13
CA LYS B 365 -10.67 -10.93 -2.76
C LYS B 365 -12.11 -10.92 -3.23
N ALA B 366 -13.00 -10.40 -2.39
CA ALA B 366 -14.42 -10.25 -2.67
C ALA B 366 -14.68 -9.26 -3.80
N LYS B 367 -13.88 -8.24 -3.85
CA LYS B 367 -13.95 -7.27 -4.91
C LYS B 367 -13.62 -7.91 -6.25
N LEU B 368 -12.61 -8.76 -6.28
CA LEU B 368 -12.21 -9.45 -7.50
C LEU B 368 -13.25 -10.49 -7.96
N ALA B 369 -13.74 -11.26 -7.02
CA ALA B 369 -14.71 -12.27 -7.31
C ALA B 369 -16.00 -11.64 -7.84
N LEU B 370 -16.46 -10.59 -7.17
CA LEU B 370 -17.69 -9.96 -7.64
C LEU B 370 -17.51 -9.31 -8.98
N GLY B 371 -16.36 -8.67 -9.18
CA GLY B 371 -15.99 -8.09 -10.47
C GLY B 371 -15.99 -9.08 -11.61
N GLU B 372 -15.36 -10.23 -11.40
CA GLU B 372 -15.38 -11.27 -12.41
C GLU B 372 -16.79 -11.75 -12.77
N GLU B 373 -17.73 -11.60 -11.86
CA GLU B 373 -19.13 -11.91 -12.12
C GLU B 373 -19.94 -10.69 -12.58
N LYS B 374 -19.25 -9.66 -13.04
CA LYS B 374 -19.91 -8.48 -13.63
C LYS B 374 -20.69 -7.61 -12.65
N TYR B 375 -20.32 -7.66 -11.37
CA TYR B 375 -20.83 -6.71 -10.41
C TYR B 375 -19.95 -5.47 -10.41
N GLN B 376 -20.61 -4.32 -10.37
CA GLN B 376 -19.93 -3.06 -10.15
C GLN B 376 -19.76 -2.92 -8.63
N THR B 377 -18.57 -2.60 -8.19
CA THR B 377 -18.35 -2.31 -6.76
C THR B 377 -17.61 -0.97 -6.49
N TYR B 378 -17.74 -0.48 -5.27
CA TYR B 378 -17.10 0.76 -4.85
C TYR B 378 -16.53 0.61 -3.46
N GLU B 379 -15.55 1.47 -3.19
CA GLU B 379 -14.76 1.47 -1.96
C GLU B 379 -14.67 2.97 -1.65
N THR B 380 -14.63 3.33 -0.37
CA THR B 380 -14.57 4.75 0.00
C THR B 380 -13.17 5.23 -0.22
N ILE B 381 -13.08 6.49 -0.69
CA ILE B 381 -11.79 7.22 -0.82
C ILE B 381 -11.69 8.24 0.35
N GLU C 9 -4.37 4.96 -59.24
CA GLU C 9 -3.02 4.38 -58.91
C GLU C 9 -2.88 3.91 -57.45
N SER C 10 -3.39 4.69 -56.51
CA SER C 10 -3.40 4.24 -55.11
C SER C 10 -4.72 3.47 -54.80
N LEU C 11 -4.59 2.46 -53.94
CA LEU C 11 -5.68 1.61 -53.55
C LEU C 11 -6.64 2.32 -52.65
N GLU C 12 -7.92 2.13 -52.85
CA GLU C 12 -8.94 2.82 -52.09
C GLU C 12 -8.81 2.58 -50.60
N MET C 13 -8.48 1.36 -50.24
CA MET C 13 -8.29 1.03 -48.85
C MET C 13 -7.10 1.75 -48.19
N ARG C 14 -6.00 1.91 -48.91
CA ARG C 14 -4.83 2.62 -48.42
C ARG C 14 -5.16 4.11 -48.22
N GLN C 15 -5.84 4.72 -49.18
CA GLN C 15 -6.29 6.11 -49.09
C GLN C 15 -7.17 6.39 -47.88
N MET C 16 -7.86 5.37 -47.44
CA MET C 16 -8.98 5.56 -46.53
C MET C 16 -8.67 5.14 -45.10
N ARG C 17 -7.58 4.39 -44.96
CA ARG C 17 -7.27 3.88 -43.65
C ARG C 17 -6.85 5.09 -42.86
N LYS C 18 -6.98 4.91 -41.55
CA LYS C 18 -6.60 5.86 -40.58
C LYS C 18 -5.11 6.19 -40.66
N LYS C 19 -4.86 7.38 -40.13
CA LYS C 19 -3.63 8.11 -40.30
C LYS C 19 -3.06 8.54 -38.93
N VAL C 20 -1.78 8.29 -38.76
CA VAL C 20 -1.09 8.57 -37.57
C VAL C 20 0.05 9.48 -37.93
N VAL C 21 0.31 10.44 -37.03
CA VAL C 21 1.55 11.22 -37.07
C VAL C 21 2.44 10.91 -35.88
N LEU C 22 3.69 10.65 -36.17
CA LEU C 22 4.71 10.43 -35.15
C LEU C 22 5.71 11.56 -35.24
N ILE C 23 5.88 12.26 -34.11
CA ILE C 23 6.81 13.38 -33.99
C ILE C 23 7.96 12.97 -33.09
N GLY C 24 9.09 12.63 -33.72
CA GLY C 24 10.24 12.07 -33.02
C GLY C 24 10.32 10.61 -33.39
N THR C 25 11.23 10.28 -34.30
CA THR C 25 11.27 8.93 -34.85
C THR C 25 12.56 8.27 -34.46
N GLY C 26 12.66 8.01 -33.16
CA GLY C 26 13.80 7.37 -32.59
C GLY C 26 13.41 6.04 -32.01
N LEU C 27 14.24 5.56 -31.09
CA LEU C 27 14.00 4.29 -30.45
C LEU C 27 12.57 4.20 -29.92
N ILE C 28 12.24 5.13 -29.04
CA ILE C 28 10.95 5.15 -28.35
C ILE C 28 9.79 5.35 -29.34
N GLY C 29 9.89 6.38 -30.17
CA GLY C 29 8.83 6.72 -31.12
C GLY C 29 8.64 5.72 -32.23
N GLY C 30 9.76 5.29 -32.80
CA GLY C 30 9.79 4.18 -33.75
C GLY C 30 9.16 2.93 -33.19
N SER C 31 9.51 2.61 -31.94
CA SER C 31 8.98 1.40 -31.33
C SER C 31 7.48 1.49 -31.20
N LEU C 32 6.99 2.67 -30.87
CA LEU C 32 5.55 2.89 -30.70
C LEU C 32 4.85 2.76 -32.06
N ALA C 33 5.47 3.24 -33.12
CA ALA C 33 4.95 3.10 -34.46
C ALA C 33 4.82 1.64 -34.86
N LEU C 34 5.85 0.84 -34.60
CA LEU C 34 5.78 -0.61 -34.89
C LEU C 34 4.70 -1.32 -34.07
N ALA C 35 4.50 -0.96 -32.82
CA ALA C 35 3.44 -1.52 -32.02
C ALA C 35 2.04 -1.11 -32.53
N ILE C 36 1.95 0.07 -33.11
CA ILE C 36 0.69 0.53 -33.64
C ILE C 36 0.35 -0.29 -34.92
N LYS C 37 1.34 -0.39 -35.79
CA LYS C 37 1.21 -1.11 -37.06
C LYS C 37 0.89 -2.60 -36.87
N LYS C 38 1.44 -3.19 -35.83
CA LYS C 38 1.23 -4.57 -35.48
C LYS C 38 -0.25 -4.91 -35.29
N ASP C 39 -1.07 -3.98 -34.83
CA ASP C 39 -2.51 -4.19 -34.62
C ASP C 39 -3.47 -3.29 -35.39
N HIS C 40 -2.94 -2.41 -36.23
CA HIS C 40 -3.78 -1.47 -36.98
C HIS C 40 -3.20 -1.21 -38.35
N ASP C 41 -4.08 -1.19 -39.36
CA ASP C 41 -3.66 -0.92 -40.70
C ASP C 41 -3.77 0.61 -40.85
N VAL C 42 -2.60 1.27 -40.85
CA VAL C 42 -2.54 2.73 -40.84
C VAL C 42 -1.40 3.25 -41.65
N THR C 43 -1.53 4.50 -42.03
CA THR C 43 -0.46 5.25 -42.68
C THR C 43 0.17 6.11 -41.60
N ILE C 44 1.40 5.79 -41.26
CA ILE C 44 2.12 6.53 -40.28
C ILE C 44 3.01 7.49 -41.05
N THR C 45 2.79 8.77 -40.82
CA THR C 45 3.67 9.75 -41.38
C THR C 45 4.54 10.28 -40.23
N GLY C 46 5.84 10.39 -40.49
CA GLY C 46 6.85 10.65 -39.47
C GLY C 46 7.51 12.00 -39.63
N TYR C 47 8.03 12.50 -38.52
CA TYR C 47 8.72 13.80 -38.45
C TYR C 47 9.81 13.73 -37.40
N ASP C 48 10.95 14.33 -37.72
CA ASP C 48 12.08 14.42 -36.78
C ASP C 48 12.82 15.75 -36.93
N ILE C 49 13.60 16.14 -35.91
CA ILE C 49 14.53 17.26 -36.03
C ILE C 49 15.66 16.81 -36.95
N PHE C 50 16.18 15.59 -36.77
CA PHE C 50 17.22 15.02 -37.66
C PHE C 50 16.63 14.25 -38.86
N GLN C 51 16.77 14.80 -40.06
CA GLN C 51 16.27 14.17 -41.31
C GLN C 51 16.78 12.75 -41.60
N GLU C 52 17.99 12.41 -41.17
CA GLU C 52 18.48 11.03 -41.35
C GLU C 52 17.61 9.97 -40.57
N GLN C 53 17.18 10.26 -39.33
CA GLN C 53 16.36 9.29 -38.58
C GLN C 53 14.99 9.00 -39.21
N VAL C 54 14.32 10.03 -39.77
CA VAL C 54 13.03 9.79 -40.46
C VAL C 54 13.23 9.00 -41.72
N GLU C 55 14.34 9.22 -42.41
CA GLU C 55 14.55 8.52 -43.67
C GLU C 55 14.85 7.06 -43.42
N ARG C 56 15.66 6.81 -42.39
CA ARG C 56 15.95 5.42 -41.99
C ARG C 56 14.72 4.70 -41.48
N ALA C 57 13.89 5.44 -40.76
CA ALA C 57 12.60 4.94 -40.31
C ALA C 57 11.78 4.50 -41.50
N LYS C 58 11.73 5.36 -42.52
CA LYS C 58 11.00 5.03 -43.76
C LYS C 58 11.58 3.77 -44.42
N GLU C 59 12.89 3.77 -44.68
CA GLU C 59 13.58 2.60 -45.27
C GLU C 59 13.23 1.31 -44.52
N LEU C 60 13.17 1.38 -43.17
CA LEU C 60 12.87 0.23 -42.29
C LEU C 60 11.37 -0.06 -42.11
N HIS C 61 10.51 0.61 -42.88
CA HIS C 61 9.05 0.45 -42.76
C HIS C 61 8.55 0.69 -41.32
N VAL C 62 9.20 1.62 -40.63
CA VAL C 62 8.77 2.05 -39.28
C VAL C 62 7.73 3.14 -39.45
N VAL C 63 8.03 4.05 -40.35
CA VAL C 63 7.01 4.96 -40.87
C VAL C 63 6.78 4.67 -42.35
N ASP C 64 5.64 5.09 -42.81
CA ASP C 64 5.20 4.91 -44.20
C ASP C 64 5.60 6.07 -45.08
N GLU C 65 5.43 7.28 -44.55
CA GLU C 65 5.77 8.54 -45.23
C GLU C 65 6.60 9.48 -44.36
N ILE C 66 7.48 10.25 -45.01
CA ILE C 66 8.20 11.36 -44.41
C ILE C 66 7.39 12.62 -44.62
N ALA C 67 7.09 13.33 -43.54
CA ALA C 67 6.19 14.49 -43.58
C ALA C 67 6.80 15.66 -44.35
N VAL C 68 6.19 16.00 -45.49
CA VAL C 68 6.55 17.21 -46.26
C VAL C 68 6.11 18.41 -45.42
N ASP C 69 4.80 18.48 -45.17
CA ASP C 69 4.15 19.61 -44.52
C ASP C 69 3.57 19.09 -43.17
N LEU C 70 4.15 19.57 -42.06
CA LEU C 70 3.74 19.16 -40.70
C LEU C 70 2.26 19.40 -40.39
N GLN C 71 1.79 20.58 -40.73
CA GLN C 71 0.38 20.94 -40.55
C GLN C 71 -0.62 20.05 -41.33
N HIS C 72 -0.32 19.76 -42.60
CA HIS C 72 -1.21 18.94 -43.42
C HIS C 72 -1.38 17.54 -42.81
N ALA C 73 -0.25 16.92 -42.49
CA ALA C 73 -0.25 15.68 -41.79
C ALA C 73 -0.99 15.68 -40.47
N CYS C 74 -0.80 16.69 -39.66
CA CYS C 74 -1.50 16.75 -38.36
C CYS C 74 -3.03 16.93 -38.50
N GLU C 75 -3.44 17.72 -39.49
CA GLU C 75 -4.87 18.09 -39.62
C GLU C 75 -5.73 16.96 -40.15
N GLU C 76 -5.12 16.06 -40.91
CA GLU C 76 -5.77 14.79 -41.34
C GLU C 76 -5.63 13.55 -40.37
N ALA C 77 -4.84 13.68 -39.30
CA ALA C 77 -4.51 12.58 -38.38
C ALA C 77 -5.60 12.17 -37.38
N HIS C 78 -5.83 10.86 -37.26
CA HIS C 78 -6.65 10.33 -36.18
C HIS C 78 -5.87 10.23 -34.85
N LEU C 79 -4.56 10.07 -34.93
CA LEU C 79 -3.72 9.93 -33.77
C LEU C 79 -2.41 10.64 -34.02
N ILE C 80 -2.01 11.44 -33.02
CA ILE C 80 -0.75 12.16 -33.05
C ILE C 80 0.09 11.78 -31.84
N VAL C 81 1.30 11.29 -32.06
CA VAL C 81 2.17 10.84 -30.97
C VAL C 81 3.47 11.66 -30.94
N PHE C 82 3.73 12.29 -29.81
CA PHE C 82 5.00 13.00 -29.60
C PHE C 82 5.96 12.06 -28.91
N ALA C 83 7.14 11.91 -29.49
CA ALA C 83 8.26 11.20 -28.86
C ALA C 83 9.55 12.00 -28.96
N SER C 84 9.44 13.23 -28.50
CA SER C 84 10.52 14.21 -28.61
C SER C 84 11.00 14.65 -27.23
N PRO C 85 12.14 15.36 -27.15
CA PRO C 85 12.50 15.95 -25.84
C PRO C 85 11.50 17.03 -25.42
N VAL C 86 11.26 17.15 -24.13
CA VAL C 86 10.11 17.97 -23.59
C VAL C 86 10.15 19.48 -23.97
N GLU C 87 11.34 20.03 -24.23
CA GLU C 87 11.45 21.45 -24.75
C GLU C 87 10.82 21.51 -26.12
N GLU C 88 11.34 20.69 -27.02
CA GLU C 88 10.83 20.59 -28.38
C GLU C 88 9.32 20.27 -28.43
N THR C 89 8.87 19.43 -27.51
CA THR C 89 7.47 19.03 -27.41
C THR C 89 6.56 20.20 -27.08
N LYS C 90 6.98 21.04 -26.14
CA LYS C 90 6.27 22.27 -25.84
C LYS C 90 6.18 23.13 -27.10
N LYS C 91 7.32 23.38 -27.76
CA LYS C 91 7.35 24.22 -29.00
C LYS C 91 6.40 23.65 -30.08
N LEU C 92 6.33 22.34 -30.23
CA LEU C 92 5.46 21.71 -31.27
C LEU C 92 3.99 21.61 -30.89
N LEU C 93 3.73 21.51 -29.60
CA LEU C 93 2.35 21.54 -29.11
C LEU C 93 1.71 22.89 -29.39
N HIS C 94 2.51 23.94 -29.19
CA HIS C 94 2.14 25.30 -29.52
C HIS C 94 1.73 25.42 -31.02
N LYS C 95 2.54 24.83 -31.90
CA LYS C 95 2.24 24.81 -33.30
C LYS C 95 0.91 24.10 -33.60
N LEU C 96 0.77 22.92 -32.98
CA LEU C 96 -0.47 22.09 -33.06
C LEU C 96 -1.74 22.86 -32.67
N ALA C 97 -1.61 23.65 -31.61
CA ALA C 97 -2.74 24.45 -31.11
C ALA C 97 -3.18 25.51 -32.11
N SER C 98 -2.28 25.87 -33.03
CA SER C 98 -2.60 26.79 -34.15
C SER C 98 -3.39 26.12 -35.30
N PHE C 99 -3.35 24.78 -35.36
CA PHE C 99 -3.87 23.99 -36.49
C PHE C 99 -5.34 23.71 -36.35
N HIS C 100 -5.95 23.30 -37.45
CA HIS C 100 -7.38 22.83 -37.51
C HIS C 100 -7.46 21.30 -37.57
N LEU C 101 -7.45 20.69 -36.38
CA LEU C 101 -7.36 19.23 -36.25
C LEU C 101 -8.74 18.59 -36.28
N ARG C 102 -8.78 17.30 -36.57
CA ARG C 102 -10.05 16.56 -36.58
C ARG C 102 -10.77 16.52 -35.23
N GLU C 103 -12.10 16.42 -35.26
CA GLU C 103 -12.93 16.37 -34.01
C GLU C 103 -12.57 15.21 -33.07
N ASP C 104 -12.17 14.09 -33.65
CA ASP C 104 -12.01 12.81 -32.93
C ASP C 104 -10.55 12.47 -32.59
N VAL C 105 -9.66 13.41 -32.84
CA VAL C 105 -8.24 13.16 -32.74
C VAL C 105 -7.82 12.84 -31.33
N ILE C 106 -6.80 12.03 -31.21
CA ILE C 106 -6.15 11.76 -29.93
C ILE C 106 -4.68 12.14 -30.07
N VAL C 107 -4.19 12.86 -29.08
CA VAL C 107 -2.84 13.35 -29.06
C VAL C 107 -2.24 12.81 -27.80
N THR C 108 -0.98 12.40 -27.90
CA THR C 108 -0.29 11.81 -26.76
C THR C 108 1.17 12.03 -26.87
N ASP C 109 1.87 11.93 -25.75
CA ASP C 109 3.29 12.20 -25.70
C ASP C 109 3.99 11.14 -24.85
N VAL C 110 5.29 11.26 -24.84
CA VAL C 110 6.14 10.41 -24.05
C VAL C 110 7.06 11.32 -23.27
N GLY C 111 7.13 11.16 -21.97
CA GLY C 111 8.01 11.99 -21.15
C GLY C 111 8.10 11.48 -19.74
N SER C 112 9.19 11.73 -19.04
CA SER C 112 9.40 11.18 -17.68
C SER C 112 8.69 11.98 -16.61
N THR C 113 8.50 13.26 -16.86
CA THR C 113 7.65 14.11 -16.02
C THR C 113 6.45 14.54 -16.86
N LYS C 114 5.35 14.78 -16.17
CA LYS C 114 4.07 15.09 -16.79
C LYS C 114 3.53 16.52 -16.45
N GLY C 115 3.88 17.06 -15.29
CA GLY C 115 3.32 18.32 -14.80
C GLY C 115 3.39 19.48 -15.83
N SER C 116 4.57 19.72 -16.38
CA SER C 116 4.75 20.86 -17.21
C SER C 116 4.08 20.69 -18.56
N ILE C 117 4.17 19.48 -19.10
CA ILE C 117 3.56 19.23 -20.41
C ILE C 117 2.07 19.40 -20.29
N MET C 118 1.50 18.87 -19.20
CA MET C 118 0.04 18.88 -19.01
C MET C 118 -0.44 20.32 -18.77
N ASN C 119 0.25 21.01 -17.90
CA ASN C 119 0.05 22.45 -17.64
C ASN C 119 0.06 23.36 -18.92
N GLU C 120 1.01 23.09 -19.81
CA GLU C 120 1.00 23.69 -21.16
C GLU C 120 -0.24 23.27 -22.04
N ALA C 121 -0.61 22.00 -22.03
CA ALA C 121 -1.73 21.52 -22.83
C ALA C 121 -3.08 22.05 -22.36
N GLU C 122 -3.29 22.14 -21.05
CA GLU C 122 -4.55 22.75 -20.52
C GLU C 122 -4.63 24.19 -20.96
N ALA C 123 -3.45 24.82 -21.02
CA ALA C 123 -3.34 26.23 -21.37
C ALA C 123 -3.52 26.53 -22.85
N LEU C 124 -3.16 25.58 -23.70
CA LEU C 124 -3.28 25.77 -25.14
C LEU C 124 -4.59 25.30 -25.74
N PHE C 125 -5.13 24.18 -25.26
CA PHE C 125 -6.36 23.57 -25.80
C PHE C 125 -7.60 23.71 -24.89
N SER C 126 -7.36 23.68 -23.57
CA SER C 126 -8.41 23.64 -22.51
C SER C 126 -9.26 22.35 -22.64
N LYS C 127 -10.50 22.43 -23.17
CA LYS C 127 -11.42 21.27 -23.46
C LYS C 127 -11.65 20.95 -24.93
N GLU C 128 -10.92 21.60 -25.82
CA GLU C 128 -11.12 21.40 -27.28
C GLU C 128 -10.77 19.97 -27.79
N ILE C 129 -9.64 19.46 -27.33
CA ILE C 129 -9.08 18.25 -27.89
C ILE C 129 -8.70 17.31 -26.75
N SER C 130 -8.52 16.05 -27.14
CA SER C 130 -8.19 14.96 -26.24
C SER C 130 -6.68 14.69 -26.20
N PHE C 131 -5.97 15.49 -25.37
CA PHE C 131 -4.54 15.27 -25.08
C PHE C 131 -4.41 14.38 -23.84
N ILE C 132 -3.61 13.33 -24.00
CA ILE C 132 -3.39 12.34 -22.92
C ILE C 132 -1.92 12.15 -22.80
N GLY C 133 -1.35 12.71 -21.73
CA GLY C 133 0.07 12.52 -21.49
C GLY C 133 0.36 11.03 -21.33
N GLY C 134 1.54 10.64 -21.75
CA GLY C 134 2.00 9.29 -21.57
C GLY C 134 3.44 9.18 -21.02
N HIS C 135 3.71 8.11 -20.29
CA HIS C 135 5.03 7.78 -19.84
C HIS C 135 5.30 6.26 -19.89
N PRO C 136 5.95 5.76 -20.97
CA PRO C 136 6.30 4.35 -21.02
C PRO C 136 7.52 4.14 -20.21
N MET C 137 7.46 3.18 -19.29
CA MET C 137 8.62 2.87 -18.44
C MET C 137 9.55 1.78 -18.98
N ALA C 138 10.19 2.10 -20.09
CA ALA C 138 11.11 1.24 -20.78
C ALA C 138 11.85 2.00 -21.86
N GLY C 139 12.98 1.48 -22.26
CA GLY C 139 13.82 2.11 -23.28
C GLY C 139 14.54 3.38 -22.89
N SER C 140 15.03 4.09 -23.92
CA SER C 140 16.02 5.16 -23.82
C SER C 140 15.72 6.31 -24.80
N HIS C 141 16.16 7.50 -24.43
CA HIS C 141 15.71 8.71 -25.11
C HIS C 141 16.52 9.13 -26.34
N LYS C 142 17.77 8.65 -26.42
CA LYS C 142 18.73 9.15 -27.43
C LYS C 142 19.16 8.07 -28.42
N THR C 143 18.78 6.81 -28.16
CA THR C 143 19.24 5.71 -29.02
C THR C 143 18.38 5.70 -30.30
N GLY C 144 18.95 5.14 -31.37
CA GLY C 144 18.36 5.27 -32.72
C GLY C 144 17.12 4.45 -33.07
N VAL C 145 16.57 4.76 -34.25
CA VAL C 145 15.45 4.02 -34.81
C VAL C 145 15.85 2.62 -35.26
N GLU C 146 17.12 2.40 -35.56
CA GLU C 146 17.63 1.04 -35.93
C GLU C 146 17.34 0.01 -34.87
N SER C 147 17.27 0.45 -33.62
CA SER C 147 17.00 -0.43 -32.47
C SER C 147 15.51 -0.57 -32.11
N ALA C 148 14.64 0.12 -32.82
CA ALA C 148 13.21 0.15 -32.47
C ALA C 148 12.62 -1.20 -32.72
N LYS C 149 11.73 -1.58 -31.85
CA LYS C 149 11.09 -2.89 -31.88
C LYS C 149 9.67 -2.77 -31.25
N ALA C 150 8.72 -3.51 -31.81
CA ALA C 150 7.33 -3.43 -31.39
C ALA C 150 7.12 -3.82 -29.94
N HIS C 151 7.92 -4.81 -29.48
CA HIS C 151 7.81 -5.30 -28.11
C HIS C 151 8.65 -4.56 -27.06
N LEU C 152 9.26 -3.45 -27.40
CA LEU C 152 10.09 -2.69 -26.45
C LEU C 152 9.46 -2.41 -25.07
N PHE C 153 8.17 -2.13 -25.06
CA PHE C 153 7.42 -1.78 -23.84
C PHE C 153 6.57 -2.91 -23.31
N GLU C 154 6.78 -4.15 -23.80
CA GLU C 154 5.99 -5.32 -23.37
C GLU C 154 6.10 -5.63 -21.89
N ASN C 155 4.96 -5.73 -21.23
CA ASN C 155 4.86 -5.90 -19.81
C ASN C 155 5.57 -4.80 -18.97
N ALA C 156 5.82 -3.65 -19.60
CA ALA C 156 6.26 -2.45 -18.88
C ALA C 156 5.06 -1.62 -18.50
N PHE C 157 5.13 -1.02 -17.34
CA PHE C 157 4.19 0.03 -16.98
C PHE C 157 4.26 1.19 -17.95
N TYR C 158 3.08 1.66 -18.35
CA TYR C 158 2.92 2.74 -19.27
C TYR C 158 1.84 3.64 -18.65
N ILE C 159 2.26 4.80 -18.16
CA ILE C 159 1.36 5.65 -17.42
C ILE C 159 0.65 6.54 -18.40
N LEU C 160 -0.66 6.70 -18.23
CA LEU C 160 -1.42 7.68 -19.00
C LEU C 160 -2.00 8.73 -18.09
N THR C 161 -1.80 9.97 -18.48
CA THR C 161 -2.30 11.15 -17.69
C THR C 161 -3.20 12.03 -18.54
N PRO C 162 -4.51 11.78 -18.44
CA PRO C 162 -5.38 12.53 -19.32
C PRO C 162 -5.68 13.88 -18.79
N MET C 163 -6.00 14.80 -19.69
CA MET C 163 -6.54 16.10 -19.28
C MET C 163 -7.81 15.85 -18.49
N HIS C 164 -8.16 16.87 -17.73
CA HIS C 164 -9.23 16.81 -16.74
C HIS C 164 -10.57 16.40 -17.36
N HIS C 165 -10.78 16.89 -18.58
CA HIS C 165 -12.07 16.76 -19.26
C HIS C 165 -12.24 15.50 -20.12
N VAL C 166 -11.12 14.81 -20.40
CA VAL C 166 -11.10 13.78 -21.45
C VAL C 166 -12.01 12.64 -21.00
N PRO C 167 -12.96 12.24 -21.85
CA PRO C 167 -13.82 11.15 -21.38
C PRO C 167 -13.08 9.82 -21.26
N ASN C 168 -13.54 8.93 -20.40
CA ASN C 168 -12.94 7.58 -20.31
C ASN C 168 -12.91 6.81 -21.63
N GLU C 169 -13.88 7.05 -22.52
CA GLU C 169 -13.93 6.37 -23.84
C GLU C 169 -12.72 6.73 -24.71
N HIS C 170 -12.21 7.94 -24.59
CA HIS C 170 -11.00 8.34 -25.35
C HIS C 170 -9.72 7.74 -24.80
N VAL C 171 -9.71 7.50 -23.50
CA VAL C 171 -8.56 6.87 -22.84
C VAL C 171 -8.50 5.37 -23.25
N GLU C 172 -9.66 4.74 -23.29
CA GLU C 172 -9.76 3.35 -23.78
C GLU C 172 -9.35 3.26 -25.24
N GLU C 173 -9.75 4.27 -26.01
CA GLU C 173 -9.39 4.31 -27.43
C GLU C 173 -7.90 4.26 -27.62
N LEU C 174 -7.22 5.06 -26.84
CA LEU C 174 -5.77 5.17 -26.93
C LEU C 174 -5.12 3.88 -26.50
N LYS C 175 -5.65 3.27 -25.46
CA LYS C 175 -5.18 1.94 -25.07
C LYS C 175 -5.32 0.92 -26.19
N ASP C 176 -6.45 0.96 -26.91
CA ASP C 176 -6.61 0.22 -28.12
C ASP C 176 -5.56 0.55 -29.21
N TRP C 177 -5.31 1.81 -29.51
CA TRP C 177 -4.25 2.20 -30.46
C TRP C 177 -2.91 1.58 -30.17
N LEU C 178 -2.62 1.47 -28.88
CA LEU C 178 -1.30 1.01 -28.35
C LEU C 178 -1.31 -0.44 -27.81
N LYS C 179 -2.40 -1.13 -28.08
CA LYS C 179 -2.63 -2.56 -27.75
C LYS C 179 -1.44 -3.43 -28.08
N GLY C 180 -0.85 -3.16 -29.26
CA GLY C 180 0.36 -3.83 -29.76
C GLY C 180 1.64 -3.75 -28.94
N THR C 181 1.76 -2.71 -28.06
CA THR C 181 2.84 -2.62 -27.09
C THR C 181 2.94 -3.74 -26.06
N GLY C 182 1.78 -4.34 -25.71
CA GLY C 182 1.70 -5.27 -24.60
C GLY C 182 1.98 -4.65 -23.23
N SER C 183 1.96 -3.31 -23.11
CA SER C 183 2.28 -2.66 -21.85
C SER C 183 1.15 -2.81 -20.84
N HIS C 184 1.48 -2.70 -19.55
CA HIS C 184 0.44 -2.53 -18.53
C HIS C 184 0.09 -1.03 -18.30
N PHE C 185 -1.06 -0.61 -18.82
CA PHE C 185 -1.49 0.75 -18.71
C PHE C 185 -2.08 1.10 -17.39
N LEU C 186 -1.65 2.24 -16.82
CA LEU C 186 -2.23 2.76 -15.57
C LEU C 186 -2.63 4.18 -15.86
N VAL C 187 -3.83 4.56 -15.44
CA VAL C 187 -4.31 5.90 -15.64
C VAL C 187 -4.13 6.62 -14.32
N LEU C 188 -3.32 7.67 -14.36
CA LEU C 188 -3.04 8.48 -13.19
C LEU C 188 -3.41 9.92 -13.43
N ASN C 189 -3.65 10.67 -12.35
CA ASN C 189 -3.65 12.11 -12.47
C ASN C 189 -2.21 12.63 -12.47
N THR C 190 -2.00 13.73 -13.17
CA THR C 190 -0.68 14.34 -13.35
C THR C 190 0.13 14.60 -12.07
N GLU C 191 -0.51 15.13 -11.06
CA GLU C 191 0.17 15.41 -9.80
C GLU C 191 0.65 14.09 -9.16
N GLU C 192 -0.23 13.09 -9.21
CA GLU C 192 0.03 11.77 -8.68
C GLU C 192 1.24 11.15 -9.38
N HIS C 193 1.33 11.31 -10.67
CA HIS C 193 2.44 10.80 -11.44
C HIS C 193 3.77 11.44 -11.06
N ASP C 194 3.79 12.75 -10.95
CA ASP C 194 5.03 13.46 -10.58
C ASP C 194 5.45 13.23 -9.13
N TYR C 195 4.45 13.05 -8.26
CA TYR C 195 4.70 12.73 -6.88
C TYR C 195 5.36 11.32 -6.72
N VAL C 196 4.72 10.34 -7.31
CA VAL C 196 5.18 8.96 -7.27
C VAL C 196 6.53 8.79 -7.94
N THR C 197 6.69 9.31 -9.14
CA THR C 197 7.94 9.11 -9.92
C THR C 197 9.04 9.87 -9.24
N GLY C 198 8.66 10.95 -8.60
CA GLY C 198 9.57 11.73 -7.77
C GLY C 198 10.19 10.92 -6.66
N ILE C 199 9.35 10.20 -5.95
CA ILE C 199 9.85 9.37 -4.84
C ILE C 199 10.68 8.16 -5.31
N VAL C 200 10.17 7.53 -6.36
CA VAL C 200 10.53 6.18 -6.75
C VAL C 200 11.59 6.14 -7.87
N SER C 201 11.65 7.20 -8.65
CA SER C 201 12.65 7.31 -9.73
C SER C 201 13.63 8.50 -9.59
N HIS C 202 13.13 9.72 -9.44
CA HIS C 202 13.97 10.90 -9.62
C HIS C 202 14.88 11.14 -8.40
N PHE C 203 14.32 10.96 -7.24
CA PHE C 203 15.05 11.11 -6.04
C PHE C 203 16.19 10.07 -5.91
N PRO C 204 15.95 8.79 -6.28
CA PRO C 204 17.14 7.90 -6.33
C PRO C 204 18.22 8.35 -7.25
N HIS C 205 17.87 8.97 -8.35
CA HIS C 205 18.90 9.46 -9.24
C HIS C 205 19.83 10.39 -8.52
N LEU C 206 19.23 11.28 -7.74
CA LEU C 206 19.99 12.33 -7.07
C LEU C 206 20.92 11.67 -6.07
N ILE C 207 20.41 10.69 -5.34
CA ILE C 207 21.17 9.98 -4.32
C ILE C 207 22.30 9.13 -4.93
N ALA C 208 22.00 8.48 -6.04
CA ALA C 208 23.03 7.76 -6.78
C ALA C 208 24.21 8.65 -7.12
N ALA C 209 23.92 9.84 -7.67
CA ALA C 209 24.95 10.73 -8.12
C ALA C 209 25.69 11.21 -6.92
N GLY C 210 24.96 11.47 -5.86
CA GLY C 210 25.59 11.85 -4.60
C GLY C 210 26.58 10.82 -4.07
N LEU C 211 26.21 9.55 -4.08
CA LEU C 211 27.12 8.48 -3.67
C LEU C 211 28.42 8.45 -4.46
N VAL C 212 28.28 8.56 -5.78
CA VAL C 212 29.45 8.58 -6.67
C VAL C 212 30.35 9.74 -6.32
N LYS C 213 29.72 10.86 -6.04
CA LYS C 213 30.43 12.11 -5.81
C LYS C 213 31.17 12.11 -4.48
N GLN C 214 30.49 11.62 -3.46
CA GLN C 214 31.08 11.34 -2.14
C GLN C 214 32.34 10.51 -2.26
N VAL C 215 32.29 9.45 -3.06
CA VAL C 215 33.47 8.57 -3.24
C VAL C 215 34.61 9.28 -3.98
N GLU C 216 34.28 10.00 -5.04
CA GLU C 216 35.28 10.78 -5.81
C GLU C 216 36.02 11.81 -4.94
N LYS C 217 35.30 12.44 -4.02
CA LYS C 217 35.87 13.44 -3.09
C LYS C 217 37.11 12.92 -2.38
N HIS C 218 37.06 11.66 -1.98
CA HIS C 218 38.12 10.99 -1.25
C HIS C 218 39.18 10.28 -2.11
N ALA C 219 38.91 10.11 -3.39
CA ALA C 219 39.76 9.31 -4.28
C ALA C 219 41.12 9.91 -4.55
N GLY C 220 41.22 11.24 -4.48
CA GLY C 220 42.52 11.91 -4.56
C GLY C 220 43.48 11.56 -3.43
N ASP C 221 42.94 11.31 -2.24
CA ASP C 221 43.78 11.10 -1.06
C ASP C 221 44.34 9.64 -1.01
N ASN C 222 43.57 8.67 -1.50
CA ASN C 222 44.08 7.29 -1.76
C ASN C 222 43.58 6.72 -3.09
N PRO C 223 44.50 6.50 -4.07
CA PRO C 223 44.14 5.85 -5.36
C PRO C 223 43.49 4.46 -5.29
N LEU C 224 43.68 3.77 -4.18
CA LEU C 224 43.04 2.49 -3.91
C LEU C 224 41.51 2.52 -3.89
N ILE C 225 40.97 3.68 -3.58
CA ILE C 225 39.53 3.88 -3.57
C ILE C 225 38.95 3.70 -4.99
N HIS C 226 39.67 4.20 -5.99
CA HIS C 226 39.27 4.09 -7.39
C HIS C 226 39.31 2.61 -7.82
N GLN C 227 40.32 1.91 -7.36
CA GLN C 227 40.41 0.48 -7.59
C GLN C 227 39.26 -0.31 -6.89
N LEU C 228 38.97 -0.01 -5.63
CA LEU C 228 37.95 -0.78 -4.86
C LEU C 228 36.50 -0.46 -5.11
N ALA C 229 36.26 0.55 -5.94
CA ALA C 229 34.95 0.98 -6.32
C ALA C 229 34.50 0.25 -7.58
N ALA C 230 35.38 -0.57 -8.14
CA ALA C 230 35.04 -1.44 -9.28
C ALA C 230 34.07 -2.51 -8.80
N GLY C 231 33.38 -3.13 -9.75
CA GLY C 231 32.37 -4.18 -9.51
C GLY C 231 31.09 -3.69 -8.84
N GLY C 232 30.83 -4.15 -7.64
CA GLY C 232 29.54 -3.90 -7.00
C GLY C 232 29.11 -2.44 -6.92
N PHE C 233 30.01 -1.58 -6.47
CA PHE C 233 29.69 -0.18 -6.28
C PHE C 233 29.31 0.44 -7.63
N LYS C 234 30.13 0.14 -8.62
CA LYS C 234 29.93 0.65 -9.97
C LYS C 234 28.62 0.17 -10.55
N ASP C 235 28.28 -1.09 -10.25
CA ASP C 235 27.00 -1.68 -10.73
C ASP C 235 25.75 -1.04 -10.08
N ILE C 236 25.76 -0.95 -8.76
CA ILE C 236 24.82 -0.18 -7.92
C ILE C 236 24.53 1.22 -8.46
N THR C 237 25.57 1.92 -8.85
CA THR C 237 25.47 3.33 -9.21
C THR C 237 25.20 3.57 -10.68
N ARG C 238 24.68 2.56 -11.31
CA ARG C 238 24.51 2.53 -12.75
C ARG C 238 23.78 3.76 -13.27
N ILE C 239 22.70 4.14 -12.59
CA ILE C 239 21.91 5.27 -13.08
C ILE C 239 22.63 6.62 -13.13
N ALA C 240 23.71 6.76 -12.37
CA ALA C 240 24.51 7.96 -12.39
C ALA C 240 25.19 8.24 -13.70
N SER C 241 25.25 7.25 -14.57
CA SER C 241 25.81 7.45 -15.94
C SER C 241 24.76 7.85 -16.96
N SER C 242 23.52 8.05 -16.55
CA SER C 242 22.49 8.54 -17.48
C SER C 242 22.73 10.02 -17.83
N SER C 243 22.06 10.47 -18.88
CA SER C 243 22.30 11.79 -19.46
C SER C 243 22.13 12.90 -18.45
N PRO C 244 23.22 13.63 -18.13
CA PRO C 244 23.08 14.78 -17.26
C PRO C 244 22.15 15.87 -17.77
N LYS C 245 22.09 16.08 -19.08
CA LYS C 245 21.11 17.01 -19.62
C LYS C 245 19.68 16.57 -19.29
N MET C 246 19.34 15.35 -19.64
CA MET C 246 17.99 14.86 -19.45
C MET C 246 17.59 14.98 -17.97
N TRP C 247 18.49 14.57 -17.10
CA TRP C 247 18.19 14.47 -15.67
C TRP C 247 18.07 15.82 -15.01
N SER C 248 18.87 16.76 -15.46
CA SER C 248 18.75 18.12 -14.95
C SER C 248 17.41 18.73 -15.35
N ASP C 249 16.94 18.46 -16.56
CA ASP C 249 15.60 18.88 -16.94
C ASP C 249 14.52 18.24 -16.02
N ILE C 250 14.64 16.93 -15.78
CA ILE C 250 13.65 16.20 -14.96
C ILE C 250 13.58 16.85 -13.59
N VAL C 251 14.77 17.16 -13.05
CA VAL C 251 14.90 17.74 -11.71
C VAL C 251 14.31 19.12 -11.67
N LYS C 252 14.63 19.93 -12.66
CA LYS C 252 14.04 21.29 -12.80
C LYS C 252 12.50 21.17 -12.91
N GLN C 253 12.01 20.23 -13.72
CA GLN C 253 10.56 20.07 -13.92
C GLN C 253 9.78 19.49 -12.73
N ASN C 254 10.46 18.79 -11.83
CA ASN C 254 9.83 18.23 -10.63
C ASN C 254 10.45 18.81 -9.36
N ARG C 255 10.86 20.08 -9.44
CA ARG C 255 11.69 20.75 -8.42
C ARG C 255 11.07 20.71 -7.01
N GLU C 256 9.79 21.09 -6.94
CA GLU C 256 9.12 21.22 -5.65
C GLU C 256 8.95 19.89 -4.95
N HIS C 257 8.56 18.87 -5.69
CA HIS C 257 8.47 17.49 -5.14
C HIS C 257 9.84 17.07 -4.54
N LEU C 258 10.92 17.38 -5.27
CA LEU C 258 12.27 16.98 -4.89
C LEU C 258 12.81 17.78 -3.69
N MET C 259 12.45 19.05 -3.63
CA MET C 259 12.83 19.89 -2.49
C MET C 259 12.27 19.30 -1.20
N VAL C 260 10.99 18.97 -1.25
CA VAL C 260 10.34 18.36 -0.11
C VAL C 260 11.05 17.04 0.28
N LEU C 261 11.28 16.21 -0.72
CA LEU C 261 11.97 14.95 -0.47
C LEU C 261 13.36 15.09 0.14
N LEU C 262 14.13 16.02 -0.40
CA LEU C 262 15.49 16.24 0.08
C LEU C 262 15.49 16.71 1.54
N LYS C 263 14.48 17.48 1.89
CA LYS C 263 14.31 17.94 3.26
C LYS C 263 14.04 16.79 4.20
N GLU C 264 13.13 15.91 3.80
CA GLU C 264 12.83 14.70 4.58
C GLU C 264 14.07 13.80 4.71
N TRP C 265 14.83 13.72 3.63
CA TRP C 265 16.05 12.91 3.55
C TRP C 265 17.13 13.43 4.49
N ILE C 266 17.33 14.76 4.50
CA ILE C 266 18.27 15.34 5.41
C ILE C 266 17.89 14.89 6.80
N SER C 267 16.61 14.99 7.11
CA SER C 267 16.12 14.65 8.42
C SER C 267 16.39 13.21 8.75
N GLU C 268 16.13 12.34 7.76
CA GLU C 268 16.39 10.92 7.94
C GLU C 268 17.86 10.61 8.23
N MET C 269 18.73 11.31 7.52
CA MET C 269 20.17 11.17 7.71
C MET C 269 20.65 11.66 9.09
N GLU C 270 20.00 12.68 9.58
CA GLU C 270 20.28 13.19 10.89
C GLU C 270 19.87 12.17 11.93
N ASP C 271 18.74 11.54 11.75
CA ASP C 271 18.34 10.42 12.70
C ASP C 271 19.27 9.20 12.60
N LEU C 272 19.68 8.89 11.39
CA LEU C 272 20.65 7.81 11.16
C LEU C 272 21.99 8.14 11.80
N TYR C 273 22.42 9.38 11.66
CA TYR C 273 23.62 9.85 12.34
C TYR C 273 23.54 9.64 13.89
N ASP C 274 22.38 9.93 14.49
CA ASP C 274 22.15 9.65 15.90
C ASP C 274 22.21 8.11 16.22
N THR C 275 21.56 7.28 15.40
CA THR C 275 21.58 5.81 15.61
C THR C 275 22.96 5.20 15.49
N VAL C 276 23.68 5.54 14.44
CA VAL C 276 25.02 5.10 14.26
C VAL C 276 25.92 5.60 15.41
N SER C 277 25.85 6.88 15.78
CA SER C 277 26.72 7.39 16.86
C SER C 277 26.37 6.85 18.22
N SER C 278 25.08 6.57 18.49
CA SER C 278 24.68 6.01 19.79
C SER C 278 25.32 4.60 19.94
N GLY C 279 25.62 3.96 18.82
CA GLY C 279 26.39 2.71 18.82
C GLY C 279 25.62 1.47 19.28
N ASP C 280 24.29 1.62 19.46
CA ASP C 280 23.40 0.52 19.86
C ASP C 280 23.20 -0.46 18.64
N ALA C 281 23.89 -1.62 18.69
CA ALA C 281 23.87 -2.67 17.62
C ALA C 281 22.46 -3.21 17.32
N GLY C 282 21.64 -3.31 18.36
CA GLY C 282 20.20 -3.66 18.24
C GLY C 282 19.38 -2.69 17.41
N GLU C 283 19.56 -1.41 17.66
CA GLU C 283 18.90 -0.32 16.86
C GLU C 283 19.40 -0.24 15.40
N ILE C 284 20.72 -0.36 15.24
CA ILE C 284 21.34 -0.43 13.93
C ILE C 284 20.80 -1.66 13.16
N GLN C 285 20.78 -2.80 13.83
CA GLN C 285 20.32 -4.01 13.23
C GLN C 285 18.85 -3.86 12.78
N ASN C 286 18.09 -3.18 13.61
CA ASN C 286 16.68 -2.93 13.28
C ASN C 286 16.48 -2.07 12.04
N TYR C 287 17.38 -1.14 11.83
CA TYR C 287 17.35 -0.24 10.72
C TYR C 287 17.59 -1.05 9.45
N PHE C 288 18.64 -1.85 9.44
CA PHE C 288 18.93 -2.76 8.33
C PHE C 288 17.83 -3.82 8.08
N ALA C 289 17.27 -4.41 9.13
CA ALA C 289 16.20 -5.45 8.99
C ALA C 289 14.96 -4.88 8.39
N ASP C 290 14.58 -3.67 8.82
CA ASP C 290 13.44 -3.02 8.20
C ASP C 290 13.67 -2.88 6.72
N ALA C 291 14.82 -2.36 6.36
CA ALA C 291 15.13 -2.16 4.94
C ALA C 291 15.12 -3.49 4.12
N LYS C 292 15.71 -4.54 4.71
CA LYS C 292 15.79 -5.85 4.09
C LYS C 292 14.40 -6.44 3.88
N GLU C 293 13.63 -6.47 4.95
CA GLU C 293 12.24 -6.93 4.87
C GLU C 293 11.48 -6.26 3.68
N TYR C 294 11.62 -4.96 3.57
CA TYR C 294 10.88 -4.28 2.56
C TYR C 294 11.45 -4.59 1.20
N ARG C 295 12.74 -4.46 1.05
CA ARG C 295 13.38 -4.65 -0.23
C ARG C 295 13.14 -6.04 -0.71
N ASP C 296 13.22 -7.04 0.18
CA ASP C 296 12.93 -8.44 -0.19
C ASP C 296 11.50 -8.68 -0.71
N SER C 297 10.58 -7.82 -0.31
CA SER C 297 9.17 -7.92 -0.64
C SER C 297 8.87 -7.40 -2.04
N LEU C 298 9.76 -6.61 -2.64
CA LEU C 298 9.55 -6.12 -4.01
C LEU C 298 9.77 -7.27 -5.12
N PRO C 299 8.93 -7.54 -6.15
CA PRO C 299 7.62 -6.98 -6.37
C PRO C 299 6.58 -7.44 -5.35
N VAL C 300 5.74 -6.49 -4.99
CA VAL C 300 4.72 -6.63 -3.99
C VAL C 300 3.52 -6.24 -4.78
N ARG C 301 3.13 -7.13 -5.66
CA ARG C 301 2.08 -6.85 -6.63
C ARG C 301 0.78 -6.96 -5.85
N LYS C 302 0.08 -5.84 -5.66
CA LYS C 302 -1.05 -5.82 -4.72
C LYS C 302 -2.18 -6.55 -5.47
N ARG C 303 -3.07 -7.19 -4.71
CA ARG C 303 -4.09 -8.10 -5.30
C ARG C 303 -4.80 -7.42 -6.51
N GLY C 304 -5.42 -6.27 -6.27
CA GLY C 304 -6.11 -5.48 -7.33
C GLY C 304 -5.50 -4.13 -7.68
N ALA C 305 -4.18 -4.16 -7.76
CA ALA C 305 -3.44 -3.28 -8.60
C ALA C 305 -3.32 -3.94 -10.01
N ILE C 306 -2.75 -3.20 -10.94
CA ILE C 306 -2.66 -3.63 -12.33
C ILE C 306 -1.18 -3.97 -12.55
N PRO C 307 -0.78 -5.22 -12.87
CA PRO C 307 -1.65 -6.40 -13.15
C PRO C 307 -1.67 -7.48 -12.02
N ALA C 308 -2.67 -8.39 -11.98
CA ALA C 308 -2.78 -9.37 -10.86
C ALA C 308 -1.66 -10.45 -10.87
N TYR C 309 -1.34 -10.93 -9.68
CA TYR C 309 -0.20 -11.83 -9.48
C TYR C 309 -0.73 -13.01 -8.67
N HIS C 310 -0.42 -14.19 -9.18
CA HIS C 310 -0.88 -15.46 -8.59
C HIS C 310 0.31 -16.33 -8.41
N ASP C 311 0.84 -16.38 -7.19
CA ASP C 311 2.20 -16.86 -6.98
C ASP C 311 2.24 -18.29 -6.54
N LEU C 312 3.27 -18.96 -6.96
CA LEU C 312 3.54 -20.31 -6.52
C LEU C 312 5.01 -20.41 -6.14
N TYR C 313 5.25 -21.00 -4.99
CA TYR C 313 6.60 -21.17 -4.47
C TYR C 313 7.06 -22.62 -4.65
N VAL C 314 8.25 -22.82 -5.19
CA VAL C 314 8.75 -24.14 -5.54
C VAL C 314 10.10 -24.37 -4.87
N ASP C 315 10.20 -25.49 -4.18
CA ASP C 315 11.49 -26.00 -3.67
C ASP C 315 12.35 -26.51 -4.84
N VAL C 316 13.45 -25.81 -5.12
CA VAL C 316 14.42 -26.23 -6.13
C VAL C 316 15.87 -26.06 -5.67
N LEU C 317 16.72 -26.83 -6.29
CA LEU C 317 18.09 -26.99 -5.90
C LEU C 317 18.97 -26.12 -6.74
N ASP C 318 20.05 -25.66 -6.17
CA ASP C 318 20.96 -24.79 -6.89
C ASP C 318 21.92 -25.60 -7.71
N LYS C 319 21.43 -26.11 -8.84
CA LYS C 319 22.30 -26.80 -9.80
C LYS C 319 21.90 -26.48 -11.21
N VAL C 320 22.84 -26.74 -12.11
CA VAL C 320 22.66 -26.55 -13.51
C VAL C 320 21.38 -27.26 -13.98
N GLY C 321 20.53 -26.51 -14.67
CA GLY C 321 19.33 -27.07 -15.24
C GLY C 321 18.13 -27.12 -14.34
N ALA C 322 18.22 -26.67 -13.10
CA ALA C 322 17.01 -26.68 -12.24
C ALA C 322 15.85 -25.80 -12.82
N LEU C 323 16.16 -24.58 -13.21
CA LEU C 323 15.17 -23.68 -13.79
C LEU C 323 14.66 -24.16 -15.12
N ALA C 324 15.59 -24.60 -15.95
CA ALA C 324 15.27 -25.26 -17.27
C ALA C 324 14.25 -26.36 -17.10
N HIS C 325 14.43 -27.17 -16.08
CA HIS C 325 13.52 -28.27 -15.89
C HIS C 325 12.13 -27.78 -15.53
N VAL C 326 12.08 -26.85 -14.59
CA VAL C 326 10.79 -26.32 -14.11
C VAL C 326 10.08 -25.59 -15.22
N THR C 327 10.79 -24.73 -15.93
CA THR C 327 10.13 -23.98 -17.01
C THR C 327 9.74 -24.87 -18.20
N SER C 328 10.52 -25.92 -18.51
CA SER C 328 10.12 -26.87 -19.57
C SER C 328 8.84 -27.60 -19.24
N ILE C 329 8.71 -28.02 -18.00
CA ILE C 329 7.46 -28.61 -17.54
C ILE C 329 6.28 -27.67 -17.80
N LEU C 330 6.42 -26.43 -17.36
CA LEU C 330 5.30 -25.45 -17.43
C LEU C 330 4.94 -25.12 -18.88
N ALA C 331 5.95 -25.01 -19.73
CA ALA C 331 5.77 -24.71 -21.16
C ALA C 331 5.10 -25.85 -21.93
N ARG C 332 5.43 -27.07 -21.56
CA ARG C 332 4.78 -28.25 -22.11
C ARG C 332 3.30 -28.24 -21.79
N GLU C 333 2.94 -27.71 -20.60
CA GLU C 333 1.51 -27.58 -20.21
C GLU C 333 0.89 -26.34 -20.79
N GLU C 334 1.67 -25.60 -21.58
CA GLU C 334 1.21 -24.39 -22.24
C GLU C 334 0.73 -23.34 -21.27
N ILE C 335 1.45 -23.26 -20.16
CA ILE C 335 1.26 -22.19 -19.19
C ILE C 335 2.30 -21.09 -19.39
N SER C 336 1.78 -19.88 -19.52
CA SER C 336 2.62 -18.70 -19.59
C SER C 336 3.02 -18.23 -18.21
N ILE C 337 4.30 -17.94 -18.03
CA ILE C 337 4.83 -17.34 -16.77
C ILE C 337 4.94 -15.82 -16.83
N THR C 338 4.36 -15.12 -15.87
CA THR C 338 4.43 -13.66 -15.88
C THR C 338 5.74 -13.15 -15.20
N ASN C 339 6.17 -13.85 -14.18
CA ASN C 339 7.45 -13.57 -13.55
C ASN C 339 7.98 -14.73 -12.76
N LEU C 340 9.23 -14.61 -12.42
CA LEU C 340 9.84 -15.54 -11.53
C LEU C 340 10.99 -14.89 -10.77
N GLN C 341 11.35 -15.47 -9.64
CA GLN C 341 12.47 -15.01 -8.86
C GLN C 341 13.04 -16.10 -7.96
N ILE C 342 14.34 -16.03 -7.70
CA ILE C 342 14.93 -16.89 -6.69
C ILE C 342 15.02 -16.09 -5.39
N LEU C 343 14.42 -16.61 -4.33
CA LEU C 343 14.53 -16.02 -3.01
C LEU C 343 15.42 -17.00 -2.27
N GLU C 344 16.48 -16.52 -1.64
CA GLU C 344 17.36 -17.42 -0.86
C GLU C 344 16.78 -17.60 0.59
N ALA C 345 15.99 -18.66 0.83
CA ALA C 345 15.12 -18.70 2.05
C ALA C 345 15.74 -19.31 3.27
N ARG C 346 16.55 -20.35 3.12
CA ARG C 346 17.14 -21.02 4.30
C ARG C 346 18.61 -21.37 4.05
N GLU C 347 19.21 -22.18 4.93
CA GLU C 347 20.50 -22.80 4.66
C GLU C 347 20.37 -23.84 3.52
N GLY C 348 21.52 -24.14 2.94
CA GLY C 348 21.69 -25.32 2.11
C GLY C 348 21.63 -25.03 0.65
N LEU C 349 21.67 -26.08 -0.16
CA LEU C 349 21.69 -25.86 -1.60
C LEU C 349 20.28 -25.55 -2.16
N LEU C 350 19.22 -25.80 -1.39
CA LEU C 350 17.87 -25.35 -1.78
C LEU C 350 17.73 -23.83 -1.77
N GLY C 351 16.91 -23.37 -2.68
CA GLY C 351 16.42 -22.01 -2.83
C GLY C 351 14.93 -22.21 -3.03
N VAL C 352 14.19 -21.14 -2.82
CA VAL C 352 12.80 -21.06 -3.16
C VAL C 352 12.63 -20.22 -4.42
N LEU C 353 11.97 -20.83 -5.36
CA LEU C 353 11.70 -20.22 -6.64
C LEU C 353 10.27 -19.76 -6.57
N ARG C 354 10.06 -18.49 -6.79
CA ARG C 354 8.72 -17.97 -6.86
C ARG C 354 8.30 -17.75 -8.30
N ILE C 355 7.21 -18.38 -8.72
CA ILE C 355 6.68 -18.23 -10.06
C ILE C 355 5.34 -17.54 -10.01
N SER C 356 5.19 -16.53 -10.85
CA SER C 356 3.97 -15.72 -10.91
C SER C 356 3.20 -16.05 -12.17
N PHE C 357 1.90 -16.18 -12.05
CA PHE C 357 1.01 -16.45 -13.21
C PHE C 357 -0.06 -15.36 -13.42
N GLN C 358 -0.66 -15.35 -14.62
CA GLN C 358 -1.63 -14.30 -15.03
C GLN C 358 -2.98 -14.52 -14.37
N ARG C 359 -3.37 -15.79 -14.21
CA ARG C 359 -4.71 -16.18 -13.76
C ARG C 359 -4.61 -17.31 -12.72
N GLU C 360 -5.57 -17.41 -11.79
CA GLU C 360 -5.63 -18.52 -10.82
C GLU C 360 -5.63 -19.91 -11.45
N GLU C 361 -6.39 -20.08 -12.54
CA GLU C 361 -6.42 -21.36 -13.27
C GLU C 361 -5.01 -21.81 -13.65
N ASP C 362 -4.19 -20.88 -14.11
CA ASP C 362 -2.83 -21.22 -14.53
C ASP C 362 -1.94 -21.64 -13.39
N ARG C 363 -2.11 -21.02 -12.24
CA ARG C 363 -1.32 -21.39 -11.07
C ARG C 363 -1.67 -22.79 -10.60
N MET C 364 -2.96 -23.04 -10.57
CA MET C 364 -3.49 -24.33 -10.17
C MET C 364 -2.93 -25.44 -11.03
N LYS C 365 -2.91 -25.19 -12.32
CA LYS C 365 -2.45 -26.13 -13.34
C LYS C 365 -0.95 -26.43 -13.19
N ALA C 366 -0.19 -25.38 -12.96
CA ALA C 366 1.25 -25.46 -12.71
C ALA C 366 1.60 -26.22 -11.42
N LYS C 367 0.77 -26.02 -10.41
CA LYS C 367 0.91 -26.75 -9.14
C LYS C 367 0.73 -28.25 -9.34
N LEU C 368 -0.24 -28.61 -10.15
CA LEU C 368 -0.47 -30.02 -10.46
C LEU C 368 0.66 -30.62 -11.29
N ALA C 369 1.06 -29.91 -12.32
CA ALA C 369 2.09 -30.41 -13.21
C ALA C 369 3.40 -30.58 -12.46
N LEU C 370 3.74 -29.63 -11.61
CA LEU C 370 4.99 -29.73 -10.86
C LEU C 370 4.92 -30.82 -9.82
N GLY C 371 3.78 -30.91 -9.15
CA GLY C 371 3.51 -32.00 -8.19
C GLY C 371 3.62 -33.42 -8.80
N GLU C 372 3.00 -33.64 -9.96
CA GLU C 372 3.15 -34.90 -10.71
C GLU C 372 4.65 -35.21 -11.04
N GLU C 373 5.50 -34.19 -11.15
CA GLU C 373 6.97 -34.42 -11.34
C GLU C 373 7.78 -34.42 -10.01
N LYS C 374 7.09 -34.63 -8.89
CA LYS C 374 7.72 -34.77 -7.55
C LYS C 374 8.39 -33.47 -7.02
N TYR C 375 7.89 -32.31 -7.45
CA TYR C 375 8.30 -31.01 -6.85
C TYR C 375 7.41 -30.71 -5.66
N GLN C 376 8.05 -30.20 -4.60
CA GLN C 376 7.35 -29.69 -3.44
C GLN C 376 7.01 -28.23 -3.72
N THR C 377 5.74 -27.86 -3.54
CA THR C 377 5.31 -26.49 -3.77
C THR C 377 4.50 -25.95 -2.62
N TYR C 378 4.45 -24.62 -2.53
CA TYR C 378 3.73 -23.93 -1.47
C TYR C 378 3.00 -22.71 -2.03
N GLU C 379 2.05 -22.21 -1.24
CA GLU C 379 1.28 -20.97 -1.53
C GLU C 379 1.91 -19.70 -0.93
N THR C 380 2.50 -19.83 0.27
CA THR C 380 3.19 -18.71 0.99
C THR C 380 4.68 -18.84 1.38
N ILE C 381 5.26 -17.68 1.73
CA ILE C 381 6.59 -17.55 2.37
C ILE C 381 7.73 -17.83 1.39
N ARG D 17 52.77 -34.28 7.76
CA ARG D 17 52.36 -33.02 7.09
C ARG D 17 51.81 -31.99 8.06
N LYS D 18 51.92 -30.76 7.61
CA LYS D 18 51.45 -29.59 8.34
C LYS D 18 49.94 -29.59 8.55
N LYS D 19 49.57 -28.82 9.57
CA LYS D 19 48.29 -28.86 10.26
C LYS D 19 47.69 -27.45 10.30
N VAL D 20 46.44 -27.37 9.87
CA VAL D 20 45.70 -26.10 9.79
C VAL D 20 44.43 -26.25 10.62
N VAL D 21 44.11 -25.19 11.34
CA VAL D 21 42.84 -25.11 12.05
C VAL D 21 41.99 -24.03 11.43
N LEU D 22 40.75 -24.40 11.12
CA LEU D 22 39.77 -23.48 10.60
C LEU D 22 38.68 -23.33 11.63
N ILE D 23 38.46 -22.10 12.05
CA ILE D 23 37.44 -21.75 13.05
C ILE D 23 36.32 -20.97 12.35
N GLY D 24 35.24 -21.68 12.08
CA GLY D 24 34.17 -21.14 11.26
C GLY D 24 34.27 -21.86 9.92
N THR D 25 33.37 -22.83 9.72
CA THR D 25 33.41 -23.63 8.51
C THR D 25 32.14 -23.38 7.71
N GLY D 26 32.07 -22.17 7.17
CA GLY D 26 31.01 -21.77 6.28
C GLY D 26 31.55 -21.47 4.89
N LEU D 27 30.77 -20.70 4.15
CA LEU D 27 31.10 -20.36 2.76
C LEU D 27 32.52 -19.83 2.64
N ILE D 28 32.79 -18.78 3.40
CA ILE D 28 34.08 -18.11 3.38
C ILE D 28 35.20 -19.02 3.90
N GLY D 29 35.00 -19.61 5.08
CA GLY D 29 36.04 -20.41 5.71
C GLY D 29 36.31 -21.69 4.95
N GLY D 30 35.23 -22.36 4.55
CA GLY D 30 35.28 -23.55 3.73
C GLY D 30 36.04 -23.27 2.46
N SER D 31 35.71 -22.15 1.83
CA SER D 31 36.36 -21.78 0.55
C SER D 31 37.83 -21.58 0.73
N LEU D 32 38.22 -20.99 1.85
CA LEU D 32 39.64 -20.80 2.16
C LEU D 32 40.33 -22.14 2.38
N ALA D 33 39.66 -23.07 3.03
CA ALA D 33 40.21 -24.40 3.25
C ALA D 33 40.45 -25.11 1.92
N LEU D 34 39.50 -25.03 1.00
CA LEU D 34 39.66 -25.62 -0.33
C LEU D 34 40.80 -25.01 -1.13
N ALA D 35 40.98 -23.71 -1.02
CA ALA D 35 42.12 -23.03 -1.66
C ALA D 35 43.47 -23.37 -1.03
N ILE D 36 43.46 -23.66 0.25
CA ILE D 36 44.68 -24.09 0.95
C ILE D 36 45.05 -25.50 0.43
N LYS D 37 44.07 -26.41 0.44
CA LYS D 37 44.24 -27.82 0.06
C LYS D 37 44.68 -27.97 -1.38
N LYS D 38 44.21 -27.08 -2.23
CA LYS D 38 44.56 -27.05 -3.66
C LYS D 38 46.05 -26.96 -3.93
N ASP D 39 46.79 -26.27 -3.06
CA ASP D 39 48.25 -26.09 -3.23
C ASP D 39 49.13 -26.65 -2.08
N HIS D 40 48.52 -27.25 -1.07
CA HIS D 40 49.29 -27.74 0.09
C HIS D 40 48.69 -29.02 0.59
N ASP D 41 49.58 -29.97 0.92
CA ASP D 41 49.17 -31.22 1.48
C ASP D 41 49.14 -31.00 3.00
N VAL D 42 47.93 -30.87 3.53
CA VAL D 42 47.74 -30.55 4.95
C VAL D 42 46.53 -31.24 5.56
N THR D 43 46.56 -31.34 6.88
CA THR D 43 45.44 -31.81 7.66
C THR D 43 44.74 -30.58 8.16
N ILE D 44 43.54 -30.37 7.66
CA ILE D 44 42.72 -29.26 8.10
C ILE D 44 41.73 -29.77 9.13
N THR D 45 41.85 -29.28 10.35
CA THR D 45 40.88 -29.64 11.38
C THR D 45 39.98 -28.44 11.58
N GLY D 46 38.69 -28.71 11.60
CA GLY D 46 37.66 -27.66 11.56
C GLY D 46 36.91 -27.53 12.85
N TYR D 47 36.36 -26.34 13.06
CA TYR D 47 35.55 -26.04 14.25
C TYR D 47 34.44 -25.06 13.87
N ASP D 48 33.25 -25.27 14.42
CA ASP D 48 32.14 -24.35 14.21
C ASP D 48 31.31 -24.22 15.48
N ILE D 49 30.53 -23.15 15.57
CA ILE D 49 29.52 -23.03 16.61
C ILE D 49 28.42 -24.04 16.31
N PHE D 50 28.00 -24.13 15.05
CA PHE D 50 26.97 -25.10 14.61
C PHE D 50 27.61 -26.43 14.17
N GLN D 51 27.41 -27.50 14.96
CA GLN D 51 27.96 -28.83 14.66
C GLN D 51 27.58 -29.40 13.28
N GLU D 52 26.41 -29.05 12.74
CA GLU D 52 26.02 -29.55 11.38
C GLU D 52 26.98 -29.05 10.27
N GLN D 53 27.36 -27.78 10.30
CA GLN D 53 28.23 -27.20 9.24
C GLN D 53 29.65 -27.84 9.20
N VAL D 54 30.19 -28.14 10.37
CA VAL D 54 31.49 -28.83 10.47
C VAL D 54 31.45 -30.30 10.04
N GLU D 55 30.33 -30.97 10.33
CA GLU D 55 30.17 -32.37 9.94
C GLU D 55 29.98 -32.45 8.42
N ARG D 56 29.20 -31.53 7.86
CA ARG D 56 29.01 -31.42 6.40
C ARG D 56 30.30 -31.09 5.66
N ALA D 57 31.07 -30.19 6.27
CA ALA D 57 32.39 -29.82 5.74
C ALA D 57 33.27 -31.06 5.66
N LYS D 58 33.25 -31.86 6.72
CA LYS D 58 34.00 -33.11 6.75
C LYS D 58 33.51 -34.07 5.62
N GLU D 59 32.20 -34.32 5.58
CA GLU D 59 31.59 -35.16 4.51
C GLU D 59 32.04 -34.73 3.10
N LEU D 60 32.09 -33.41 2.87
CA LEU D 60 32.48 -32.82 1.56
C LEU D 60 34.00 -32.68 1.33
N HIS D 61 34.81 -33.26 2.23
CA HIS D 61 36.29 -33.17 2.16
C HIS D 61 36.77 -31.67 2.09
N VAL D 62 36.04 -30.79 2.79
CA VAL D 62 36.43 -29.35 2.96
C VAL D 62 37.39 -29.27 4.16
N VAL D 63 37.03 -29.98 5.23
CA VAL D 63 37.98 -30.28 6.32
C VAL D 63 38.23 -31.78 6.37
N ASP D 64 39.36 -32.11 6.98
CA ASP D 64 39.81 -33.49 7.15
C ASP D 64 39.28 -34.12 8.44
N GLU D 65 39.33 -33.34 9.52
CA GLU D 65 38.87 -33.77 10.84
C GLU D 65 37.96 -32.73 11.48
N ILE D 66 37.03 -33.21 12.30
CA ILE D 66 36.21 -32.38 13.18
C ILE D 66 36.94 -32.28 14.56
N ALA D 67 37.20 -31.07 15.02
CA ALA D 67 38.00 -30.83 16.25
C ALA D 67 37.30 -31.34 17.51
N VAL D 68 37.89 -32.36 18.15
CA VAL D 68 37.42 -32.85 19.45
C VAL D 68 37.73 -31.77 20.49
N ASP D 69 39.01 -31.46 20.61
CA ASP D 69 39.54 -30.53 21.64
C ASP D 69 40.14 -29.31 20.91
N LEU D 70 39.52 -28.14 21.11
CA LEU D 70 39.94 -26.89 20.42
C LEU D 70 41.39 -26.49 20.71
N GLN D 71 41.75 -26.53 21.97
CA GLN D 71 43.11 -26.24 22.40
C GLN D 71 44.17 -27.18 21.79
N HIS D 72 43.92 -28.48 21.79
CA HIS D 72 44.90 -29.43 21.25
C HIS D 72 45.20 -29.10 19.78
N ALA D 73 44.12 -28.97 19.01
CA ALA D 73 44.21 -28.65 17.58
C ALA D 73 44.96 -27.34 17.34
N CYS D 74 44.68 -26.33 18.16
CA CYS D 74 45.38 -25.04 18.01
C CYS D 74 46.90 -25.07 18.39
N GLU D 75 47.22 -25.82 19.43
CA GLU D 75 48.61 -25.86 19.93
C GLU D 75 49.58 -26.62 18.98
N GLU D 76 49.04 -27.58 18.21
CA GLU D 76 49.80 -28.29 17.16
C GLU D 76 49.77 -27.64 15.74
N ALA D 77 48.98 -26.59 15.57
CA ALA D 77 48.74 -25.95 14.25
C ALA D 77 49.88 -25.04 13.74
N HIS D 78 50.20 -25.19 12.46
CA HIS D 78 51.10 -24.26 11.76
C HIS D 78 50.34 -23.02 11.30
N LEU D 79 49.07 -23.19 11.03
CA LEU D 79 48.23 -22.11 10.56
C LEU D 79 46.88 -22.21 11.23
N ILE D 80 46.43 -21.08 11.79
CA ILE D 80 45.09 -20.93 12.37
C ILE D 80 44.28 -19.83 11.64
N VAL D 81 43.12 -20.20 11.10
CA VAL D 81 42.26 -19.26 10.32
C VAL D 81 40.92 -19.08 11.02
N PHE D 82 40.61 -17.84 11.41
CA PHE D 82 39.29 -17.50 11.93
C PHE D 82 38.38 -17.04 10.78
N ALA D 83 37.23 -17.67 10.65
CA ALA D 83 36.19 -17.25 9.70
C ALA D 83 34.85 -17.23 10.39
N SER D 84 34.82 -16.52 11.50
CA SER D 84 33.65 -16.44 12.37
C SER D 84 33.13 -15.00 12.45
N PRO D 85 31.92 -14.82 13.03
CA PRO D 85 31.49 -13.42 13.25
C PRO D 85 32.40 -12.72 14.27
N VAL D 86 32.62 -11.41 14.12
CA VAL D 86 33.68 -10.68 14.87
C VAL D 86 33.51 -10.68 16.40
N GLU D 87 32.27 -10.82 16.90
CA GLU D 87 32.05 -11.00 18.34
C GLU D 87 32.66 -12.34 18.82
N GLU D 88 32.22 -13.44 18.20
CA GLU D 88 32.75 -14.80 18.48
C GLU D 88 34.27 -14.84 18.33
N THR D 89 34.78 -14.11 17.33
CA THR D 89 36.21 -14.08 17.03
C THR D 89 37.00 -13.49 18.19
N LYS D 90 36.47 -12.42 18.77
CA LYS D 90 37.04 -11.86 19.98
C LYS D 90 37.15 -12.91 21.06
N LYS D 91 36.00 -13.49 21.38
CA LYS D 91 35.88 -14.46 22.47
C LYS D 91 36.89 -15.60 22.25
N LEU D 92 37.06 -16.07 21.02
CA LEU D 92 37.98 -17.18 20.73
C LEU D 92 39.46 -16.78 20.74
N LEU D 93 39.73 -15.51 20.40
CA LEU D 93 41.11 -14.98 20.37
C LEU D 93 41.63 -14.90 21.78
N HIS D 94 40.72 -14.53 22.68
CA HIS D 94 40.98 -14.57 24.12
C HIS D 94 41.36 -15.98 24.61
N LYS D 95 40.61 -17.00 24.18
CA LYS D 95 40.93 -18.40 24.47
C LYS D 95 42.32 -18.79 23.93
N LEU D 96 42.56 -18.46 22.67
CA LEU D 96 43.87 -18.67 21.97
C LEU D 96 45.05 -18.08 22.74
N ALA D 97 44.86 -16.87 23.28
CA ALA D 97 45.89 -16.17 24.06
C ALA D 97 46.22 -16.88 25.36
N SER D 98 45.30 -17.72 25.84
CA SER D 98 45.56 -18.63 26.99
C SER D 98 46.37 -19.90 26.64
N PHE D 99 46.45 -20.26 25.36
CA PHE D 99 47.07 -21.51 24.90
C PHE D 99 48.56 -21.41 24.70
N HIS D 100 49.21 -22.58 24.60
CA HIS D 100 50.65 -22.73 24.28
C HIS D 100 50.85 -23.15 22.81
N LEU D 101 50.91 -22.12 21.96
CA LEU D 101 50.99 -22.30 20.50
C LEU D 101 52.42 -22.41 19.99
N ARG D 102 52.58 -22.98 18.82
CA ARG D 102 53.91 -23.18 18.22
C ARG D 102 54.63 -21.86 17.95
N GLU D 103 55.96 -21.90 17.98
CA GLU D 103 56.82 -20.72 17.78
C GLU D 103 56.63 -20.06 16.39
N ASP D 104 56.34 -20.89 15.39
CA ASP D 104 56.27 -20.48 13.98
C ASP D 104 54.82 -20.22 13.43
N VAL D 105 53.84 -20.27 14.32
CA VAL D 105 52.44 -20.29 13.91
C VAL D 105 52.07 -18.99 13.23
N ILE D 106 51.11 -19.09 12.31
CA ILE D 106 50.48 -17.91 11.72
C ILE D 106 49.00 -17.99 12.00
N VAL D 107 48.47 -16.86 12.46
CA VAL D 107 47.07 -16.73 12.83
C VAL D 107 46.50 -15.60 12.00
N THR D 108 45.29 -15.82 11.50
CA THR D 108 44.69 -14.91 10.59
C THR D 108 43.20 -15.02 10.72
N ASP D 109 42.53 -13.95 10.33
CA ASP D 109 41.10 -13.88 10.41
C ASP D 109 40.54 -13.36 9.09
N VAL D 110 39.24 -13.35 9.08
CA VAL D 110 38.47 -12.97 7.93
C VAL D 110 37.41 -12.04 8.50
N GLY D 111 37.36 -10.80 8.04
CA GLY D 111 36.47 -9.85 8.69
C GLY D 111 36.41 -8.58 7.89
N SER D 112 35.24 -7.98 7.80
CA SER D 112 35.08 -6.89 6.86
C SER D 112 35.61 -5.58 7.44
N THR D 113 35.72 -5.50 8.76
CA THR D 113 36.49 -4.45 9.44
C THR D 113 37.66 -5.06 10.17
N LYS D 114 38.69 -4.24 10.39
CA LYS D 114 39.95 -4.68 10.97
C LYS D 114 40.35 -3.98 12.27
N GLY D 115 39.89 -2.75 12.49
CA GLY D 115 40.29 -1.98 13.66
C GLY D 115 40.17 -2.69 15.02
N SER D 116 38.96 -3.17 15.30
CA SER D 116 38.66 -3.66 16.62
C SER D 116 39.36 -5.00 16.80
N ILE D 117 39.43 -5.80 15.75
CA ILE D 117 40.05 -7.10 15.87
C ILE D 117 41.56 -6.94 16.13
N MET D 118 42.18 -6.02 15.40
CA MET D 118 43.63 -5.77 15.52
C MET D 118 43.92 -5.19 16.87
N ASN D 119 43.12 -4.23 17.29
CA ASN D 119 43.21 -3.63 18.63
C ASN D 119 43.14 -4.68 19.74
N GLU D 120 42.23 -5.63 19.61
CA GLU D 120 42.14 -6.78 20.54
C GLU D 120 43.40 -7.70 20.51
N ALA D 121 43.90 -7.97 19.32
CA ALA D 121 45.09 -8.85 19.16
C ALA D 121 46.41 -8.23 19.69
N GLU D 122 46.62 -6.93 19.46
CA GLU D 122 47.78 -6.24 20.08
C GLU D 122 47.66 -6.32 21.60
N ALA D 123 46.44 -6.29 22.11
CA ALA D 123 46.16 -6.26 23.54
C ALA D 123 46.30 -7.58 24.23
N LEU D 124 46.06 -8.65 23.50
CA LEU D 124 46.18 -9.99 24.06
C LEU D 124 47.53 -10.63 23.87
N PHE D 125 48.18 -10.38 22.75
CA PHE D 125 49.47 -11.01 22.40
C PHE D 125 50.69 -10.07 22.40
N SER D 126 50.47 -8.81 22.00
CA SER D 126 51.50 -7.76 21.83
C SER D 126 52.47 -8.20 20.70
N LYS D 127 53.68 -8.61 21.04
CA LYS D 127 54.71 -9.03 20.07
C LYS D 127 55.07 -10.57 20.14
N GLU D 128 54.26 -11.35 20.88
CA GLU D 128 54.50 -12.81 21.01
C GLU D 128 54.31 -13.66 19.73
N ILE D 129 53.18 -13.41 19.08
CA ILE D 129 52.55 -14.29 18.07
C ILE D 129 52.32 -13.50 16.76
N SER D 130 52.37 -14.19 15.63
CA SER D 130 52.21 -13.57 14.31
C SER D 130 50.75 -13.64 13.91
N PHE D 131 49.97 -12.65 14.39
CA PHE D 131 48.60 -12.42 13.93
C PHE D 131 48.61 -11.46 12.73
N ILE D 132 47.94 -11.89 11.68
CA ILE D 132 47.78 -11.04 10.50
C ILE D 132 46.30 -11.01 10.20
N GLY D 133 45.70 -9.87 10.43
CA GLY D 133 44.33 -9.66 10.02
C GLY D 133 44.20 -9.85 8.52
N GLY D 134 43.03 -10.39 8.13
CA GLY D 134 42.67 -10.54 6.71
C GLY D 134 41.29 -10.12 6.33
N HIS D 135 41.14 -9.71 5.08
CA HIS D 135 39.84 -9.40 4.52
C HIS D 135 39.76 -9.77 3.05
N PRO D 136 39.19 -10.93 2.75
CA PRO D 136 38.92 -11.26 1.35
C PRO D 136 37.69 -10.53 0.87
N MET D 137 37.84 -9.81 -0.24
CA MET D 137 36.73 -9.07 -0.81
C MET D 137 35.91 -9.79 -1.87
N ALA D 138 35.19 -10.78 -1.39
CA ALA D 138 34.33 -11.59 -2.22
C ALA D 138 33.39 -12.42 -1.39
N GLY D 139 32.29 -12.74 -2.03
CA GLY D 139 31.07 -13.21 -1.41
C GLY D 139 30.26 -13.92 -2.48
N SER D 140 28.99 -14.12 -2.20
CA SER D 140 28.19 -15.12 -2.89
C SER D 140 26.71 -14.94 -2.53
N HIS D 141 25.89 -15.59 -3.31
CA HIS D 141 24.43 -15.61 -3.11
C HIS D 141 24.02 -16.58 -1.98
N LYS D 142 24.92 -17.50 -1.62
CA LYS D 142 24.66 -18.49 -0.55
C LYS D 142 25.51 -18.26 0.69
N THR D 143 25.21 -18.98 1.77
CA THR D 143 25.91 -18.84 3.09
C THR D 143 26.64 -20.07 3.62
N GLY D 144 26.10 -21.25 3.32
CA GLY D 144 26.64 -22.52 3.80
C GLY D 144 27.92 -23.04 3.17
N VAL D 145 28.45 -24.09 3.79
CA VAL D 145 29.66 -24.76 3.32
C VAL D 145 29.40 -25.54 2.03
N GLU D 146 28.15 -25.94 1.79
CA GLU D 146 27.78 -26.60 0.50
C GLU D 146 28.18 -25.74 -0.75
N SER D 147 28.20 -24.41 -0.58
CA SER D 147 28.54 -23.44 -1.65
C SER D 147 30.00 -23.05 -1.72
N ALA D 148 30.80 -23.56 -0.80
CA ALA D 148 32.22 -23.20 -0.76
C ALA D 148 32.90 -23.70 -2.00
N LYS D 149 33.84 -22.91 -2.50
CA LYS D 149 34.64 -23.20 -3.71
C LYS D 149 36.02 -22.61 -3.58
N ALA D 150 37.01 -23.32 -4.12
CA ALA D 150 38.40 -22.88 -4.00
C ALA D 150 38.66 -21.55 -4.70
N HIS D 151 37.97 -21.35 -5.81
CA HIS D 151 38.10 -20.12 -6.63
C HIS D 151 37.19 -18.95 -6.21
N LEU D 152 36.51 -19.05 -5.09
CA LEU D 152 35.61 -17.96 -4.64
C LEU D 152 36.23 -16.56 -4.68
N PHE D 153 37.51 -16.48 -4.32
CA PHE D 153 38.22 -15.22 -4.16
C PHE D 153 39.13 -14.89 -5.31
N GLU D 154 38.98 -15.63 -6.42
CA GLU D 154 39.93 -15.52 -7.56
C GLU D 154 39.88 -14.13 -8.18
N ASN D 155 41.04 -13.51 -8.32
CA ASN D 155 41.16 -12.11 -8.79
C ASN D 155 40.42 -11.07 -7.94
N ALA D 156 40.07 -11.45 -6.73
CA ALA D 156 39.54 -10.52 -5.79
C ALA D 156 40.69 -9.95 -4.97
N PHE D 157 40.53 -8.70 -4.58
CA PHE D 157 41.39 -8.14 -3.55
C PHE D 157 41.22 -8.93 -2.25
N TYR D 158 42.36 -9.19 -1.61
CA TYR D 158 42.42 -9.82 -0.29
C TYR D 158 43.40 -8.97 0.55
N ILE D 159 42.84 -8.25 1.51
CA ILE D 159 43.63 -7.31 2.31
C ILE D 159 44.25 -8.07 3.46
N LEU D 160 45.53 -7.83 3.69
CA LEU D 160 46.23 -8.31 4.91
C LEU D 160 46.69 -7.14 5.78
N THR D 161 46.36 -7.21 7.07
CA THR D 161 46.74 -6.19 8.04
C THR D 161 47.56 -6.88 9.14
N PRO D 162 48.90 -6.90 8.97
CA PRO D 162 49.74 -7.48 10.01
C PRO D 162 49.93 -6.60 11.24
N MET D 163 50.14 -7.26 12.37
CA MET D 163 50.53 -6.56 13.58
C MET D 163 51.84 -5.82 13.31
N HIS D 164 52.06 -4.82 14.13
CA HIS D 164 53.13 -3.83 13.95
C HIS D 164 54.50 -4.49 13.85
N HIS D 165 54.67 -5.58 14.60
CA HIS D 165 55.96 -6.27 14.73
C HIS D 165 56.25 -7.41 13.74
N VAL D 166 55.22 -7.87 13.08
CA VAL D 166 55.30 -9.13 12.30
C VAL D 166 56.31 -8.95 11.17
N PRO D 167 57.26 -9.89 11.02
CA PRO D 167 58.28 -9.68 9.96
C PRO D 167 57.70 -9.91 8.58
N ASN D 168 58.28 -9.26 7.57
CA ASN D 168 57.80 -9.42 6.19
C ASN D 168 57.83 -10.86 5.70
N GLU D 169 58.75 -11.67 6.22
CA GLU D 169 58.83 -13.11 5.90
C GLU D 169 57.59 -13.91 6.32
N HIS D 170 56.94 -13.53 7.43
CA HIS D 170 55.69 -14.20 7.85
C HIS D 170 54.46 -13.81 6.99
N VAL D 171 54.48 -12.58 6.50
CA VAL D 171 53.42 -12.07 5.64
C VAL D 171 53.50 -12.79 4.29
N GLU D 172 54.73 -12.95 3.79
CA GLU D 172 54.96 -13.74 2.55
C GLU D 172 54.55 -15.22 2.74
N GLU D 173 54.82 -15.74 3.92
CA GLU D 173 54.45 -17.13 4.25
C GLU D 173 52.97 -17.34 4.14
N LEU D 174 52.22 -16.40 4.69
CA LEU D 174 50.76 -16.46 4.65
C LEU D 174 50.22 -16.34 3.24
N LYS D 175 50.82 -15.45 2.45
CA LYS D 175 50.48 -15.38 1.02
C LYS D 175 50.69 -16.72 0.33
N ASP D 176 51.79 -17.40 0.65
CA ASP D 176 52.06 -18.76 0.11
C ASP D 176 50.97 -19.74 0.57
N TRP D 177 50.59 -19.72 1.85
CA TRP D 177 49.49 -20.60 2.35
C TRP D 177 48.21 -20.46 1.56
N LEU D 178 47.93 -19.24 1.10
CA LEU D 178 46.68 -18.87 0.41
C LEU D 178 46.84 -18.66 -1.11
N LYS D 179 48.00 -19.07 -1.64
CA LYS D 179 48.33 -19.07 -3.08
C LYS D 179 47.16 -19.55 -3.92
N GLY D 180 46.54 -20.62 -3.45
CA GLY D 180 45.42 -21.28 -4.16
C GLY D 180 44.15 -20.47 -4.41
N THR D 181 43.96 -19.41 -3.63
CA THR D 181 42.85 -18.48 -3.80
C THR D 181 42.85 -17.73 -5.13
N GLY D 182 44.05 -17.50 -5.67
CA GLY D 182 44.23 -16.65 -6.85
C GLY D 182 43.92 -15.18 -6.59
N SER D 183 43.81 -14.77 -5.34
CA SER D 183 43.47 -13.38 -4.99
C SER D 183 44.65 -12.46 -5.30
N HIS D 184 44.41 -11.16 -5.50
CA HIS D 184 45.53 -10.16 -5.33
C HIS D 184 45.65 -9.57 -3.90
N PHE D 185 46.71 -9.98 -3.23
CA PHE D 185 47.00 -9.59 -1.84
C PHE D 185 47.56 -8.18 -1.75
N LEU D 186 47.01 -7.39 -0.82
CA LEU D 186 47.52 -6.04 -0.54
C LEU D 186 47.76 -5.95 0.92
N VAL D 187 48.90 -5.43 1.31
CA VAL D 187 49.25 -5.32 2.73
C VAL D 187 48.96 -3.87 3.11
N LEU D 188 48.00 -3.67 4.02
CA LEU D 188 47.59 -2.34 4.46
C LEU D 188 47.70 -2.20 5.94
N ASN D 189 47.78 -0.95 6.39
CA ASN D 189 47.64 -0.70 7.82
C ASN D 189 46.17 -0.67 8.14
N THR D 190 45.87 -1.05 9.35
CA THR D 190 44.49 -1.21 9.84
C THR D 190 43.61 0.00 9.66
N GLU D 191 44.13 1.17 9.94
CA GLU D 191 43.33 2.42 9.79
C GLU D 191 42.98 2.64 8.33
N GLU D 192 43.94 2.43 7.46
CA GLU D 192 43.81 2.62 6.02
C GLU D 192 42.70 1.72 5.51
N HIS D 193 42.67 0.49 6.00
CA HIS D 193 41.68 -0.47 5.59
C HIS D 193 40.26 -0.06 6.00
N ASP D 194 40.08 0.33 7.24
CA ASP D 194 38.76 0.72 7.68
C ASP D 194 38.29 2.02 7.03
N TYR D 195 39.23 2.93 6.77
CA TYR D 195 38.90 4.20 6.13
C TYR D 195 38.34 3.97 4.71
N VAL D 196 39.11 3.22 3.93
CA VAL D 196 38.79 2.95 2.53
C VAL D 196 37.51 2.11 2.41
N THR D 197 37.43 1.03 3.17
CA THR D 197 36.26 0.18 3.10
C THR D 197 35.03 0.93 3.60
N GLY D 198 35.27 1.78 4.56
CA GLY D 198 34.23 2.69 5.04
C GLY D 198 33.60 3.51 3.91
N ILE D 199 34.42 4.12 3.09
CA ILE D 199 33.94 5.00 2.04
C ILE D 199 33.25 4.24 0.89
N VAL D 200 33.87 3.13 0.56
CA VAL D 200 33.64 2.42 -0.67
C VAL D 200 32.63 1.26 -0.52
N SER D 201 32.51 0.72 0.68
CA SER D 201 31.58 -0.37 0.96
C SER D 201 30.54 -0.05 2.02
N HIS D 202 30.97 0.36 3.21
CA HIS D 202 30.03 0.39 4.34
C HIS D 202 29.00 1.51 4.23
N PHE D 203 29.49 2.64 3.79
CA PHE D 203 28.69 3.81 3.69
C PHE D 203 27.62 3.62 2.63
N PRO D 204 27.97 3.08 1.48
CA PRO D 204 26.84 2.71 0.57
C PRO D 204 25.79 1.79 1.14
N HIS D 205 26.19 0.84 1.98
CA HIS D 205 25.19 -0.05 2.59
C HIS D 205 24.22 0.78 3.44
N LEU D 206 24.73 1.79 4.14
CA LEU D 206 23.88 2.64 4.96
C LEU D 206 22.90 3.51 4.16
N ILE D 207 23.40 4.08 3.07
CA ILE D 207 22.56 4.86 2.18
C ILE D 207 21.50 3.99 1.47
N ALA D 208 21.90 2.81 1.03
CA ALA D 208 20.95 1.89 0.43
C ALA D 208 19.78 1.60 1.34
N ALA D 209 20.09 1.33 2.61
CA ALA D 209 19.03 1.01 3.55
C ALA D 209 18.18 2.24 3.81
N GLY D 210 18.84 3.40 3.95
CA GLY D 210 18.14 4.64 4.03
C GLY D 210 17.17 4.92 2.87
N LEU D 211 17.60 4.70 1.64
CA LEU D 211 16.72 4.85 0.50
C LEU D 211 15.47 3.97 0.63
N VAL D 212 15.68 2.70 0.96
CA VAL D 212 14.58 1.77 1.13
C VAL D 212 13.60 2.32 2.16
N LYS D 213 14.12 2.88 3.23
CA LYS D 213 13.31 3.34 4.32
C LYS D 213 12.49 4.60 3.96
N GLN D 214 13.15 5.55 3.32
CA GLN D 214 12.54 6.76 2.76
C GLN D 214 11.35 6.40 1.84
N VAL D 215 11.52 5.41 0.98
CA VAL D 215 10.47 5.03 0.08
C VAL D 215 9.31 4.38 0.83
N GLU D 216 9.62 3.46 1.74
CA GLU D 216 8.57 2.78 2.53
C GLU D 216 7.71 3.80 3.33
N LYS D 217 8.34 4.86 3.85
CA LYS D 217 7.64 5.89 4.62
C LYS D 217 6.44 6.38 3.81
N HIS D 218 6.61 6.51 2.48
CA HIS D 218 5.63 7.10 1.63
C HIS D 218 4.63 6.11 1.04
N ALA D 219 4.93 4.84 1.15
CA ALA D 219 4.19 3.78 0.48
C ALA D 219 2.79 3.56 1.03
N GLY D 220 2.58 3.89 2.29
CA GLY D 220 1.25 3.94 2.87
C GLY D 220 0.34 4.99 2.27
N ASP D 221 0.88 6.08 1.77
CA ASP D 221 0.04 7.17 1.32
C ASP D 221 -0.43 6.98 -0.14
N ASN D 222 0.40 6.32 -0.94
CA ASN D 222 -0.03 5.75 -2.26
C ASN D 222 0.52 4.37 -2.55
N PRO D 223 -0.34 3.35 -2.63
CA PRO D 223 0.07 1.98 -3.02
C PRO D 223 0.84 1.81 -4.35
N LEU D 224 0.69 2.77 -5.26
CA LEU D 224 1.42 2.79 -6.52
C LEU D 224 2.91 2.90 -6.35
N ILE D 225 3.36 3.42 -5.25
CA ILE D 225 4.77 3.49 -4.95
C ILE D 225 5.39 2.11 -4.83
N HIS D 226 4.67 1.17 -4.22
CA HIS D 226 5.15 -0.24 -4.15
C HIS D 226 5.25 -0.83 -5.58
N GLN D 227 4.25 -0.56 -6.34
CA GLN D 227 4.13 -1.09 -7.62
C GLN D 227 5.13 -0.51 -8.63
N LEU D 228 5.10 0.80 -8.79
CA LEU D 228 5.91 1.52 -9.78
C LEU D 228 7.37 1.72 -9.38
N ALA D 229 7.78 1.21 -8.22
CA ALA D 229 9.20 1.18 -7.88
C ALA D 229 10.15 0.94 -9.09
N ALA D 230 10.99 1.94 -9.37
CA ALA D 230 11.78 1.98 -10.62
C ALA D 230 12.97 1.03 -10.56
N GLY D 231 13.49 0.73 -11.74
CA GLY D 231 14.67 -0.08 -11.85
C GLY D 231 15.85 0.52 -11.07
N GLY D 232 16.10 1.81 -11.29
CA GLY D 232 17.22 2.51 -10.69
C GLY D 232 17.23 2.47 -9.16
N PHE D 233 16.05 2.67 -8.59
CA PHE D 233 15.82 2.52 -7.16
C PHE D 233 16.13 1.10 -6.65
N LYS D 234 15.60 0.10 -7.38
CA LYS D 234 15.84 -1.33 -7.12
C LYS D 234 17.32 -1.70 -7.19
N ASP D 235 18.01 -1.13 -8.14
CA ASP D 235 19.43 -1.40 -8.32
C ASP D 235 20.30 -0.82 -7.22
N ILE D 236 20.11 0.45 -6.94
CA ILE D 236 20.94 1.00 -5.90
C ILE D 236 20.66 0.40 -4.51
N THR D 237 19.45 -0.15 -4.29
CA THR D 237 19.09 -0.80 -3.03
C THR D 237 19.22 -2.31 -2.96
N ARG D 238 19.70 -2.95 -3.99
CA ARG D 238 19.80 -4.42 -3.98
C ARG D 238 20.57 -4.94 -2.79
N ILE D 239 21.66 -4.24 -2.46
CA ILE D 239 22.49 -4.60 -1.29
C ILE D 239 21.77 -4.57 0.07
N ALA D 240 20.68 -3.82 0.16
CA ALA D 240 19.86 -3.77 1.37
C ALA D 240 19.33 -5.11 1.77
N SER D 241 19.47 -6.11 0.91
CA SER D 241 19.12 -7.52 1.27
C SER D 241 20.18 -8.32 2.01
N SER D 242 21.34 -7.73 2.24
CA SER D 242 22.39 -8.38 2.98
C SER D 242 22.06 -8.51 4.47
N SER D 243 22.80 -9.38 5.15
CA SER D 243 22.48 -9.78 6.53
C SER D 243 22.44 -8.57 7.43
N PRO D 244 21.29 -8.27 8.03
CA PRO D 244 21.26 -7.20 9.02
C PRO D 244 22.19 -7.39 10.20
N LYS D 245 22.37 -8.62 10.65
CA LYS D 245 23.27 -8.87 11.75
C LYS D 245 24.69 -8.46 11.36
N MET D 246 25.16 -8.98 10.23
CA MET D 246 26.55 -8.75 9.82
C MET D 246 26.81 -7.25 9.67
N TRP D 247 25.87 -6.55 9.04
CA TRP D 247 26.02 -5.14 8.76
C TRP D 247 25.92 -4.22 9.97
N SER D 248 25.12 -4.60 10.95
CA SER D 248 25.06 -3.84 12.16
C SER D 248 26.39 -3.96 12.94
N ASP D 249 26.99 -5.12 12.93
CA ASP D 249 28.31 -5.26 13.52
C ASP D 249 29.36 -4.43 12.82
N ILE D 250 29.33 -4.46 11.51
CA ILE D 250 30.29 -3.69 10.72
C ILE D 250 30.20 -2.23 11.09
N VAL D 251 28.96 -1.76 11.14
CA VAL D 251 28.70 -0.32 11.42
C VAL D 251 29.18 0.04 12.84
N LYS D 252 28.83 -0.77 13.82
CA LYS D 252 29.32 -0.62 15.19
C LYS D 252 30.87 -0.59 15.20
N GLN D 253 31.48 -1.51 14.50
CA GLN D 253 32.95 -1.61 14.49
C GLN D 253 33.69 -0.51 13.70
N ASN D 254 33.02 0.18 12.78
CA ASN D 254 33.64 1.28 12.01
C ASN D 254 32.85 2.55 12.24
N ARG D 255 32.35 2.69 13.47
CA ARG D 255 31.45 3.75 13.84
C ARG D 255 32.00 5.19 13.54
N GLU D 256 33.23 5.44 13.96
CA GLU D 256 33.76 6.78 13.85
C GLU D 256 33.97 7.20 12.41
N HIS D 257 34.51 6.32 11.59
CA HIS D 257 34.69 6.60 10.18
C HIS D 257 33.35 6.96 9.51
N LEU D 258 32.31 6.23 9.89
CA LEU D 258 31.00 6.43 9.36
C LEU D 258 30.30 7.70 9.85
N MET D 259 30.51 8.03 11.12
CA MET D 259 30.03 9.32 11.69
C MET D 259 30.58 10.56 10.92
N VAL D 260 31.87 10.53 10.67
CA VAL D 260 32.46 11.55 9.81
C VAL D 260 31.84 11.57 8.40
N LEU D 261 31.81 10.43 7.73
CA LEU D 261 31.18 10.34 6.41
C LEU D 261 29.69 10.83 6.37
N LEU D 262 28.89 10.46 7.38
CA LEU D 262 27.51 10.91 7.46
C LEU D 262 27.38 12.41 7.64
N LYS D 263 28.32 12.99 8.39
CA LYS D 263 28.38 14.42 8.55
C LYS D 263 28.67 15.12 7.24
N GLU D 264 29.65 14.64 6.50
CA GLU D 264 29.94 15.19 5.19
C GLU D 264 28.73 15.08 4.27
N TRP D 265 28.08 13.93 4.35
CA TRP D 265 26.93 13.58 3.51
C TRP D 265 25.75 14.51 3.79
N ILE D 266 25.50 14.76 5.08
CA ILE D 266 24.43 15.68 5.44
C ILE D 266 24.71 17.05 4.81
N SER D 267 25.96 17.47 4.90
CA SER D 267 26.38 18.74 4.30
C SER D 267 26.21 18.78 2.78
N GLU D 268 26.57 17.67 2.14
CA GLU D 268 26.37 17.54 0.69
C GLU D 268 24.91 17.70 0.31
N MET D 269 24.04 17.12 1.11
CA MET D 269 22.61 17.07 0.81
C MET D 269 22.01 18.48 0.98
N GLU D 270 22.54 19.17 1.95
CA GLU D 270 22.18 20.61 2.19
C GLU D 270 22.62 21.58 1.03
N ASP D 271 23.80 21.32 0.46
CA ASP D 271 24.17 21.97 -0.81
C ASP D 271 23.33 21.53 -2.07
N LEU D 272 22.99 20.22 -2.16
CA LEU D 272 22.16 19.71 -3.19
C LEU D 272 20.79 20.39 -3.07
N TYR D 273 20.29 20.50 -1.86
CA TYR D 273 19.01 21.14 -1.64
C TYR D 273 18.98 22.60 -2.12
N ASP D 274 20.08 23.32 -1.89
CA ASP D 274 20.25 24.67 -2.47
C ASP D 274 20.28 24.66 -4.02
N THR D 275 21.05 23.77 -4.60
CA THR D 275 21.15 23.66 -6.04
C THR D 275 19.80 23.33 -6.68
N VAL D 276 19.13 22.34 -6.15
CA VAL D 276 17.85 21.95 -6.68
C VAL D 276 16.88 23.10 -6.55
N SER D 277 16.81 23.68 -5.35
CA SER D 277 15.85 24.76 -5.10
C SER D 277 16.17 26.13 -5.82
N SER D 278 17.44 26.43 -6.09
CA SER D 278 17.81 27.56 -6.96
C SER D 278 17.27 27.37 -8.38
N GLY D 279 17.09 26.12 -8.81
CA GLY D 279 16.46 25.79 -10.11
C GLY D 279 17.32 26.04 -11.36
N ASP D 280 18.60 26.36 -11.16
CA ASP D 280 19.58 26.54 -12.25
C ASP D 280 19.94 25.17 -12.91
N ALA D 281 19.35 24.92 -14.09
CA ALA D 281 19.53 23.64 -14.87
C ALA D 281 21.00 23.36 -15.23
N GLY D 282 21.77 24.41 -15.49
CA GLY D 282 23.23 24.34 -15.69
C GLY D 282 24.01 23.79 -14.49
N GLU D 283 23.67 24.27 -13.30
CA GLU D 283 24.30 23.80 -12.06
C GLU D 283 23.90 22.36 -11.70
N ILE D 284 22.62 22.06 -11.90
CA ILE D 284 22.09 20.73 -11.72
C ILE D 284 22.78 19.78 -12.70
N GLN D 285 22.85 20.19 -13.95
CA GLN D 285 23.50 19.36 -14.95
C GLN D 285 24.95 19.09 -14.57
N ASN D 286 25.59 20.09 -14.00
CA ASN D 286 26.99 19.95 -13.55
C ASN D 286 27.22 18.98 -12.44
N TYR D 287 26.24 18.89 -11.57
CA TYR D 287 26.26 17.95 -10.48
C TYR D 287 26.19 16.50 -11.03
N PHE D 288 25.22 16.26 -11.91
CA PHE D 288 25.09 14.96 -12.61
C PHE D 288 26.31 14.60 -13.49
N ALA D 289 26.84 15.58 -14.20
CA ALA D 289 27.99 15.37 -15.11
C ALA D 289 29.21 14.98 -14.34
N ASP D 290 29.43 15.63 -13.20
CA ASP D 290 30.58 15.26 -12.36
C ASP D 290 30.47 13.80 -11.98
N ALA D 291 29.31 13.42 -11.48
CA ALA D 291 29.08 12.02 -11.08
C ALA D 291 29.24 11.00 -12.22
N LYS D 292 28.70 11.34 -13.39
CA LYS D 292 28.85 10.48 -14.58
C LYS D 292 30.31 10.34 -15.04
N GLU D 293 30.97 11.47 -15.24
CA GLU D 293 32.37 11.49 -15.63
C GLU D 293 33.19 10.55 -14.69
N TYR D 294 32.93 10.65 -13.39
CA TYR D 294 33.73 9.86 -12.46
C TYR D 294 33.36 8.41 -12.53
N ARG D 295 32.07 8.13 -12.46
CA ARG D 295 31.60 6.76 -12.51
C ARG D 295 32.06 6.05 -13.78
N ASP D 296 31.98 6.73 -14.92
CA ASP D 296 32.42 6.18 -16.20
C ASP D 296 33.90 5.87 -16.25
N SER D 297 34.67 6.56 -15.41
CA SER D 297 36.12 6.36 -15.30
C SER D 297 36.56 5.10 -14.51
N LEU D 298 35.67 4.55 -13.70
CA LEU D 298 36.01 3.41 -12.87
C LEU D 298 36.19 2.13 -13.64
N PRO D 299 37.05 1.25 -13.15
CA PRO D 299 37.50 0.10 -13.91
C PRO D 299 36.39 -0.76 -14.45
N VAL D 300 36.64 -1.28 -15.64
CA VAL D 300 35.66 -2.10 -16.37
C VAL D 300 35.84 -3.59 -16.04
N ARG D 301 34.80 -4.22 -15.49
CA ARG D 301 34.67 -5.69 -15.29
C ARG D 301 35.71 -6.27 -14.35
N LYS D 302 36.09 -5.44 -13.38
CA LYS D 302 36.97 -5.84 -12.27
C LYS D 302 36.20 -6.11 -10.99
N ARG D 303 36.93 -6.72 -10.06
CA ARG D 303 36.45 -7.02 -8.72
C ARG D 303 36.87 -5.93 -7.78
N GLY D 304 35.90 -5.50 -6.97
CA GLY D 304 36.12 -4.52 -5.91
C GLY D 304 35.59 -4.91 -4.55
N ALA D 305 35.27 -3.90 -3.75
CA ALA D 305 34.85 -4.13 -2.39
C ALA D 305 33.44 -4.62 -2.19
N ILE D 306 32.53 -4.36 -3.13
CA ILE D 306 31.15 -4.83 -2.96
C ILE D 306 30.99 -5.97 -3.95
N PRO D 307 30.55 -7.14 -3.49
CA PRO D 307 30.38 -8.13 -4.55
C PRO D 307 29.42 -7.70 -5.66
N ALA D 308 29.86 -7.97 -6.88
CA ALA D 308 29.16 -7.58 -8.10
C ALA D 308 27.97 -8.50 -8.36
N TYR D 309 27.06 -8.05 -9.21
CA TYR D 309 25.88 -8.89 -9.58
C TYR D 309 26.01 -9.77 -10.86
N HIS D 310 26.90 -9.41 -11.79
CA HIS D 310 27.11 -10.08 -13.08
C HIS D 310 25.82 -10.37 -13.79
N ASP D 311 25.16 -9.29 -14.12
CA ASP D 311 23.86 -9.32 -14.73
C ASP D 311 23.95 -9.29 -16.22
N LEU D 312 23.02 -9.98 -16.85
CA LEU D 312 22.86 -9.93 -18.29
C LEU D 312 21.38 -9.71 -18.60
N TYR D 313 21.13 -8.80 -19.51
CA TYR D 313 19.75 -8.47 -19.90
C TYR D 313 19.47 -9.08 -21.28
N VAL D 314 18.32 -9.72 -21.42
CA VAL D 314 17.95 -10.42 -22.61
C VAL D 314 16.62 -9.94 -23.14
N ASP D 315 16.64 -9.67 -24.43
CA ASP D 315 15.48 -9.39 -25.22
C ASP D 315 14.71 -10.68 -25.56
N VAL D 316 13.57 -10.85 -24.94
CA VAL D 316 12.69 -11.96 -25.20
C VAL D 316 11.26 -11.48 -25.37
N LEU D 317 10.47 -12.18 -26.20
CA LEU D 317 9.08 -11.91 -26.42
C LEU D 317 8.23 -12.67 -25.43
N ASP D 318 7.12 -12.08 -25.03
CA ASP D 318 6.25 -12.76 -24.10
C ASP D 318 5.43 -13.84 -24.84
N LYS D 319 6.04 -15.01 -24.91
CA LYS D 319 5.42 -16.25 -25.44
C LYS D 319 5.60 -17.34 -24.46
N VAL D 320 4.68 -18.27 -24.46
CA VAL D 320 4.89 -19.56 -23.79
C VAL D 320 6.23 -20.17 -24.18
N GLY D 321 6.99 -20.59 -23.20
CA GLY D 321 8.29 -21.23 -23.45
C GLY D 321 9.48 -20.31 -23.65
N ALA D 322 9.32 -18.98 -23.56
CA ALA D 322 10.46 -18.10 -23.74
C ALA D 322 11.54 -18.38 -22.67
N LEU D 323 11.14 -18.46 -21.41
CA LEU D 323 12.09 -18.74 -20.34
C LEU D 323 12.71 -20.14 -20.38
N ALA D 324 11.87 -21.13 -20.69
CA ALA D 324 12.33 -22.51 -20.95
C ALA D 324 13.43 -22.55 -21.99
N HIS D 325 13.28 -21.78 -23.05
CA HIS D 325 14.27 -21.80 -24.14
C HIS D 325 15.56 -21.22 -23.64
N VAL D 326 15.47 -20.08 -22.97
CA VAL D 326 16.64 -19.39 -22.53
C VAL D 326 17.37 -20.22 -21.46
N THR D 327 16.62 -20.76 -20.50
CA THR D 327 17.30 -21.53 -19.44
C THR D 327 17.83 -22.84 -19.99
N SER D 328 17.18 -23.43 -20.99
CA SER D 328 17.72 -24.68 -21.54
C SER D 328 19.06 -24.42 -22.19
N ILE D 329 19.14 -23.34 -22.94
CA ILE D 329 20.39 -22.97 -23.58
C ILE D 329 21.51 -22.87 -22.52
N LEU D 330 21.24 -22.12 -21.44
CA LEU D 330 22.26 -21.88 -20.41
C LEU D 330 22.70 -23.15 -19.66
N ALA D 331 21.74 -24.02 -19.39
CA ALA D 331 21.97 -25.31 -18.75
C ALA D 331 22.80 -26.26 -19.64
N ARG D 332 22.55 -26.22 -20.95
CA ARG D 332 23.33 -27.03 -21.92
C ARG D 332 24.80 -26.60 -21.94
N GLU D 333 25.05 -25.31 -21.71
CA GLU D 333 26.42 -24.76 -21.53
C GLU D 333 26.99 -24.95 -20.13
N GLU D 334 26.21 -25.60 -19.26
CA GLU D 334 26.60 -25.90 -17.88
C GLU D 334 26.89 -24.68 -17.04
N ILE D 335 26.08 -23.65 -17.27
CA ILE D 335 26.10 -22.43 -16.50
C ILE D 335 24.96 -22.43 -15.48
N SER D 336 25.35 -22.21 -14.24
CA SER D 336 24.41 -22.10 -13.13
C SER D 336 23.93 -20.65 -12.96
N ILE D 337 22.62 -20.46 -12.83
CA ILE D 337 22.02 -19.13 -12.77
C ILE D 337 21.82 -18.82 -11.29
N THR D 338 22.23 -17.64 -10.85
CA THR D 338 21.96 -17.29 -9.46
C THR D 338 20.58 -16.70 -9.29
N ASN D 339 20.18 -15.91 -10.26
CA ASN D 339 18.82 -15.37 -10.23
C ASN D 339 18.34 -14.93 -11.58
N LEU D 340 17.06 -14.66 -11.64
CA LEU D 340 16.48 -14.09 -12.83
C LEU D 340 15.19 -13.37 -12.55
N GLN D 341 14.84 -12.46 -13.43
CA GLN D 341 13.68 -11.62 -13.26
C GLN D 341 13.15 -11.10 -14.52
N ILE D 342 11.85 -10.92 -14.59
CA ILE D 342 11.26 -10.14 -15.69
C ILE D 342 11.04 -8.70 -15.16
N LEU D 343 11.61 -7.71 -15.82
CA LEU D 343 11.46 -6.36 -15.33
C LEU D 343 10.29 -5.61 -15.91
N GLU D 344 9.36 -5.17 -15.10
CA GLU D 344 8.22 -4.37 -15.53
C GLU D 344 8.46 -2.88 -15.51
N ALA D 345 9.49 -2.46 -14.78
CA ALA D 345 9.99 -1.03 -14.76
C ALA D 345 11.48 -0.85 -15.13
N ARG D 346 11.71 -0.51 -16.41
CA ARG D 346 13.03 -0.72 -17.02
C ARG D 346 13.51 0.44 -17.89
N GLU D 347 13.19 1.61 -17.41
CA GLU D 347 13.58 2.85 -18.16
C GLU D 347 15.07 2.98 -18.20
N GLY D 348 15.60 3.18 -19.40
CA GLY D 348 17.05 3.08 -19.66
C GLY D 348 17.63 1.67 -19.89
N LEU D 349 16.84 0.60 -19.79
CA LEU D 349 17.39 -0.75 -19.77
C LEU D 349 16.73 -1.48 -20.81
N LEU D 350 17.42 -1.62 -21.92
CA LEU D 350 16.94 -2.51 -22.96
C LEU D 350 16.98 -3.93 -22.44
N GLY D 351 16.02 -4.70 -22.89
CA GLY D 351 16.00 -6.08 -22.53
C GLY D 351 15.17 -6.35 -21.27
N VAL D 352 14.19 -7.23 -21.42
CA VAL D 352 13.20 -7.45 -20.38
C VAL D 352 13.56 -8.54 -19.34
N LEU D 353 14.39 -9.53 -19.69
CA LEU D 353 14.74 -10.61 -18.76
C LEU D 353 16.11 -10.32 -18.23
N ARG D 354 16.24 -10.19 -16.94
CA ARG D 354 17.54 -10.01 -16.33
C ARG D 354 18.00 -11.33 -15.71
N ILE D 355 19.16 -11.81 -16.14
CA ILE D 355 19.75 -13.03 -15.58
C ILE D 355 21.02 -12.63 -14.77
N SER D 356 21.15 -13.17 -13.56
CA SER D 356 22.30 -12.94 -12.72
C SER D 356 23.19 -14.19 -12.63
N PHE D 357 24.50 -14.01 -12.69
CA PHE D 357 25.46 -15.12 -12.63
C PHE D 357 26.43 -14.97 -11.47
N GLN D 358 27.10 -16.07 -11.12
CA GLN D 358 28.02 -16.14 -9.95
C GLN D 358 29.30 -15.39 -10.21
N ARG D 359 29.78 -15.42 -11.44
CA ARG D 359 31.02 -14.76 -11.78
C ARG D 359 31.10 -14.39 -13.23
N GLU D 360 32.06 -13.51 -13.54
CA GLU D 360 32.16 -12.87 -14.85
C GLU D 360 32.32 -13.84 -16.02
N GLU D 361 33.15 -14.87 -15.84
CA GLU D 361 33.32 -15.94 -16.84
C GLU D 361 31.94 -16.47 -17.29
N ASP D 362 31.07 -16.73 -16.32
CA ASP D 362 29.78 -17.34 -16.61
C ASP D 362 28.88 -16.43 -17.37
N ARG D 363 28.92 -15.14 -17.08
CA ARG D 363 28.10 -14.16 -17.82
C ARG D 363 28.57 -14.04 -19.25
N MET D 364 29.89 -13.99 -19.42
CA MET D 364 30.54 -13.94 -20.73
C MET D 364 30.12 -15.12 -21.61
N LYS D 365 30.13 -16.29 -21.01
CA LYS D 365 29.76 -17.56 -21.67
C LYS D 365 28.30 -17.59 -22.09
N ALA D 366 27.43 -17.13 -21.18
CA ALA D 366 25.98 -17.03 -21.43
C ALA D 366 25.63 -16.03 -22.53
N LYS D 367 26.38 -14.95 -22.58
CA LYS D 367 26.23 -13.96 -23.60
C LYS D 367 26.55 -14.53 -24.98
N LEU D 368 27.58 -15.32 -25.06
CA LEU D 368 27.95 -15.97 -26.33
C LEU D 368 26.93 -17.02 -26.75
N ALA D 369 26.55 -17.85 -25.82
CA ALA D 369 25.61 -18.92 -26.12
C ALA D 369 24.28 -18.35 -26.57
N LEU D 370 23.80 -17.32 -25.88
CA LEU D 370 22.51 -16.72 -26.26
C LEU D 370 22.61 -16.00 -27.60
N GLY D 371 23.72 -15.29 -27.81
CA GLY D 371 24.02 -14.65 -29.08
C GLY D 371 24.04 -15.62 -30.25
N GLU D 372 24.75 -16.74 -30.12
CA GLU D 372 24.77 -17.79 -31.17
C GLU D 372 23.34 -18.33 -31.47
N GLU D 373 22.42 -18.25 -30.52
CA GLU D 373 20.99 -18.58 -30.75
C GLU D 373 20.09 -17.38 -31.15
N LYS D 374 20.71 -16.31 -31.63
CA LYS D 374 19.99 -15.14 -32.16
C LYS D 374 19.21 -14.34 -31.08
N TYR D 375 19.63 -14.41 -29.81
CA TYR D 375 19.10 -13.50 -28.77
C TYR D 375 19.91 -12.25 -28.74
N GLN D 376 19.20 -11.15 -28.64
CA GLN D 376 19.84 -9.87 -28.46
C GLN D 376 20.06 -9.75 -26.95
N THR D 377 21.26 -9.36 -26.53
CA THR D 377 21.55 -9.12 -25.11
C THR D 377 22.23 -7.80 -24.85
N TYR D 378 22.13 -7.35 -23.62
CA TYR D 378 22.74 -6.10 -23.18
C TYR D 378 23.40 -6.29 -21.82
N GLU D 379 24.34 -5.39 -21.54
CA GLU D 379 25.17 -5.37 -20.32
C GLU D 379 25.20 -3.91 -19.96
N THR D 380 25.23 -3.59 -18.68
CA THR D 380 25.27 -2.18 -18.29
C THR D 380 26.66 -1.61 -18.51
N ILE D 381 26.67 -0.35 -18.95
CA ILE D 381 27.90 0.44 -19.12
C ILE D 381 28.01 1.39 -17.92
N TYR E . -19.54 -15.15 8.46
CA TYR E . -20.91 -15.55 8.05
C TYR E . -20.98 -15.66 6.53
O TYR E . -22.04 -16.05 6.04
CB TYR E . -21.98 -14.58 8.54
CG TYR E . -21.98 -14.34 10.03
CD1 TYR E . -21.21 -13.34 10.62
CD2 TYR E . -22.81 -15.10 10.88
CE1 TYR E . -21.20 -13.12 11.98
CE2 TYR E . -22.83 -14.86 12.25
CZ TYR E . -22.01 -13.87 12.80
OH TYR E . -22.00 -13.63 14.15
OXT TYR E . -20.00 -15.42 5.80
N TYR F . -34.48 -7.94 -2.56
CA TYR F . -33.09 -8.47 -2.80
C TYR F . -33.10 -9.92 -2.35
O TYR F . -34.17 -10.37 -1.91
CB TYR F . -31.98 -7.62 -2.08
CG TYR F . -32.03 -6.15 -2.39
CD1 TYR F . -31.39 -5.62 -3.50
CD2 TYR F . -32.76 -5.30 -1.60
CE1 TYR F . -31.48 -4.28 -3.82
CE2 TYR F . -32.88 -3.95 -1.92
CZ TYR F . -32.21 -3.45 -3.03
OH TYR F . -32.27 -2.13 -3.41
OXT TYR F . -32.08 -10.62 -2.42
N TYR G . 21.41 -22.38 -10.26
CA TYR G . 20.04 -22.92 -10.54
C TYR G . 19.85 -23.04 -12.06
O TYR G . 18.75 -23.47 -12.46
CB TYR G . 18.94 -22.04 -9.95
CG TYR G . 18.99 -21.90 -8.44
CD1 TYR G . 19.76 -20.88 -7.85
CD2 TYR G . 18.24 -22.71 -7.63
CE1 TYR G . 19.80 -20.73 -6.47
CE2 TYR G . 18.26 -22.56 -6.26
CZ TYR G . 19.04 -21.57 -5.68
OH TYR G . 19.07 -21.42 -4.32
OXT TYR G . 20.78 -22.73 -12.83
N TYR H . 5.70 -15.60 -20.62
CA TYR H . 7.10 -16.04 -20.90
C TYR H . 7.26 -17.59 -20.60
O TYR H . 6.30 -18.22 -20.13
CB TYR H . 8.12 -15.17 -20.12
CG TYR H . 8.08 -13.68 -20.46
CD1 TYR H . 8.86 -13.15 -21.50
CD2 TYR H . 7.31 -12.83 -19.74
CE1 TYR H . 8.84 -11.82 -21.83
CE2 TYR H . 7.24 -11.48 -20.06
CZ TYR H . 8.02 -10.98 -21.10
OH TYR H . 7.95 -9.63 -21.43
OXT TYR H . 8.32 -18.22 -20.82
#